data_6BZZ
#
_entry.id   6BZZ
#
_cell.length_a   63.815
_cell.length_b   157.234
_cell.length_c   214.008
_cell.angle_alpha   90.00
_cell.angle_beta   90.00
_cell.angle_gamma   90.00
#
_symmetry.space_group_name_H-M   'P 21 21 21'
#
loop_
_entity.id
_entity.type
_entity.pdbx_description
1 polymer 'Halogenase PltM'
2 polymer 'Halogenase PltM'
3 non-polymer 'FLAVIN-ADENINE DINUCLEOTIDE'
4 non-polymer 'CALCIUM ION'
5 water water
#
loop_
_entity_poly.entity_id
_entity_poly.type
_entity_poly.pdbx_seq_one_letter_code
_entity_poly.pdbx_strand_id
1 'polypeptide(L)'
;MGSSHHHHHHSSGLVPRGSHMNQYDVIIIGSGIAGALTGAVLAKSGLNVLILDSAQHPRFSVGEAATPESGFLLRLLSKR
FDIPEIAYLSHPDKIIQHVGSSACGIKLGFSFAWHQENAPSSPDHLVAPPLKVPEAHLFRQDIDYFALMIALKHGAESRQ
NIKIESISLNDDGVEVALSNAAPVKAAFIIDAAAQGSPLSRQLGLRTTEGLATDTCSFFTHMLNVKSYEDALAPLSRTRS
PIELFKSTLHHIFEEGWLWVIPFNNHPQGTNQLCSIGFQFNNAKYRPTEAPEIEFRKLLKKYPAIGEHFKDAVNAREWIY
APRINYRSVQNVGDRFCLLPQATGFIDPLFSRGLITTFESILRLAPKVLDAARSNRWQREQFIEVERHCLNAVATNDQLV
SCSYEAFSDFHLWNVWHRVWLSGSNLGSAFLQKLLHDLEHSGDARQFDAALEAVRFPGCLSLDSPAYESLFRQSCQVMQQ
AREQARPVAETANALHELIKEHEAELLPLGYSRISNRFILKV
;
A,B
2 'polypeptide(L)'
;MGSSHHHHHHSSGLVPRGSHMNQYDVIIIGSGIAGALTGAVLAKSGLNVLILDSAQHPRFSVGEAATPESGFLLRLLSKR
FDIPEIAYLSHPDKIIQHVGSSACGIKLGFSFAWHQENAPSSPDHLVAPPLKVPEAHLFRQDIDYFALMIALKHGAESRQ
NIKIESISLNDDGVEVALSNAAPVKAAFIIDAAAQGSPLSRQLGLRTTEGLATDTCSFFTHMLNVKSYEDALAPLSRTRS
PIELFKSTLHHIFEEGWLWVIPFNNHPQGTNQLCSIGFQFNNAKYRPTEAPEIEFRKLLKKYPAIGEHFKDAVNAREWIY
APRINYRSVQNVGDRFCLLPQATGFIDPLFSRGLITTFESILRLAPKVLDAARSNRWQREQFIEVERHCLNAVATNDQLV
SCSYEAFSDFHLWNVWHRVWLSGSNLGSAFLQKLLHDLEHSGDARQFDAALEAVRFPG(OCS)LSLDSPAYESLFRQSCQ
VMQQAREQARPVAETANALHELIKEHEAELLPLGYSRISNRFILKV
;
C,D
#
loop_
_chem_comp.id
_chem_comp.type
_chem_comp.name
_chem_comp.formula
CA non-polymer 'CALCIUM ION' 'Ca 2'
FAD non-polymer 'FLAVIN-ADENINE DINUCLEOTIDE' 'C27 H33 N9 O15 P2'
#
# COMPACT_ATOMS: atom_id res chain seq x y z
N ASN A 22 -19.15 14.70 8.51
CA ASN A 22 -17.75 14.51 8.05
C ASN A 22 -16.77 14.98 9.11
N GLN A 23 -15.66 14.26 9.20
CA GLN A 23 -14.57 14.61 10.08
C GLN A 23 -14.04 16.01 9.81
N TYR A 24 -13.90 16.34 8.52
CA TYR A 24 -13.36 17.62 8.09
C TYR A 24 -14.19 18.16 6.93
N ASP A 25 -14.26 19.48 6.81
CA ASP A 25 -14.96 20.13 5.70
C ASP A 25 -14.19 19.95 4.42
N VAL A 26 -12.90 20.29 4.49
CA VAL A 26 -12.01 20.29 3.33
C VAL A 26 -10.69 19.57 3.64
N ILE A 27 -10.30 18.70 2.71
CA ILE A 27 -8.96 18.10 2.70
C ILE A 27 -8.16 18.79 1.58
N ILE A 28 -6.91 19.14 1.88
CA ILE A 28 -6.01 19.75 0.92
C ILE A 28 -4.79 18.85 0.76
N ILE A 29 -4.47 18.51 -0.49
CA ILE A 29 -3.24 17.76 -0.79
C ILE A 29 -2.15 18.78 -1.14
N GLY A 30 -1.05 18.73 -0.40
CA GLY A 30 0.10 19.59 -0.63
C GLY A 30 0.14 20.72 0.38
N SER A 31 1.31 20.92 1.00
CA SER A 31 1.48 21.93 2.06
C SER A 31 2.47 23.04 1.69
N GLY A 32 2.73 23.21 0.39
CA GLY A 32 3.45 24.38 -0.12
C GLY A 32 2.62 25.65 0.02
N ILE A 33 3.07 26.73 -0.61
CA ILE A 33 2.42 28.04 -0.45
C ILE A 33 0.94 28.02 -0.91
N ALA A 34 0.65 27.29 -1.98
CA ALA A 34 -0.71 27.22 -2.53
C ALA A 34 -1.66 26.53 -1.56
N GLY A 35 -1.30 25.33 -1.14
CA GLY A 35 -2.09 24.55 -0.20
C GLY A 35 -2.22 25.20 1.16
N ALA A 36 -1.13 25.80 1.64
CA ALA A 36 -1.11 26.46 2.94
C ALA A 36 -1.98 27.70 2.98
N LEU A 37 -1.88 28.56 1.96
CA LEU A 37 -2.70 29.77 1.87
C LEU A 37 -4.18 29.45 1.66
N THR A 38 -4.48 28.40 0.90
CA THR A 38 -5.85 27.91 0.76
C THR A 38 -6.39 27.43 2.12
N GLY A 39 -5.56 26.68 2.84
CA GLY A 39 -5.89 26.21 4.19
C GLY A 39 -6.14 27.33 5.19
N ALA A 40 -5.33 28.38 5.13
CA ALA A 40 -5.44 29.51 6.04
C ALA A 40 -6.75 30.28 5.87
N VAL A 41 -7.08 30.61 4.63
CA VAL A 41 -8.29 31.40 4.35
C VAL A 41 -9.56 30.63 4.72
N LEU A 42 -9.58 29.33 4.44
CA LEU A 42 -10.72 28.46 4.81
C LEU A 42 -10.83 28.25 6.33
N ALA A 43 -9.70 28.06 7.01
CA ALA A 43 -9.70 27.89 8.48
C ALA A 43 -10.10 29.17 9.21
N LYS A 44 -9.59 30.31 8.74
CA LYS A 44 -10.00 31.64 9.23
C LYS A 44 -11.51 31.87 9.06
N SER A 45 -12.08 31.35 7.97
CA SER A 45 -13.51 31.46 7.67
C SER A 45 -14.41 30.41 8.35
N GLY A 46 -13.84 29.60 9.25
CA GLY A 46 -14.60 28.69 10.10
C GLY A 46 -14.69 27.25 9.64
N LEU A 47 -14.00 26.88 8.56
CA LEU A 47 -13.96 25.48 8.13
C LEU A 47 -12.90 24.69 8.92
N ASN A 48 -13.18 23.40 9.09
CA ASN A 48 -12.25 22.44 9.67
C ASN A 48 -11.45 21.84 8.51
N VAL A 49 -10.17 22.22 8.44
CA VAL A 49 -9.32 21.90 7.29
C VAL A 49 -8.24 20.90 7.69
N LEU A 50 -8.01 19.92 6.82
CA LEU A 50 -6.87 19.01 6.95
C LEU A 50 -5.96 19.13 5.74
N ILE A 51 -4.69 19.46 5.99
CA ILE A 51 -3.67 19.54 4.95
C ILE A 51 -2.82 18.28 5.02
N LEU A 52 -2.74 17.57 3.89
CA LEU A 52 -1.97 16.33 3.77
C LEU A 52 -0.81 16.54 2.83
N ASP A 53 0.35 15.98 3.16
CA ASP A 53 1.54 16.06 2.31
C ASP A 53 2.43 14.84 2.51
N SER A 54 2.88 14.26 1.40
CA SER A 54 3.84 13.16 1.42
C SER A 54 5.27 13.65 1.71
N ALA A 55 5.55 14.88 1.32
CA ALA A 55 6.79 15.57 1.69
C ALA A 55 6.70 16.08 3.12
N GLN A 56 7.77 16.73 3.58
CA GLN A 56 7.75 17.42 4.85
C GLN A 56 8.65 18.65 4.81
N HIS A 57 8.34 19.60 5.67
CA HIS A 57 9.02 20.88 5.75
C HIS A 57 10.22 20.67 6.70
N PRO A 58 11.36 21.33 6.46
CA PRO A 58 11.59 22.18 5.30
C PRO A 58 11.85 21.35 4.05
N ARG A 59 11.42 21.85 2.90
CA ARG A 59 11.85 21.25 1.64
C ARG A 59 11.94 22.29 0.54
N PHE A 60 12.78 21.93 -0.43
CA PHE A 60 13.10 22.75 -1.58
C PHE A 60 11.90 22.87 -2.52
N SER A 61 11.82 24.01 -3.19
CA SER A 61 10.86 24.21 -4.27
C SER A 61 11.32 25.34 -5.18
N VAL A 62 11.10 25.18 -6.48
CA VAL A 62 11.27 26.29 -7.44
C VAL A 62 9.93 27.01 -7.63
N GLY A 63 9.91 28.03 -8.48
CA GLY A 63 8.77 28.92 -8.64
C GLY A 63 9.01 30.11 -7.73
N GLU A 64 10.08 30.84 -8.04
CA GLU A 64 10.69 31.80 -7.12
C GLU A 64 10.47 33.28 -7.46
N ALA A 65 10.29 33.59 -8.74
CA ALA A 65 10.15 34.98 -9.18
C ALA A 65 8.73 35.49 -8.99
N ALA A 66 8.53 36.39 -8.03
CA ALA A 66 7.27 37.11 -7.88
C ALA A 66 7.10 38.10 -9.02
N THR A 67 5.87 38.54 -9.23
CA THR A 67 5.52 39.53 -10.24
C THR A 67 4.66 40.61 -9.60
N PRO A 68 4.46 41.74 -10.30
CA PRO A 68 3.48 42.70 -9.79
C PRO A 68 2.09 42.08 -9.61
N GLU A 69 1.68 41.20 -10.53
CA GLU A 69 0.40 40.48 -10.41
C GLU A 69 0.35 39.61 -9.16
N SER A 70 1.40 38.81 -8.92
CA SER A 70 1.44 37.93 -7.74
C SER A 70 1.43 38.72 -6.42
N GLY A 71 2.09 39.87 -6.42
CA GLY A 71 2.05 40.81 -5.29
C GLY A 71 0.66 41.32 -4.96
N PHE A 72 -0.05 41.81 -5.97
CA PHE A 72 -1.43 42.29 -5.79
C PHE A 72 -2.40 41.17 -5.39
N LEU A 73 -2.21 39.98 -5.93
CA LEU A 73 -3.06 38.82 -5.60
C LEU A 73 -2.90 38.38 -4.14
N LEU A 74 -1.66 38.40 -3.63
CA LEU A 74 -1.40 38.14 -2.21
C LEU A 74 -2.03 39.20 -1.30
N ARG A 75 -1.92 40.47 -1.69
CA ARG A 75 -2.55 41.56 -0.95
C ARG A 75 -4.08 41.45 -1.00
N LEU A 76 -4.61 41.00 -2.13
CA LEU A 76 -6.04 40.74 -2.27
C LEU A 76 -6.51 39.59 -1.37
N LEU A 77 -5.76 38.49 -1.35
CA LEU A 77 -6.05 37.36 -0.45
C LEU A 77 -6.07 37.79 1.02
N SER A 78 -5.06 38.56 1.39
CA SER A 78 -4.93 39.12 2.74
C SER A 78 -6.12 39.99 3.14
N LYS A 79 -6.51 40.87 2.24
CA LYS A 79 -7.60 41.83 2.50
C LYS A 79 -8.98 41.19 2.41
N ARG A 80 -9.16 40.34 1.40
CA ARG A 80 -10.43 39.62 1.21
C ARG A 80 -10.82 38.79 2.43
N PHE A 81 -9.82 38.15 3.05
CA PHE A 81 -10.05 37.25 4.19
C PHE A 81 -9.53 37.75 5.54
N ASP A 82 -9.00 38.97 5.57
CA ASP A 82 -8.53 39.62 6.80
C ASP A 82 -7.45 38.81 7.52
N ILE A 83 -6.39 38.47 6.78
CA ILE A 83 -5.23 37.78 7.34
C ILE A 83 -4.01 38.64 6.97
N PRO A 84 -3.65 39.62 7.83
CA PRO A 84 -2.54 40.53 7.52
C PRO A 84 -1.21 39.87 7.17
N GLU A 85 -0.89 38.73 7.78
CA GLU A 85 0.37 38.03 7.52
C GLU A 85 0.57 37.54 6.08
N ILE A 86 -0.51 37.31 5.34
CA ILE A 86 -0.41 36.92 3.92
C ILE A 86 0.20 38.06 3.09
N ALA A 87 -0.14 39.31 3.44
CA ALA A 87 0.37 40.49 2.74
C ALA A 87 1.87 40.73 2.91
N TYR A 88 2.45 40.20 4.00
CA TYR A 88 3.90 40.27 4.22
C TYR A 88 4.68 39.58 3.10
N LEU A 89 4.11 38.51 2.55
CA LEU A 89 4.73 37.73 1.49
C LEU A 89 4.83 38.47 0.14
N SER A 90 4.09 39.57 -0.02
CA SER A 90 4.12 40.37 -1.26
C SER A 90 5.27 41.36 -1.41
N HIS A 91 5.93 41.75 -0.31
CA HIS A 91 7.03 42.74 -0.38
C HIS A 91 8.32 42.20 0.29
N PRO A 92 9.49 42.39 -0.36
CA PRO A 92 10.72 41.80 0.22
C PRO A 92 11.12 42.32 1.61
N ASP A 93 11.12 43.63 1.81
CA ASP A 93 11.29 44.24 3.15
C ASP A 93 10.40 43.63 4.26
N LYS A 94 9.13 43.38 3.95
CA LYS A 94 8.22 42.69 4.89
C LYS A 94 8.61 41.22 5.09
N ILE A 95 9.04 40.56 4.02
CA ILE A 95 9.56 39.18 4.10
C ILE A 95 10.77 39.11 5.02
N ILE A 96 11.77 39.95 4.74
CA ILE A 96 12.99 40.07 5.57
C ILE A 96 12.64 40.25 7.04
N GLN A 97 11.70 41.16 7.32
CA GLN A 97 11.32 41.53 8.69
C GLN A 97 10.55 40.43 9.44
N HIS A 98 9.53 39.87 8.80
CA HIS A 98 8.58 38.95 9.47
C HIS A 98 8.81 37.47 9.23
N VAL A 99 9.28 37.10 8.03
CA VAL A 99 9.59 35.69 7.72
C VAL A 99 11.02 35.38 8.18
N GLY A 100 11.97 36.18 7.70
CA GLY A 100 13.38 35.98 8.04
C GLY A 100 14.32 36.59 7.02
N SER A 101 15.53 36.90 7.46
CA SER A 101 16.51 37.58 6.62
C SER A 101 17.10 36.72 5.48
N SER A 102 16.92 35.40 5.52
CA SER A 102 17.32 34.51 4.40
C SER A 102 16.17 34.16 3.45
N ALA A 103 14.98 34.70 3.70
CA ALA A 103 13.74 34.22 3.04
C ALA A 103 13.51 34.78 1.63
N CYS A 104 14.25 35.81 1.25
CA CYS A 104 14.15 36.33 -0.11
C CYS A 104 15.36 37.13 -0.55
N GLY A 105 15.41 37.30 -1.88
CA GLY A 105 16.27 38.25 -2.54
C GLY A 105 15.32 39.32 -3.05
N ILE A 106 15.88 40.30 -3.75
CA ILE A 106 15.10 41.39 -4.29
C ILE A 106 15.06 41.37 -5.81
N LYS A 107 13.97 41.93 -6.33
CA LYS A 107 13.74 41.99 -7.74
C LYS A 107 13.18 43.37 -8.13
N LEU A 108 13.96 44.12 -8.91
CA LEU A 108 13.54 45.44 -9.42
C LEU A 108 13.04 45.39 -10.87
N GLY A 109 12.97 44.18 -11.45
CA GLY A 109 12.41 43.97 -12.79
C GLY A 109 12.77 42.61 -13.37
N PHE A 110 12.31 42.38 -14.59
CA PHE A 110 12.81 41.30 -15.44
C PHE A 110 13.82 41.89 -16.43
N SER A 111 14.98 41.26 -16.53
CA SER A 111 15.96 41.60 -17.57
C SER A 111 16.12 40.41 -18.50
N PHE A 112 16.34 40.70 -19.79
CA PHE A 112 16.55 39.69 -20.80
C PHE A 112 17.80 40.06 -21.58
N ALA A 113 18.76 39.14 -21.62
CA ALA A 113 20.01 39.31 -22.37
C ALA A 113 20.06 38.21 -23.41
N TRP A 114 20.21 38.59 -24.68
CA TRP A 114 20.12 37.66 -25.80
C TRP A 114 21.51 37.25 -26.27
N HIS A 115 21.62 35.98 -26.64
CA HIS A 115 22.88 35.39 -27.10
C HIS A 115 22.63 34.55 -28.32
N GLN A 116 23.71 34.32 -29.05
CA GLN A 116 23.68 33.46 -30.22
C GLN A 116 24.97 32.67 -30.26
N GLU A 117 24.84 31.40 -30.63
CA GLU A 117 25.96 30.50 -30.82
C GLU A 117 26.86 31.04 -31.94
N ASN A 118 28.17 30.94 -31.75
CA ASN A 118 29.17 31.37 -32.73
C ASN A 118 29.21 32.87 -33.01
N ALA A 119 28.93 33.67 -31.99
CA ALA A 119 29.13 35.11 -32.04
C ALA A 119 29.37 35.61 -30.62
N PRO A 120 30.19 36.67 -30.46
CA PRO A 120 30.32 37.23 -29.11
C PRO A 120 29.02 37.87 -28.66
N SER A 121 28.72 37.78 -27.38
CA SER A 121 27.52 38.40 -26.82
C SER A 121 27.73 39.89 -26.64
N SER A 122 26.69 40.65 -26.97
CA SER A 122 26.73 42.11 -26.92
C SER A 122 25.93 42.62 -25.72
N PRO A 123 26.52 43.51 -24.89
CA PRO A 123 25.76 44.17 -23.80
C PRO A 123 24.59 45.07 -24.23
N ASP A 124 24.48 45.40 -25.51
CA ASP A 124 23.33 46.15 -26.05
C ASP A 124 22.16 45.27 -26.48
N HIS A 125 22.34 43.95 -26.48
CA HIS A 125 21.25 43.01 -26.73
C HIS A 125 20.56 42.64 -25.43
N LEU A 126 19.98 43.64 -24.80
CA LEU A 126 19.23 43.41 -23.62
C LEU A 126 18.04 44.34 -23.52
N VAL A 127 17.00 43.83 -22.85
CA VAL A 127 15.85 44.63 -22.47
C VAL A 127 15.58 44.35 -21.00
N ALA A 128 15.23 45.40 -20.26
CA ALA A 128 14.89 45.27 -18.84
C ALA A 128 13.89 46.34 -18.42
N PRO A 129 12.58 46.03 -18.46
CA PRO A 129 11.57 46.93 -17.89
C PRO A 129 11.66 46.99 -16.36
N PRO A 130 11.96 48.19 -15.79
CA PRO A 130 12.05 48.25 -14.33
C PRO A 130 10.71 48.39 -13.64
N LEU A 131 10.67 47.96 -12.39
CA LEU A 131 9.50 48.09 -11.53
C LEU A 131 9.50 49.41 -10.78
N LYS A 132 8.29 49.85 -10.46
CA LYS A 132 8.06 50.98 -9.56
C LYS A 132 8.40 50.59 -8.14
N VAL A 133 7.83 49.46 -7.71
CA VAL A 133 7.95 48.94 -6.36
C VAL A 133 8.71 47.60 -6.42
N PRO A 134 9.68 47.37 -5.50
CA PRO A 134 10.41 46.09 -5.55
C PRO A 134 9.51 44.89 -5.23
N GLU A 135 9.75 43.78 -5.92
CA GLU A 135 9.11 42.49 -5.62
C GLU A 135 10.19 41.54 -5.10
N ALA A 136 9.81 40.31 -4.78
CA ALA A 136 10.71 39.35 -4.13
C ALA A 136 11.14 38.21 -5.04
N HIS A 137 12.36 37.73 -4.82
CA HIS A 137 12.80 36.41 -5.22
C HIS A 137 12.59 35.51 -4.01
N LEU A 138 11.61 34.62 -4.09
CA LEU A 138 11.13 33.86 -2.94
C LEU A 138 11.99 32.63 -2.68
N PHE A 139 12.63 32.59 -1.51
CA PHE A 139 13.35 31.39 -1.08
C PHE A 139 12.30 30.44 -0.51
N ARG A 140 11.84 29.52 -1.35
CA ARG A 140 10.58 28.81 -1.12
C ARG A 140 10.55 27.92 0.12
N GLN A 141 11.68 27.32 0.49
CA GLN A 141 11.76 26.54 1.73
C GLN A 141 11.32 27.34 2.96
N ASP A 142 11.72 28.61 3.01
CA ASP A 142 11.37 29.49 4.13
C ASP A 142 9.97 30.12 3.96
N ILE A 143 9.65 30.54 2.74
CA ILE A 143 8.35 31.14 2.41
C ILE A 143 7.21 30.15 2.66
N ASP A 144 7.34 28.94 2.13
CA ASP A 144 6.30 27.93 2.26
C ASP A 144 6.07 27.46 3.69
N TYR A 145 7.14 27.31 4.47
CA TYR A 145 7.02 26.91 5.88
C TYR A 145 6.27 27.99 6.67
N PHE A 146 6.63 29.25 6.45
CA PHE A 146 5.94 30.40 7.06
C PHE A 146 4.45 30.40 6.70
N ALA A 147 4.13 30.13 5.45
CA ALA A 147 2.74 30.06 5.00
C ALA A 147 1.97 28.92 5.68
N LEU A 148 2.61 27.77 5.85
CA LEU A 148 2.00 26.66 6.60
C LEU A 148 1.73 27.07 8.04
N MET A 149 2.64 27.84 8.62
CA MET A 149 2.45 28.36 9.99
C MET A 149 1.24 29.30 10.10
N ILE A 150 0.97 30.09 9.05
CA ILE A 150 -0.25 30.92 8.99
C ILE A 150 -1.49 30.04 9.11
N ALA A 151 -1.54 28.98 8.29
CA ALA A 151 -2.65 28.02 8.31
C ALA A 151 -2.82 27.35 9.68
N LEU A 152 -1.71 26.86 10.24
CA LEU A 152 -1.70 26.21 11.55
C LEU A 152 -2.20 27.14 12.67
N LYS A 153 -1.77 28.41 12.65
CA LYS A 153 -2.23 29.39 13.64
C LYS A 153 -3.72 29.76 13.54
N HIS A 154 -4.31 29.58 12.35
CA HIS A 154 -5.76 29.79 12.15
C HIS A 154 -6.62 28.52 12.31
N GLY A 155 -6.00 27.41 12.68
CA GLY A 155 -6.72 26.21 13.11
C GLY A 155 -6.68 25.01 12.18
N ALA A 156 -6.06 25.17 11.01
CA ALA A 156 -5.88 24.05 10.08
C ALA A 156 -4.97 22.99 10.71
N GLU A 157 -5.34 21.73 10.50
CA GLU A 157 -4.51 20.61 10.91
C GLU A 157 -3.65 20.21 9.72
N SER A 158 -2.42 19.81 10.02
CA SER A 158 -1.45 19.41 9.01
C SER A 158 -0.90 18.04 9.35
N ARG A 159 -0.85 17.17 8.35
CA ARG A 159 -0.19 15.88 8.46
C ARG A 159 0.83 15.74 7.33
N GLN A 160 2.09 15.65 7.75
CA GLN A 160 3.22 15.62 6.84
C GLN A 160 3.79 14.22 6.80
N ASN A 161 4.55 13.94 5.76
CA ASN A 161 5.22 12.64 5.58
C ASN A 161 4.23 11.46 5.57
N ILE A 162 3.06 11.68 4.98
CA ILE A 162 2.02 10.62 4.88
C ILE A 162 2.04 9.98 3.49
N LYS A 163 1.32 8.87 3.38
CA LYS A 163 1.19 8.14 2.12
C LYS A 163 -0.29 7.94 1.87
N ILE A 164 -0.81 8.58 0.82
CA ILE A 164 -2.22 8.43 0.43
C ILE A 164 -2.39 7.11 -0.33
N GLU A 165 -3.13 6.18 0.27
CA GLU A 165 -3.43 4.89 -0.37
C GLU A 165 -4.52 4.99 -1.43
N SER A 166 -5.56 5.79 -1.17
CA SER A 166 -6.63 6.02 -2.16
C SER A 166 -7.48 7.25 -1.83
N ILE A 167 -8.10 7.80 -2.88
CA ILE A 167 -9.07 8.90 -2.77
C ILE A 167 -10.37 8.44 -3.43
N SER A 168 -11.45 8.48 -2.67
CA SER A 168 -12.77 8.05 -3.14
C SER A 168 -13.72 9.23 -3.13
N LEU A 169 -14.33 9.51 -4.28
CA LEU A 169 -15.26 10.62 -4.45
C LEU A 169 -16.69 10.10 -4.53
N ASN A 170 -17.49 10.45 -3.53
CA ASN A 170 -18.84 9.91 -3.32
C ASN A 170 -19.91 10.98 -3.38
N ASP A 171 -21.16 10.53 -3.35
CA ASP A 171 -22.33 11.40 -3.33
C ASP A 171 -22.33 12.31 -2.12
N ASP A 172 -21.95 11.70 -1.01
CA ASP A 172 -21.99 12.31 0.32
C ASP A 172 -20.66 12.93 0.80
N GLY A 173 -19.57 12.71 0.08
CA GLY A 173 -18.28 13.30 0.44
C GLY A 173 -17.08 12.64 -0.21
N VAL A 174 -15.92 12.79 0.44
CA VAL A 174 -14.65 12.28 -0.06
C VAL A 174 -14.07 11.41 1.05
N GLU A 175 -13.44 10.26 0.74
CA GLU A 175 -12.71 9.47 1.74
C GLU A 175 -11.29 9.31 1.25
N VAL A 176 -10.33 9.65 2.11
CA VAL A 176 -8.91 9.47 1.81
C VAL A 176 -8.36 8.41 2.75
N ALA A 177 -7.92 7.28 2.18
CA ALA A 177 -7.27 6.21 2.93
C ALA A 177 -5.78 6.50 3.02
N LEU A 178 -5.20 6.22 4.18
CA LEU A 178 -3.78 6.50 4.45
C LEU A 178 -3.07 5.24 4.94
N SER A 179 -1.75 5.20 4.75
CA SER A 179 -0.92 4.09 5.24
C SER A 179 -0.72 4.21 6.75
N ASN A 180 -0.93 3.10 7.47
CA ASN A 180 -0.72 3.02 8.92
C ASN A 180 -1.51 4.06 9.71
N ALA A 181 -2.73 4.34 9.27
CA ALA A 181 -3.61 5.33 9.91
C ALA A 181 -5.05 5.12 9.45
N ALA A 182 -5.98 5.63 10.25
CA ALA A 182 -7.42 5.54 9.93
C ALA A 182 -7.74 6.43 8.72
N PRO A 183 -8.78 6.06 7.93
CA PRO A 183 -9.15 6.93 6.82
C PRO A 183 -9.75 8.25 7.31
N VAL A 184 -9.61 9.30 6.49
CA VAL A 184 -10.12 10.63 6.82
C VAL A 184 -11.21 11.04 5.83
N LYS A 185 -12.23 11.72 6.35
CA LYS A 185 -13.41 12.08 5.55
C LYS A 185 -13.65 13.58 5.54
N ALA A 186 -14.08 14.07 4.38
CA ALA A 186 -14.42 15.47 4.21
C ALA A 186 -15.52 15.67 3.17
N ALA A 187 -16.04 16.89 3.11
CA ALA A 187 -17.04 17.27 2.11
C ALA A 187 -16.43 17.59 0.74
N PHE A 188 -15.14 17.93 0.70
CA PHE A 188 -14.50 18.48 -0.50
C PHE A 188 -12.99 18.25 -0.43
N ILE A 189 -12.37 18.00 -1.57
CA ILE A 189 -10.91 17.85 -1.64
C ILE A 189 -10.31 18.84 -2.66
N ILE A 190 -9.21 19.47 -2.25
CA ILE A 190 -8.47 20.40 -3.11
C ILE A 190 -7.07 19.83 -3.35
N ASP A 191 -6.70 19.66 -4.62
CA ASP A 191 -5.35 19.24 -4.98
C ASP A 191 -4.49 20.49 -5.17
N ALA A 192 -3.65 20.77 -4.17
CA ALA A 192 -2.75 21.93 -4.20
C ALA A 192 -1.29 21.51 -4.39
N ALA A 193 -1.07 20.29 -4.87
CA ALA A 193 0.27 19.74 -5.00
C ALA A 193 1.06 20.51 -6.06
N ALA A 194 2.26 20.93 -5.68
CA ALA A 194 3.19 21.63 -6.58
C ALA A 194 3.68 20.76 -7.74
N GLN A 195 3.67 19.45 -7.58
CA GLN A 195 4.09 18.52 -8.64
C GLN A 195 3.39 17.17 -8.52
N GLY A 196 3.21 16.52 -9.67
CA GLY A 196 2.65 15.16 -9.75
C GLY A 196 1.20 15.10 -10.17
N SER A 197 0.40 16.08 -9.74
CA SER A 197 -1.04 16.14 -10.03
C SER A 197 -1.75 14.83 -9.60
N PRO A 198 -1.63 14.48 -8.31
CA PRO A 198 -2.08 13.14 -7.86
C PRO A 198 -3.57 12.83 -8.09
N LEU A 199 -4.43 13.81 -7.84
CA LEU A 199 -5.85 13.68 -8.14
C LEU A 199 -6.11 13.70 -9.65
N SER A 200 -5.32 14.49 -10.39
CA SER A 200 -5.38 14.51 -11.85
C SER A 200 -4.98 13.16 -12.48
N ARG A 201 -4.00 12.48 -11.86
CA ARG A 201 -3.58 11.13 -12.28
C ARG A 201 -4.75 10.13 -12.25
N GLN A 202 -5.35 9.96 -11.08
CA GLN A 202 -6.40 8.95 -10.88
C GLN A 202 -7.69 9.25 -11.66
N LEU A 203 -8.00 10.53 -11.83
CA LEU A 203 -9.19 10.95 -12.58
C LEU A 203 -9.02 10.97 -14.11
N GLY A 204 -7.78 10.79 -14.59
CA GLY A 204 -7.50 10.67 -16.02
C GLY A 204 -7.67 11.95 -16.80
N LEU A 205 -7.49 13.08 -16.12
CA LEU A 205 -7.75 14.41 -16.68
C LEU A 205 -6.55 15.04 -17.37
N ARG A 206 -5.35 14.58 -17.01
CA ARG A 206 -4.09 15.19 -17.41
C ARG A 206 -3.70 14.74 -18.81
N THR A 207 -3.13 15.66 -19.59
CA THR A 207 -2.76 15.41 -20.99
C THR A 207 -1.74 16.44 -21.48
N THR A 208 -0.92 16.04 -22.44
CA THR A 208 -0.03 16.96 -23.18
C THR A 208 -0.57 17.26 -24.59
N GLU A 209 -1.70 16.65 -24.94
CA GLU A 209 -2.26 16.77 -26.28
C GLU A 209 -2.67 18.22 -26.55
N GLY A 210 -2.25 18.74 -27.70
CA GLY A 210 -2.59 20.09 -28.14
C GLY A 210 -1.74 21.25 -27.64
N LEU A 211 -0.78 20.99 -26.75
CA LEU A 211 0.10 22.06 -26.24
C LEU A 211 1.14 22.45 -27.29
N ALA A 212 1.29 23.75 -27.51
CA ALA A 212 2.34 24.30 -28.36
C ALA A 212 3.73 24.21 -27.72
N THR A 213 3.80 24.29 -26.40
CA THR A 213 5.07 24.30 -25.66
C THR A 213 5.51 22.88 -25.29
N ASP A 214 6.74 22.55 -25.67
CA ASP A 214 7.38 21.27 -25.37
C ASP A 214 8.82 21.56 -24.92
N THR A 215 9.01 21.65 -23.61
CA THR A 215 10.28 22.06 -23.02
C THR A 215 10.67 21.18 -21.83
N CYS A 216 11.98 21.08 -21.61
CA CYS A 216 12.56 20.41 -20.44
C CYS A 216 13.21 21.46 -19.54
N SER A 217 13.63 21.03 -18.35
CA SER A 217 14.29 21.94 -17.38
C SER A 217 15.34 21.24 -16.53
N PHE A 218 16.46 21.93 -16.30
CA PHE A 218 17.49 21.53 -15.35
C PHE A 218 17.59 22.67 -14.35
N PHE A 219 17.44 22.40 -13.06
CA PHE A 219 17.53 23.48 -12.05
C PHE A 219 18.22 23.07 -10.76
N THR A 220 18.75 24.09 -10.08
CA THR A 220 19.52 23.93 -8.86
C THR A 220 19.75 25.30 -8.19
N HIS A 221 20.42 25.27 -7.04
CA HIS A 221 20.84 26.46 -6.30
C HIS A 221 22.36 26.41 -6.18
N MET A 222 23.01 27.57 -6.35
CA MET A 222 24.46 27.67 -6.38
C MET A 222 24.98 28.77 -5.46
N LEU A 223 26.20 28.57 -4.98
CA LEU A 223 26.96 29.58 -4.25
C LEU A 223 27.97 30.22 -5.19
N ASN A 224 28.33 31.46 -4.87
CA ASN A 224 29.37 32.22 -5.61
C ASN A 224 29.09 32.43 -7.10
N VAL A 225 27.82 32.62 -7.46
CA VAL A 225 27.44 33.03 -8.80
C VAL A 225 27.75 34.53 -8.88
N LYS A 226 28.59 34.91 -9.82
CA LYS A 226 28.93 36.31 -10.03
C LYS A 226 27.72 37.09 -10.57
N SER A 227 27.60 38.34 -10.17
CA SER A 227 26.53 39.22 -10.64
C SER A 227 26.73 39.54 -12.11
N TYR A 228 25.65 39.92 -12.80
CA TYR A 228 25.76 40.34 -14.21
C TYR A 228 26.76 41.48 -14.36
N GLU A 229 26.71 42.45 -13.45
CA GLU A 229 27.52 43.66 -13.55
C GLU A 229 29.02 43.33 -13.50
N ASP A 230 29.40 42.47 -12.55
CA ASP A 230 30.79 42.06 -12.38
C ASP A 230 31.28 41.07 -13.44
N ALA A 231 30.40 40.20 -13.92
CA ALA A 231 30.76 39.14 -14.85
C ALA A 231 30.76 39.57 -16.31
N LEU A 232 29.76 40.34 -16.72
CA LEU A 232 29.56 40.66 -18.14
C LEU A 232 29.72 42.12 -18.53
N ALA A 233 29.01 43.03 -17.87
CA ALA A 233 29.03 44.44 -18.24
C ALA A 233 28.49 45.31 -17.12
N PRO A 234 29.24 46.36 -16.71
CA PRO A 234 28.74 47.23 -15.64
C PRO A 234 27.59 48.15 -16.09
N LEU A 235 26.96 48.81 -15.12
CA LEU A 235 25.88 49.77 -15.40
C LEU A 235 26.28 50.90 -16.36
N SER A 236 27.54 51.33 -16.28
CA SER A 236 28.08 52.35 -17.18
C SER A 236 28.08 51.90 -18.64
N ARG A 237 28.28 50.60 -18.87
CA ARG A 237 28.26 50.02 -20.21
C ARG A 237 26.85 49.68 -20.71
N THR A 238 26.01 49.08 -19.85
CA THR A 238 24.65 48.69 -20.26
C THR A 238 23.69 49.86 -20.38
N ARG A 239 23.92 50.91 -19.57
CA ARG A 239 22.97 52.02 -19.37
C ARG A 239 21.59 51.58 -18.83
N SER A 240 21.53 50.42 -18.18
CA SER A 240 20.29 49.91 -17.62
C SER A 240 19.95 50.75 -16.39
N PRO A 241 18.66 51.09 -16.20
CA PRO A 241 18.27 51.82 -14.99
C PRO A 241 18.31 50.98 -13.70
N ILE A 242 18.32 49.66 -13.84
CA ILE A 242 18.43 48.74 -12.71
C ILE A 242 19.66 47.85 -12.85
N GLU A 243 20.26 47.46 -11.71
CA GLU A 243 21.28 46.42 -11.70
C GLU A 243 20.60 45.13 -12.12
N LEU A 244 21.16 44.45 -13.12
CA LEU A 244 20.64 43.13 -13.52
C LEU A 244 20.79 42.11 -12.38
N PHE A 245 21.77 42.32 -11.49
CA PHE A 245 21.90 41.57 -10.22
C PHE A 245 20.62 41.61 -9.37
N LYS A 246 19.98 42.78 -9.34
CA LYS A 246 18.72 42.99 -8.62
C LYS A 246 17.51 42.83 -9.55
N SER A 247 17.52 41.77 -10.34
CA SER A 247 16.44 41.48 -11.28
C SER A 247 16.37 39.98 -11.52
N THR A 248 15.23 39.52 -12.03
CA THR A 248 15.12 38.17 -12.58
C THR A 248 15.75 38.22 -13.98
N LEU A 249 16.94 37.66 -14.08
CA LEU A 249 17.73 37.70 -15.30
C LEU A 249 17.44 36.48 -16.17
N HIS A 250 17.05 36.71 -17.41
CA HIS A 250 16.78 35.66 -18.39
C HIS A 250 17.85 35.73 -19.47
N HIS A 251 18.72 34.73 -19.54
CA HIS A 251 19.63 34.59 -20.67
C HIS A 251 18.93 33.76 -21.74
N ILE A 252 18.66 34.39 -22.89
CA ILE A 252 17.85 33.78 -23.94
C ILE A 252 18.66 33.51 -25.22
N PHE A 253 18.27 32.46 -25.92
CA PHE A 253 18.93 32.02 -27.14
C PHE A 253 18.00 31.07 -27.90
N GLU A 254 18.35 30.77 -29.14
CA GLU A 254 17.42 30.11 -30.08
C GLU A 254 16.72 28.86 -29.55
N GLU A 255 17.47 27.98 -28.91
CA GLU A 255 16.94 26.68 -28.47
C GLU A 255 16.45 26.64 -27.01
N GLY A 256 16.60 27.73 -26.26
CA GLY A 256 16.19 27.74 -24.87
C GLY A 256 16.55 28.97 -24.09
N TRP A 257 16.57 28.85 -22.76
CA TRP A 257 16.93 29.96 -21.89
C TRP A 257 17.39 29.50 -20.50
N LEU A 258 18.08 30.40 -19.82
CA LEU A 258 18.65 30.14 -18.49
C LEU A 258 18.30 31.28 -17.56
N TRP A 259 17.84 30.95 -16.35
CA TRP A 259 17.51 31.97 -15.35
C TRP A 259 18.64 32.17 -14.34
N VAL A 260 18.82 33.42 -13.91
CA VAL A 260 19.69 33.77 -12.79
C VAL A 260 18.81 34.57 -11.84
N ILE A 261 18.48 33.95 -10.71
CA ILE A 261 17.56 34.48 -9.71
C ILE A 261 18.31 34.47 -8.38
N PRO A 262 18.98 35.60 -8.04
CA PRO A 262 19.72 35.64 -6.78
C PRO A 262 18.84 35.83 -5.54
N PHE A 263 19.23 35.18 -4.45
CA PHE A 263 18.70 35.46 -3.11
C PHE A 263 19.65 36.34 -2.29
N ASN A 264 20.86 36.56 -2.82
CA ASN A 264 21.93 37.27 -2.10
C ASN A 264 22.15 38.72 -2.56
N ASN A 265 21.10 39.33 -3.09
CA ASN A 265 21.17 40.68 -3.70
C ASN A 265 20.45 41.77 -2.90
N HIS A 266 19.96 41.42 -1.72
CA HIS A 266 19.24 42.34 -0.85
C HIS A 266 20.22 42.85 0.22
N PRO A 267 20.27 44.19 0.47
CA PRO A 267 21.25 44.74 1.43
C PRO A 267 21.14 44.21 2.88
N GLN A 268 19.91 44.04 3.36
CA GLN A 268 19.59 43.36 4.64
C GLN A 268 19.41 41.83 4.59
N GLY A 269 19.58 41.21 3.43
CA GLY A 269 19.45 39.76 3.29
C GLY A 269 20.66 39.01 3.80
N THR A 270 20.47 37.74 4.17
CA THR A 270 21.56 36.86 4.60
C THR A 270 21.71 35.59 3.76
N ASN A 271 20.83 35.37 2.78
CA ASN A 271 20.92 34.19 1.93
C ASN A 271 22.11 34.34 0.99
N GLN A 272 22.89 33.27 0.85
CA GLN A 272 24.07 33.27 -0.03
C GLN A 272 23.78 32.68 -1.42
N LEU A 273 22.63 32.04 -1.57
CA LEU A 273 22.36 31.25 -2.78
C LEU A 273 21.82 32.07 -3.95
N CYS A 274 21.92 31.46 -5.12
CA CYS A 274 21.39 31.97 -6.36
C CYS A 274 20.74 30.80 -7.07
N SER A 275 19.49 30.97 -7.49
CA SER A 275 18.78 29.93 -8.22
C SER A 275 19.14 30.00 -9.69
N ILE A 276 19.39 28.83 -10.27
CA ILE A 276 19.85 28.68 -11.66
C ILE A 276 19.02 27.57 -12.28
N GLY A 277 18.39 27.86 -13.41
CA GLY A 277 17.68 26.84 -14.18
C GLY A 277 17.83 27.09 -15.66
N PHE A 278 18.12 26.05 -16.45
CA PHE A 278 18.12 26.16 -17.91
C PHE A 278 17.13 25.22 -18.58
N GLN A 279 16.45 25.75 -19.59
CA GLN A 279 15.33 25.08 -20.27
C GLN A 279 15.67 24.98 -21.75
N PHE A 280 15.32 23.84 -22.36
CA PHE A 280 15.46 23.68 -23.81
C PHE A 280 14.10 23.45 -24.46
N ASN A 281 13.90 24.06 -25.62
CA ASN A 281 12.82 23.71 -26.52
C ASN A 281 13.14 22.33 -27.10
N ASN A 282 12.36 21.31 -26.72
CA ASN A 282 12.61 19.93 -27.14
C ASN A 282 12.51 19.69 -28.65
N ALA A 283 11.78 20.56 -29.35
CA ALA A 283 11.75 20.55 -30.82
C ALA A 283 13.10 20.92 -31.45
N LYS A 284 13.89 21.77 -30.79
CA LYS A 284 15.19 22.25 -31.31
C LYS A 284 16.43 21.53 -30.76
N TYR A 285 16.40 21.20 -29.46
CA TYR A 285 17.50 20.46 -28.82
C TYR A 285 16.96 19.55 -27.73
N ARG A 286 17.35 18.28 -27.78
CA ARG A 286 17.08 17.35 -26.69
C ARG A 286 18.40 17.02 -25.98
N PRO A 287 18.45 17.19 -24.64
CA PRO A 287 19.64 16.77 -23.91
C PRO A 287 19.82 15.25 -23.94
N THR A 288 21.08 14.82 -23.97
CA THR A 288 21.43 13.38 -24.03
C THR A 288 22.27 12.88 -22.84
N GLU A 289 22.79 13.79 -22.02
CA GLU A 289 23.76 13.45 -20.96
C GLU A 289 23.32 14.01 -19.61
N ALA A 290 24.10 13.69 -18.57
CA ALA A 290 23.78 14.10 -17.20
C ALA A 290 23.81 15.63 -17.03
N PRO A 291 23.06 16.16 -16.04
CA PRO A 291 22.88 17.61 -15.88
C PRO A 291 24.14 18.49 -15.89
N GLU A 292 25.16 18.09 -15.12
CA GLU A 292 26.41 18.86 -15.06
C GLU A 292 27.16 18.89 -16.40
N ILE A 293 27.02 17.83 -17.20
CA ILE A 293 27.61 17.78 -18.54
C ILE A 293 26.82 18.68 -19.50
N GLU A 294 25.49 18.62 -19.43
CA GLU A 294 24.63 19.53 -20.21
C GLU A 294 24.85 20.99 -19.84
N PHE A 295 25.12 21.28 -18.57
CA PHE A 295 25.42 22.64 -18.11
C PHE A 295 26.74 23.13 -18.70
N ARG A 296 27.79 22.30 -18.62
CA ARG A 296 29.10 22.66 -19.18
C ARG A 296 29.08 22.81 -20.71
N LYS A 297 28.30 21.99 -21.40
CA LYS A 297 28.09 22.15 -22.85
C LYS A 297 27.37 23.46 -23.20
N LEU A 298 26.41 23.86 -22.36
CA LEU A 298 25.70 25.13 -22.55
C LEU A 298 26.63 26.32 -22.41
N LEU A 299 27.48 26.30 -21.39
CA LEU A 299 28.43 27.38 -21.14
C LEU A 299 29.52 27.50 -22.22
N LYS A 300 29.84 26.38 -22.86
CA LYS A 300 30.75 26.35 -24.01
C LYS A 300 30.12 27.02 -25.24
N LYS A 301 28.85 26.69 -25.50
CA LYS A 301 28.06 27.36 -26.55
C LYS A 301 27.90 28.86 -26.33
N TYR A 302 27.78 29.26 -25.07
CA TYR A 302 27.49 30.66 -24.69
C TYR A 302 28.47 31.12 -23.61
N PRO A 303 29.75 31.38 -23.99
CA PRO A 303 30.78 31.76 -23.01
C PRO A 303 30.46 33.03 -22.19
N ALA A 304 29.64 33.91 -22.73
CA ALA A 304 29.10 35.05 -21.97
C ALA A 304 28.35 34.58 -20.71
N ILE A 305 27.51 33.57 -20.87
CA ILE A 305 26.73 33.03 -19.74
C ILE A 305 27.68 32.37 -18.73
N GLY A 306 28.69 31.65 -19.23
CA GLY A 306 29.76 31.05 -18.41
C GLY A 306 30.52 31.98 -17.46
N GLU A 307 30.58 33.28 -17.79
CA GLU A 307 31.21 34.28 -16.91
C GLU A 307 30.57 34.42 -15.51
N HIS A 308 29.30 34.05 -15.40
CA HIS A 308 28.63 33.92 -14.09
C HIS A 308 29.24 32.86 -13.17
N PHE A 309 29.77 31.81 -13.78
CA PHE A 309 30.01 30.53 -13.09
C PHE A 309 31.48 30.11 -12.93
N LYS A 310 32.42 31.05 -13.13
CA LYS A 310 33.86 30.76 -12.99
C LYS A 310 34.21 30.16 -11.62
N ASP A 311 33.76 30.84 -10.56
CA ASP A 311 34.02 30.42 -9.17
C ASP A 311 32.80 29.81 -8.45
N ALA A 312 31.75 29.51 -9.21
CA ALA A 312 30.48 29.05 -8.64
C ALA A 312 30.54 27.57 -8.29
N VAL A 313 29.79 27.19 -7.26
CA VAL A 313 29.65 25.79 -6.85
C VAL A 313 28.19 25.46 -6.59
N ASN A 314 27.82 24.23 -6.94
CA ASN A 314 26.46 23.74 -6.75
C ASN A 314 26.19 23.49 -5.25
N ALA A 315 25.08 24.01 -4.75
CA ALA A 315 24.67 23.84 -3.34
C ALA A 315 23.62 22.74 -3.13
N ARG A 316 23.25 22.06 -4.22
CA ARG A 316 22.36 20.89 -4.16
C ARG A 316 22.49 20.10 -5.47
N GLU A 317 21.82 18.97 -5.58
CA GLU A 317 21.82 18.20 -6.82
C GLU A 317 21.00 18.92 -7.89
N TRP A 318 21.45 18.83 -9.15
CA TRP A 318 20.64 19.23 -10.29
C TRP A 318 19.39 18.35 -10.35
N ILE A 319 18.24 18.96 -10.62
CA ILE A 319 17.01 18.24 -10.95
C ILE A 319 16.79 18.37 -12.44
N TYR A 320 16.50 17.25 -13.11
CA TYR A 320 16.13 17.24 -14.52
C TYR A 320 14.68 16.79 -14.67
N ALA A 321 13.92 17.54 -15.46
CA ALA A 321 12.54 17.22 -15.80
C ALA A 321 12.44 17.21 -17.33
N PRO A 322 12.26 16.02 -17.95
CA PRO A 322 12.33 15.94 -19.42
C PRO A 322 11.17 16.59 -20.16
N ARG A 323 10.00 16.63 -19.53
CA ARG A 323 8.91 17.45 -20.03
C ARG A 323 8.07 18.06 -18.90
N ILE A 324 8.12 19.38 -18.81
CA ILE A 324 7.46 20.15 -17.74
C ILE A 324 6.04 20.62 -18.08
N ASN A 325 5.64 20.46 -19.34
CA ASN A 325 4.38 21.03 -19.84
C ASN A 325 3.26 20.00 -19.76
N TYR A 326 2.10 20.42 -19.24
CA TYR A 326 0.88 19.62 -19.31
C TYR A 326 -0.33 20.51 -19.06
N ARG A 327 -1.49 19.96 -19.32
CA ARG A 327 -2.76 20.61 -19.02
C ARG A 327 -3.77 19.54 -18.63
N SER A 328 -4.96 20.00 -18.24
CA SER A 328 -6.06 19.09 -17.89
C SER A 328 -7.35 19.49 -18.59
N VAL A 329 -8.15 18.49 -18.93
CA VAL A 329 -9.39 18.67 -19.69
C VAL A 329 -10.50 19.24 -18.79
N GLN A 330 -10.46 18.88 -17.51
CA GLN A 330 -11.31 19.44 -16.47
C GLN A 330 -10.48 19.61 -15.21
N ASN A 331 -10.96 20.40 -14.27
CA ASN A 331 -10.33 20.48 -12.94
C ASN A 331 -11.24 20.74 -11.73
N VAL A 332 -12.56 20.71 -11.93
CA VAL A 332 -13.52 20.77 -10.83
C VAL A 332 -14.59 19.69 -11.01
N GLY A 333 -15.12 19.24 -9.88
CA GLY A 333 -16.29 18.35 -9.85
C GLY A 333 -17.20 18.74 -8.72
N ASP A 334 -18.13 17.85 -8.40
CA ASP A 334 -19.03 18.02 -7.25
C ASP A 334 -18.23 18.17 -5.96
N ARG A 335 -17.22 17.32 -5.80
CA ARG A 335 -16.50 17.14 -4.54
C ARG A 335 -15.00 17.42 -4.62
N PHE A 336 -14.54 18.04 -5.71
CA PHE A 336 -13.12 18.34 -5.86
C PHE A 336 -12.81 19.59 -6.70
N CYS A 337 -11.61 20.12 -6.47
CA CYS A 337 -11.02 21.15 -7.32
C CYS A 337 -9.51 20.96 -7.36
N LEU A 338 -8.94 20.94 -8.56
CA LEU A 338 -7.50 20.95 -8.75
C LEU A 338 -7.08 22.41 -8.84
N LEU A 339 -6.16 22.84 -7.98
CA LEU A 339 -5.56 24.17 -8.13
C LEU A 339 -4.67 24.16 -9.39
N PRO A 340 -4.32 25.36 -9.92
CA PRO A 340 -3.62 25.43 -11.20
C PRO A 340 -2.34 24.62 -11.37
N GLN A 341 -1.50 24.51 -10.33
CA GLN A 341 -0.25 23.72 -10.43
C GLN A 341 -0.55 22.23 -10.69
N ALA A 342 -1.60 21.72 -10.07
CA ALA A 342 -2.05 20.34 -10.30
C ALA A 342 -2.83 20.17 -11.61
N THR A 343 -3.35 21.27 -12.14
CA THR A 343 -4.14 21.27 -13.38
C THR A 343 -3.25 21.34 -14.62
N GLY A 344 -2.36 22.32 -14.65
CA GLY A 344 -1.47 22.53 -15.79
C GLY A 344 -0.28 23.38 -15.47
N PHE A 345 0.81 23.15 -16.20
CA PHE A 345 1.99 24.00 -16.12
C PHE A 345 2.57 24.12 -17.52
N ILE A 346 3.10 25.29 -17.85
CA ILE A 346 3.74 25.52 -19.15
C ILE A 346 5.25 25.63 -19.02
N ASP A 347 5.71 26.65 -18.33
CA ASP A 347 7.15 26.96 -18.29
C ASP A 347 7.42 28.02 -17.21
N PRO A 348 8.62 28.04 -16.62
CA PRO A 348 8.94 29.15 -15.70
C PRO A 348 8.94 30.55 -16.33
N LEU A 349 9.12 30.64 -17.65
CA LEU A 349 9.21 31.93 -18.36
C LEU A 349 8.01 32.85 -18.09
N PHE A 350 8.31 34.06 -17.60
CA PHE A 350 7.31 35.07 -17.15
C PHE A 350 6.61 34.76 -15.81
N SER A 351 6.97 33.65 -15.17
CA SER A 351 6.41 33.25 -13.87
C SER A 351 4.88 33.38 -13.75
N ARG A 352 4.17 32.86 -14.76
CA ARG A 352 2.70 32.91 -14.79
C ARG A 352 2.03 31.90 -13.83
N GLY A 353 2.78 30.88 -13.39
CA GLY A 353 2.26 29.83 -12.51
C GLY A 353 1.70 30.33 -11.18
N LEU A 354 2.48 31.13 -10.46
CA LEU A 354 2.05 31.71 -9.18
C LEU A 354 0.87 32.66 -9.34
N ILE A 355 0.85 33.40 -10.45
CA ILE A 355 -0.23 34.33 -10.77
C ILE A 355 -1.54 33.56 -10.87
N THR A 356 -1.56 32.54 -11.72
CA THR A 356 -2.74 31.69 -11.91
C THR A 356 -3.17 31.04 -10.59
N THR A 357 -2.19 30.48 -9.86
CA THR A 357 -2.45 29.84 -8.57
C THR A 357 -3.18 30.76 -7.58
N PHE A 358 -2.62 31.95 -7.34
CA PHE A 358 -3.20 32.87 -6.36
C PHE A 358 -4.57 33.41 -6.76
N GLU A 359 -4.79 33.68 -8.05
CA GLU A 359 -6.11 34.11 -8.53
C GLU A 359 -7.15 33.00 -8.37
N SER A 360 -6.76 31.77 -8.68
CA SER A 360 -7.62 30.60 -8.54
C SER A 360 -8.10 30.39 -7.10
N ILE A 361 -7.17 30.50 -6.14
CA ILE A 361 -7.51 30.40 -4.71
C ILE A 361 -8.54 31.47 -4.34
N LEU A 362 -8.28 32.68 -4.83
CA LEU A 362 -9.10 33.85 -4.57
C LEU A 362 -10.52 33.70 -5.16
N ARG A 363 -10.61 33.09 -6.34
CA ARG A 363 -11.90 32.73 -6.95
C ARG A 363 -12.60 31.55 -6.27
N LEU A 364 -11.83 30.52 -5.92
CA LEU A 364 -12.38 29.29 -5.35
C LEU A 364 -12.88 29.42 -3.92
N ALA A 365 -12.08 30.04 -3.05
CA ALA A 365 -12.34 30.02 -1.61
C ALA A 365 -13.75 30.50 -1.20
N PRO A 366 -14.24 31.63 -1.75
CA PRO A 366 -15.61 32.06 -1.42
C PRO A 366 -16.70 31.08 -1.84
N LYS A 367 -16.47 30.35 -2.93
CA LYS A 367 -17.40 29.34 -3.42
C LYS A 367 -17.41 28.08 -2.56
N VAL A 368 -16.23 27.69 -2.07
CA VAL A 368 -16.12 26.60 -1.10
C VAL A 368 -16.84 26.96 0.21
N LEU A 369 -16.72 28.23 0.64
CA LEU A 369 -17.41 28.71 1.84
C LEU A 369 -18.93 28.69 1.70
N ASP A 370 -19.43 29.19 0.57
CA ASP A 370 -20.88 29.13 0.25
C ASP A 370 -21.38 27.69 0.24
N ALA A 371 -20.63 26.82 -0.43
CA ALA A 371 -20.94 25.39 -0.50
C ALA A 371 -20.95 24.71 0.86
N ALA A 372 -19.97 25.04 1.71
CA ALA A 372 -19.88 24.47 3.06
C ALA A 372 -20.99 24.96 3.98
N ARG A 373 -21.42 26.20 3.77
CA ARG A 373 -22.48 26.83 4.57
C ARG A 373 -23.91 26.48 4.14
N SER A 374 -24.09 26.14 2.87
CA SER A 374 -25.38 25.70 2.33
C SER A 374 -25.48 24.18 2.16
N ASN A 375 -24.38 23.47 2.44
CA ASN A 375 -24.21 22.05 2.10
C ASN A 375 -24.73 21.64 0.71
N ARG A 376 -24.32 22.41 -0.29
CA ARG A 376 -24.58 22.11 -1.70
C ARG A 376 -23.25 21.95 -2.42
N TRP A 377 -23.06 20.77 -3.01
CA TRP A 377 -21.78 20.40 -3.62
C TRP A 377 -22.01 19.88 -5.04
N GLN A 378 -22.09 20.81 -5.99
CA GLN A 378 -22.32 20.53 -7.41
C GLN A 378 -21.27 21.23 -8.26
N ARG A 379 -20.75 20.51 -9.25
CA ARG A 379 -19.77 21.03 -10.22
C ARG A 379 -20.10 22.43 -10.76
N GLU A 380 -21.39 22.66 -11.05
CA GLU A 380 -21.86 23.94 -11.61
C GLU A 380 -21.50 25.16 -10.76
N GLN A 381 -21.47 24.98 -9.45
CA GLN A 381 -21.07 26.04 -8.50
C GLN A 381 -19.64 26.54 -8.70
N PHE A 382 -18.77 25.66 -9.19
CA PHE A 382 -17.34 25.96 -9.38
C PHE A 382 -16.91 26.12 -10.84
N ILE A 383 -17.87 26.30 -11.74
CA ILE A 383 -17.56 26.36 -13.16
C ILE A 383 -16.68 27.56 -13.55
N GLU A 384 -16.83 28.70 -12.89
CA GLU A 384 -15.96 29.85 -13.18
C GLU A 384 -14.50 29.64 -12.74
N VAL A 385 -14.27 28.79 -11.74
CA VAL A 385 -12.90 28.41 -11.32
C VAL A 385 -12.23 27.62 -12.44
N GLU A 386 -12.94 26.63 -12.99
CA GLU A 386 -12.44 25.85 -14.12
C GLU A 386 -12.20 26.71 -15.36
N ARG A 387 -13.15 27.60 -15.65
CA ARG A 387 -13.04 28.47 -16.82
C ARG A 387 -11.79 29.35 -16.74
N HIS A 388 -11.57 29.99 -15.60
CA HIS A 388 -10.36 30.80 -15.40
C HIS A 388 -9.09 29.95 -15.53
N CYS A 389 -9.06 28.80 -14.85
CA CYS A 389 -7.86 27.97 -14.82
C CYS A 389 -7.47 27.46 -16.20
N LEU A 390 -8.40 26.81 -16.89
CA LEU A 390 -8.10 26.24 -18.22
C LEU A 390 -7.80 27.31 -19.28
N ASN A 391 -8.47 28.46 -19.20
CA ASN A 391 -8.13 29.61 -20.06
C ASN A 391 -6.74 30.20 -19.76
N ALA A 392 -6.38 30.27 -18.48
CA ALA A 392 -5.05 30.74 -18.06
C ALA A 392 -3.93 29.87 -18.63
N VAL A 393 -4.11 28.55 -18.54
CA VAL A 393 -3.12 27.60 -19.05
C VAL A 393 -2.96 27.71 -20.57
N ALA A 394 -4.08 27.81 -21.29
CA ALA A 394 -4.06 28.00 -22.74
C ALA A 394 -3.35 29.29 -23.16
N THR A 395 -3.65 30.39 -22.46
CA THR A 395 -2.98 31.68 -22.70
C THR A 395 -1.49 31.59 -22.42
N ASN A 396 -1.15 31.02 -21.26
CA ASN A 396 0.24 30.75 -20.87
C ASN A 396 0.98 29.95 -21.94
N ASP A 397 0.32 28.93 -22.49
CA ASP A 397 0.90 28.11 -23.56
C ASP A 397 1.20 28.92 -24.82
N GLN A 398 0.26 29.77 -25.23
CA GLN A 398 0.46 30.66 -26.38
C GLN A 398 1.57 31.69 -26.14
N LEU A 399 1.56 32.30 -24.96
CA LEU A 399 2.57 33.30 -24.60
C LEU A 399 3.99 32.73 -24.65
N VAL A 400 4.18 31.58 -24.01
CA VAL A 400 5.49 30.95 -23.91
C VAL A 400 5.97 30.37 -25.25
N SER A 401 5.13 29.62 -25.94
CA SER A 401 5.52 29.03 -27.24
C SER A 401 5.93 30.10 -28.25
N CYS A 402 5.17 31.18 -28.32
CA CYS A 402 5.51 32.33 -29.17
C CYS A 402 6.77 33.07 -28.70
N SER A 403 6.99 33.12 -27.39
CA SER A 403 8.23 33.67 -26.83
C SER A 403 9.45 32.84 -27.20
N TYR A 404 9.35 31.51 -27.11
CA TYR A 404 10.45 30.61 -27.49
C TYR A 404 10.86 30.79 -28.96
N GLU A 405 9.90 31.09 -29.83
CA GLU A 405 10.20 31.40 -31.24
C GLU A 405 10.90 32.76 -31.38
N ALA A 406 10.46 33.74 -30.62
CA ALA A 406 11.08 35.08 -30.59
C ALA A 406 12.51 35.11 -30.00
N PHE A 407 12.93 34.03 -29.34
CA PHE A 407 14.33 33.86 -28.91
C PHE A 407 15.36 33.83 -30.04
N SER A 408 14.94 33.53 -31.27
CA SER A 408 15.85 33.37 -32.42
C SER A 408 16.66 34.61 -32.84
N ASP A 409 16.24 35.79 -32.42
CA ASP A 409 16.87 37.05 -32.84
C ASP A 409 16.60 38.13 -31.80
N PHE A 410 17.60 38.96 -31.50
CA PHE A 410 17.42 39.99 -30.47
C PHE A 410 16.36 41.01 -30.84
N HIS A 411 16.47 41.57 -32.04
CA HIS A 411 15.51 42.59 -32.50
C HIS A 411 14.08 42.03 -32.48
N LEU A 412 13.92 40.78 -32.90
CA LEU A 412 12.63 40.10 -32.80
C LEU A 412 12.15 40.02 -31.35
N TRP A 413 13.03 39.55 -30.45
CA TRP A 413 12.71 39.52 -29.01
C TRP A 413 12.31 40.90 -28.49
N ASN A 414 13.12 41.91 -28.81
CA ASN A 414 12.86 43.29 -28.39
C ASN A 414 11.44 43.74 -28.74
N VAL A 415 11.02 43.49 -29.99
CA VAL A 415 9.68 43.86 -30.45
C VAL A 415 8.61 43.02 -29.74
N TRP A 416 8.80 41.70 -29.73
CA TRP A 416 7.83 40.77 -29.13
C TRP A 416 7.62 41.01 -27.62
N HIS A 417 8.68 41.31 -26.87
CA HIS A 417 8.58 41.48 -25.40
C HIS A 417 7.59 42.60 -24.99
N ARG A 418 7.40 43.59 -25.86
CA ARG A 418 6.39 44.64 -25.66
C ARG A 418 4.95 44.11 -25.67
N VAL A 419 4.69 43.02 -26.39
CA VAL A 419 3.38 42.36 -26.39
C VAL A 419 3.09 41.80 -25.00
N TRP A 420 4.05 41.08 -24.42
CA TRP A 420 3.92 40.56 -23.05
C TRP A 420 3.78 41.72 -22.04
N LEU A 421 4.67 42.70 -22.13
CA LEU A 421 4.75 43.80 -21.17
C LEU A 421 3.47 44.63 -21.11
N SER A 422 2.94 45.02 -22.27
CA SER A 422 1.71 45.82 -22.32
C SER A 422 0.51 45.08 -21.71
N GLY A 423 0.42 43.78 -21.96
CA GLY A 423 -0.62 42.94 -21.35
C GLY A 423 -0.52 42.84 -19.85
N SER A 424 0.67 42.50 -19.38
CA SER A 424 0.96 42.36 -17.95
C SER A 424 0.75 43.68 -17.19
N ASN A 425 1.22 44.78 -17.77
CA ASN A 425 0.95 46.12 -17.21
C ASN A 425 -0.54 46.39 -17.08
N LEU A 426 -1.32 46.03 -18.10
CA LEU A 426 -2.79 46.19 -18.04
C LEU A 426 -3.45 45.30 -16.98
N GLY A 427 -2.97 44.06 -16.86
CA GLY A 427 -3.48 43.12 -15.83
C GLY A 427 -3.20 43.56 -14.40
N SER A 428 -1.97 44.01 -14.15
CA SER A 428 -1.57 44.55 -12.84
C SER A 428 -2.40 45.75 -12.44
N ALA A 429 -2.57 46.67 -13.38
CA ALA A 429 -3.41 47.86 -13.19
C ALA A 429 -4.85 47.48 -12.86
N PHE A 430 -5.37 46.44 -13.50
CA PHE A 430 -6.72 45.94 -13.19
C PHE A 430 -6.80 45.32 -11.80
N LEU A 431 -5.79 44.53 -11.42
CA LEU A 431 -5.73 43.96 -10.07
C LEU A 431 -5.56 45.04 -8.98
N GLN A 432 -4.73 46.05 -9.26
CA GLN A 432 -4.56 47.19 -8.36
C GLN A 432 -5.87 47.94 -8.11
N LYS A 433 -6.63 48.14 -9.19
CA LYS A 433 -7.95 48.76 -9.13
C LYS A 433 -8.91 47.95 -8.25
N LEU A 434 -8.95 46.63 -8.44
CA LEU A 434 -9.78 45.75 -7.60
C LEU A 434 -9.40 45.83 -6.12
N LEU A 435 -8.11 45.94 -5.84
CA LEU A 435 -7.59 46.05 -4.47
C LEU A 435 -8.05 47.37 -3.84
N HIS A 436 -7.82 48.46 -4.57
CA HIS A 436 -8.22 49.81 -4.17
C HIS A 436 -9.73 49.93 -3.90
N ASP A 437 -10.54 49.34 -4.77
CA ASP A 437 -12.01 49.31 -4.58
C ASP A 437 -12.40 48.53 -3.34
N LEU A 438 -11.73 47.41 -3.11
CA LEU A 438 -12.02 46.58 -1.95
C LEU A 438 -11.64 47.26 -0.65
N GLU A 439 -10.47 47.89 -0.62
CA GLU A 439 -9.99 48.56 0.57
C GLU A 439 -10.84 49.77 0.99
N HIS A 440 -11.45 50.45 0.04
CA HIS A 440 -12.27 51.64 0.33
C HIS A 440 -13.75 51.30 0.59
N SER A 441 -14.27 50.25 -0.05
CA SER A 441 -15.66 49.85 0.19
C SER A 441 -15.80 48.85 1.33
N GLY A 442 -14.80 48.00 1.50
CA GLY A 442 -14.88 46.86 2.41
C GLY A 442 -15.85 45.79 1.95
N ASP A 443 -16.23 45.82 0.67
CA ASP A 443 -17.30 44.97 0.13
C ASP A 443 -16.70 43.76 -0.58
N ALA A 444 -16.75 42.62 0.11
CA ALA A 444 -16.16 41.38 -0.37
C ALA A 444 -16.94 40.75 -1.52
N ARG A 445 -18.27 40.77 -1.42
CA ARG A 445 -19.16 40.24 -2.48
C ARG A 445 -18.99 40.96 -3.81
N GLN A 446 -18.91 42.28 -3.72
CA GLN A 446 -18.66 43.17 -4.86
C GLN A 446 -17.32 42.87 -5.54
N PHE A 447 -16.29 42.61 -4.74
CA PHE A 447 -14.99 42.22 -5.28
C PHE A 447 -15.07 40.87 -6.00
N ASP A 448 -15.68 39.88 -5.36
CA ASP A 448 -15.87 38.54 -5.93
C ASP A 448 -16.60 38.60 -7.28
N ALA A 449 -17.65 39.43 -7.34
CA ALA A 449 -18.41 39.62 -8.58
C ALA A 449 -17.58 40.35 -9.65
N ALA A 450 -16.86 41.39 -9.23
CA ALA A 450 -15.97 42.14 -10.12
C ALA A 450 -14.90 41.28 -10.79
N LEU A 451 -14.25 40.42 -10.00
CA LEU A 451 -13.26 39.47 -10.55
C LEU A 451 -13.91 38.46 -11.49
N GLU A 452 -15.08 37.98 -11.13
CA GLU A 452 -15.84 37.03 -11.96
C GLU A 452 -16.37 37.62 -13.27
N ALA A 453 -16.64 38.93 -13.27
CA ALA A 453 -17.21 39.61 -14.44
C ALA A 453 -16.20 40.10 -15.50
N VAL A 454 -14.90 39.88 -15.29
CA VAL A 454 -13.89 40.26 -16.28
C VAL A 454 -14.17 39.56 -17.61
N ARG A 455 -13.93 40.27 -18.71
CA ARG A 455 -14.29 39.75 -20.04
C ARG A 455 -13.36 38.66 -20.57
N PHE A 456 -12.14 38.60 -20.04
CA PHE A 456 -11.13 37.66 -20.52
C PHE A 456 -10.39 37.02 -19.33
N PRO A 457 -11.10 36.18 -18.55
CA PRO A 457 -10.45 35.51 -17.40
C PRO A 457 -9.36 34.56 -17.87
N GLY A 458 -8.21 34.61 -17.21
CA GLY A 458 -7.03 33.84 -17.62
C GLY A 458 -6.11 34.53 -18.61
N CYS A 459 -6.55 35.64 -19.21
CA CYS A 459 -5.73 36.40 -20.17
C CYS A 459 -4.94 37.48 -19.44
N LEU A 460 -3.90 37.99 -20.10
CA LEU A 460 -2.92 38.90 -19.46
C LEU A 460 -3.52 40.22 -19.01
N SER A 461 -4.39 40.81 -19.82
CA SER A 461 -5.05 42.08 -19.49
C SER A 461 -6.23 41.92 -18.53
N LEU A 462 -6.83 40.73 -18.51
CA LEU A 462 -8.08 40.41 -17.80
C LEU A 462 -9.35 40.97 -18.47
N ASP A 463 -9.34 42.25 -18.86
CA ASP A 463 -10.56 42.94 -19.31
C ASP A 463 -10.41 43.92 -20.50
N SER A 464 -9.32 43.84 -21.27
CA SER A 464 -9.12 44.76 -22.41
C SER A 464 -9.25 44.06 -23.77
N PRO A 465 -10.38 44.26 -24.48
CA PRO A 465 -10.55 43.67 -25.83
C PRO A 465 -9.47 44.11 -26.84
N ALA A 466 -9.10 45.39 -26.78
CA ALA A 466 -8.03 45.93 -27.63
C ALA A 466 -6.69 45.22 -27.39
N TYR A 467 -6.33 44.99 -26.14
CA TYR A 467 -5.10 44.26 -25.85
C TYR A 467 -5.17 42.82 -26.38
N GLU A 468 -6.27 42.14 -26.07
CA GLU A 468 -6.38 40.73 -26.43
C GLU A 468 -6.40 40.55 -27.95
N SER A 469 -6.88 41.55 -28.69
CA SER A 469 -6.70 41.60 -30.15
C SER A 469 -5.22 41.64 -30.56
N LEU A 470 -4.43 42.51 -29.92
CA LEU A 470 -2.97 42.57 -30.14
C LEU A 470 -2.29 41.24 -29.84
N PHE A 471 -2.63 40.66 -28.69
CA PHE A 471 -2.04 39.39 -28.25
C PHE A 471 -2.29 38.26 -29.25
N ARG A 472 -3.55 38.10 -29.64
CA ARG A 472 -3.95 36.99 -30.52
C ARG A 472 -3.40 37.09 -31.95
N GLN A 473 -3.37 38.29 -32.51
CA GLN A 473 -2.77 38.52 -33.83
C GLN A 473 -1.24 38.38 -33.79
N SER A 474 -0.63 38.86 -32.70
CA SER A 474 0.82 38.70 -32.49
C SER A 474 1.23 37.23 -32.38
N CYS A 475 0.45 36.46 -31.63
CA CYS A 475 0.67 35.02 -31.50
C CYS A 475 0.54 34.29 -32.84
N GLN A 476 -0.45 34.68 -33.64
CA GLN A 476 -0.63 34.15 -35.01
C GLN A 476 0.58 34.42 -35.91
N VAL A 477 1.12 35.63 -35.82
CA VAL A 477 2.32 36.02 -36.57
C VAL A 477 3.51 35.12 -36.20
N MET A 478 3.67 34.86 -34.91
CA MET A 478 4.77 34.02 -34.42
C MET A 478 4.62 32.54 -34.81
N GLN A 479 3.40 32.00 -34.78
CA GLN A 479 3.17 30.59 -35.12
C GLN A 479 3.39 30.33 -36.62
N GLN A 480 2.89 31.25 -37.45
CA GLN A 480 3.18 31.26 -38.89
C GLN A 480 4.68 31.34 -39.16
N ALA A 481 5.36 32.25 -38.45
CA ALA A 481 6.81 32.41 -38.58
C ALA A 481 7.58 31.12 -38.28
N ARG A 482 7.15 30.40 -37.25
CA ARG A 482 7.70 29.08 -36.92
C ARG A 482 7.37 28.05 -38.01
N GLU A 483 6.09 27.98 -38.40
CA GLU A 483 5.62 26.96 -39.35
C GLU A 483 6.20 27.09 -40.76
N GLN A 484 6.40 28.33 -41.21
CA GLN A 484 6.90 28.62 -42.56
C GLN A 484 8.35 29.14 -42.57
N ALA A 485 9.02 29.13 -41.41
CA ALA A 485 10.42 29.56 -41.29
C ALA A 485 10.65 30.94 -41.91
N ARG A 486 9.81 31.91 -41.55
CA ARG A 486 9.88 33.26 -42.12
C ARG A 486 11.11 34.02 -41.63
N PRO A 487 11.61 34.99 -42.44
CA PRO A 487 12.72 35.84 -41.99
C PRO A 487 12.38 36.61 -40.71
N VAL A 488 13.34 36.70 -39.81
CA VAL A 488 13.14 37.37 -38.52
C VAL A 488 12.89 38.88 -38.65
N ALA A 489 13.49 39.52 -39.66
CA ALA A 489 13.21 40.93 -39.98
C ALA A 489 11.76 41.15 -40.43
N GLU A 490 11.21 40.19 -41.16
CA GLU A 490 9.79 40.24 -41.57
C GLU A 490 8.87 40.09 -40.36
N THR A 491 9.17 39.11 -39.51
CA THR A 491 8.35 38.80 -38.34
C THR A 491 8.36 39.97 -37.36
N ALA A 492 9.53 40.57 -37.14
CA ALA A 492 9.67 41.72 -36.24
C ALA A 492 8.87 42.93 -36.72
N ASN A 493 9.02 43.28 -37.99
CA ASN A 493 8.24 44.38 -38.59
C ASN A 493 6.72 44.14 -38.48
N ALA A 494 6.28 42.91 -38.75
CA ALA A 494 4.86 42.54 -38.62
C ALA A 494 4.32 42.77 -37.20
N LEU A 495 5.09 42.37 -36.19
CA LEU A 495 4.74 42.63 -34.79
C LEU A 495 4.72 44.11 -34.47
N HIS A 496 5.73 44.84 -34.95
CA HIS A 496 5.84 46.29 -34.72
C HIS A 496 4.63 47.07 -35.25
N GLU A 497 4.15 46.70 -36.44
CA GLU A 497 2.94 47.32 -37.01
C GLU A 497 1.69 47.03 -36.18
N LEU A 498 1.57 45.80 -35.69
CA LEU A 498 0.47 45.43 -34.79
C LEU A 498 0.45 46.23 -33.48
N ILE A 499 1.62 46.47 -32.90
CA ILE A 499 1.73 47.28 -31.67
C ILE A 499 1.32 48.73 -31.95
N LYS A 500 1.86 49.30 -33.02
CA LYS A 500 1.47 50.64 -33.49
C LYS A 500 -0.04 50.75 -33.73
N GLU A 501 -0.64 49.74 -34.37
CA GLU A 501 -2.08 49.69 -34.61
C GLU A 501 -2.92 49.75 -33.31
N HIS A 502 -2.46 49.04 -32.29
CA HIS A 502 -3.20 48.91 -31.03
C HIS A 502 -2.74 49.86 -29.91
N GLU A 503 -1.66 50.59 -30.14
CA GLU A 503 -0.96 51.33 -29.07
C GLU A 503 -1.82 52.33 -28.30
N ALA A 504 -2.71 53.01 -29.02
CA ALA A 504 -3.57 54.05 -28.42
C ALA A 504 -4.46 53.53 -27.27
N GLU A 505 -4.77 52.24 -27.29
CA GLU A 505 -5.60 51.59 -26.27
C GLU A 505 -4.81 50.86 -25.17
N LEU A 506 -3.47 50.91 -25.25
CA LEU A 506 -2.58 50.42 -24.20
C LEU A 506 -2.24 51.59 -23.27
N LEU A 507 -1.57 51.27 -22.16
CA LEU A 507 -1.11 52.32 -21.24
C LEU A 507 -0.03 53.18 -21.93
N PRO A 508 0.01 54.50 -21.67
CA PRO A 508 0.91 55.39 -22.42
C PRO A 508 2.39 55.32 -21.99
N LEU A 509 3.05 54.21 -22.32
CA LEU A 509 4.46 53.95 -21.93
C LEU A 509 5.46 53.94 -23.10
N GLY A 510 4.98 54.13 -24.32
CA GLY A 510 5.85 54.16 -25.50
C GLY A 510 6.29 52.78 -25.93
N TYR A 511 5.35 51.84 -25.97
CA TYR A 511 5.65 50.44 -26.33
C TYR A 511 6.21 50.30 -27.75
N SER A 512 5.76 51.15 -28.68
CA SER A 512 6.19 51.07 -30.08
C SER A 512 7.59 51.62 -30.36
N ARG A 513 8.17 52.46 -29.49
CA ARG A 513 9.53 52.96 -29.75
C ARG A 513 10.61 51.94 -29.36
N ILE A 514 11.12 51.27 -30.38
CA ILE A 514 11.98 50.08 -30.26
C ILE A 514 13.37 50.42 -29.72
N SER A 515 13.84 51.64 -29.98
CA SER A 515 15.13 52.13 -29.49
C SER A 515 15.20 52.20 -27.96
N ASN A 516 14.06 52.42 -27.30
CA ASN A 516 13.96 52.35 -25.84
C ASN A 516 13.83 50.90 -25.37
N ARG A 517 14.94 50.34 -24.90
CA ARG A 517 15.00 48.96 -24.43
C ARG A 517 14.70 48.76 -22.94
N PHE A 518 14.44 49.85 -22.21
CA PHE A 518 14.12 49.81 -20.78
C PHE A 518 12.85 50.61 -20.49
N ILE A 519 11.70 50.00 -20.81
CA ILE A 519 10.42 50.73 -20.76
C ILE A 519 10.01 51.05 -19.32
N LEU A 520 10.17 52.32 -18.95
CA LEU A 520 9.92 52.82 -17.59
C LEU A 520 8.42 53.07 -17.34
N LYS A 521 7.99 52.88 -16.08
CA LYS A 521 6.62 53.22 -15.67
C LYS A 521 6.35 54.73 -15.70
N ASN B 22 -21.01 -25.57 29.76
CA ASN B 22 -20.47 -25.94 28.42
C ASN B 22 -21.54 -25.89 27.33
N GLN B 23 -21.45 -24.87 26.47
CA GLN B 23 -22.23 -24.78 25.23
C GLN B 23 -22.21 -26.10 24.45
N TYR B 24 -20.99 -26.57 24.14
CA TYR B 24 -20.78 -27.74 23.29
C TYR B 24 -20.03 -28.85 24.01
N ASP B 25 -20.06 -30.04 23.44
CA ASP B 25 -19.24 -31.16 23.91
C ASP B 25 -17.82 -31.01 23.39
N VAL B 26 -17.72 -30.79 22.08
CA VAL B 26 -16.43 -30.74 21.38
C VAL B 26 -16.37 -29.54 20.44
N ILE B 27 -15.25 -28.82 20.49
CA ILE B 27 -14.91 -27.81 19.49
C ILE B 27 -13.83 -28.41 18.56
N ILE B 28 -14.01 -28.22 17.25
CA ILE B 28 -13.05 -28.68 16.24
C ILE B 28 -12.52 -27.47 15.48
N ILE B 29 -11.19 -27.33 15.43
CA ILE B 29 -10.55 -26.28 14.64
C ILE B 29 -10.17 -26.89 13.29
N GLY B 30 -10.71 -26.34 12.21
CA GLY B 30 -10.48 -26.82 10.85
C GLY B 30 -11.75 -27.46 10.32
N SER B 31 -12.16 -27.03 9.13
CA SER B 31 -13.37 -27.55 8.47
C SER B 31 -13.05 -28.27 7.16
N GLY B 32 -11.79 -28.68 6.99
CA GLY B 32 -11.38 -29.53 5.86
C GLY B 32 -11.87 -30.95 6.09
N ILE B 33 -11.40 -31.89 5.27
CA ILE B 33 -11.89 -33.27 5.36
C ILE B 33 -11.67 -33.88 6.75
N ALA B 34 -10.52 -33.61 7.37
CA ALA B 34 -10.19 -34.16 8.69
C ALA B 34 -11.18 -33.70 9.76
N GLY B 35 -11.32 -32.39 9.91
CA GLY B 35 -12.22 -31.80 10.89
C GLY B 35 -13.68 -32.10 10.66
N ALA B 36 -14.07 -32.15 9.38
CA ALA B 36 -15.46 -32.39 9.01
C ALA B 36 -15.89 -33.83 9.28
N LEU B 37 -15.03 -34.79 8.95
CA LEU B 37 -15.31 -36.20 9.25
C LEU B 37 -15.27 -36.49 10.74
N THR B 38 -14.39 -35.80 11.48
CA THR B 38 -14.37 -35.86 12.94
C THR B 38 -15.70 -35.34 13.50
N GLY B 39 -16.14 -34.19 12.99
CA GLY B 39 -17.41 -33.60 13.40
C GLY B 39 -18.63 -34.43 13.04
N ALA B 40 -18.57 -35.11 11.89
CA ALA B 40 -19.67 -35.95 11.40
C ALA B 40 -19.90 -37.17 12.28
N VAL B 41 -18.81 -37.86 12.62
CA VAL B 41 -18.89 -39.10 13.43
C VAL B 41 -19.31 -38.80 14.87
N LEU B 42 -18.84 -37.69 15.42
CA LEU B 42 -19.21 -37.28 16.78
C LEU B 42 -20.65 -36.77 16.88
N ALA B 43 -21.11 -36.03 15.87
CA ALA B 43 -22.50 -35.55 15.81
C ALA B 43 -23.50 -36.68 15.62
N LYS B 44 -23.17 -37.60 14.71
CA LYS B 44 -23.90 -38.87 14.53
C LYS B 44 -24.04 -39.67 15.83
N SER B 45 -22.96 -39.70 16.61
CA SER B 45 -22.90 -40.47 17.87
C SER B 45 -23.57 -39.80 19.08
N GLY B 46 -24.09 -38.59 18.91
CA GLY B 46 -24.88 -37.91 19.94
C GLY B 46 -24.26 -36.67 20.57
N LEU B 47 -23.09 -36.26 20.11
CA LEU B 47 -22.40 -35.07 20.66
C LEU B 47 -22.86 -33.77 19.99
N ASN B 48 -22.82 -32.69 20.78
CA ASN B 48 -23.03 -31.34 20.27
C ASN B 48 -21.66 -30.78 19.86
N VAL B 49 -21.47 -30.59 18.55
CA VAL B 49 -20.17 -30.29 17.96
C VAL B 49 -20.18 -28.90 17.32
N LEU B 50 -19.10 -28.16 17.54
CA LEU B 50 -18.87 -26.89 16.86
C LEU B 50 -17.57 -26.94 16.05
N ILE B 51 -17.68 -26.72 14.75
CA ILE B 51 -16.51 -26.63 13.86
C ILE B 51 -16.19 -25.14 13.60
N LEU B 52 -14.94 -24.77 13.85
CA LEU B 52 -14.45 -23.39 13.65
C LEU B 52 -13.37 -23.39 12.57
N ASP B 53 -13.43 -22.38 11.69
CA ASP B 53 -12.45 -22.25 10.60
C ASP B 53 -12.28 -20.79 10.20
N SER B 54 -11.02 -20.36 10.11
CA SER B 54 -10.70 -19.00 9.62
C SER B 54 -10.91 -18.86 8.11
N ALA B 55 -10.81 -19.96 7.39
CA ALA B 55 -11.10 -20.00 5.96
C ALA B 55 -12.59 -20.24 5.73
N GLN B 56 -12.99 -20.25 4.47
CA GLN B 56 -14.35 -20.60 4.09
C GLN B 56 -14.35 -21.45 2.83
N HIS B 57 -15.40 -22.26 2.69
CA HIS B 57 -15.59 -23.09 1.50
C HIS B 57 -16.29 -22.27 0.40
N PRO B 58 -15.98 -22.47 -0.89
CA PRO B 58 -14.96 -23.41 -1.36
C PRO B 58 -13.55 -22.88 -1.17
N ARG B 59 -12.58 -23.76 -0.94
CA ARG B 59 -11.19 -23.34 -0.97
C ARG B 59 -10.24 -24.46 -1.40
N PHE B 60 -9.13 -24.02 -1.99
CA PHE B 60 -8.07 -24.90 -2.44
C PHE B 60 -7.35 -25.56 -1.26
N SER B 61 -6.96 -26.81 -1.47
CA SER B 61 -6.12 -27.52 -0.51
C SER B 61 -5.32 -28.61 -1.24
N VAL B 62 -4.09 -28.81 -0.77
CA VAL B 62 -3.25 -29.92 -1.22
C VAL B 62 -3.48 -31.16 -0.35
N GLY B 63 -2.92 -32.29 -0.78
CA GLY B 63 -3.05 -33.57 -0.08
C GLY B 63 -4.04 -34.42 -0.87
N GLU B 64 -3.64 -34.76 -2.08
CA GLU B 64 -4.56 -35.22 -3.13
C GLU B 64 -4.48 -36.71 -3.49
N ALA B 65 -3.33 -37.34 -3.24
CA ALA B 65 -3.13 -38.75 -3.59
C ALA B 65 -3.69 -39.66 -2.51
N ALA B 66 -4.85 -40.26 -2.78
CA ALA B 66 -5.36 -41.35 -1.96
C ALA B 66 -4.48 -42.58 -2.12
N THR B 67 -4.60 -43.50 -1.17
CA THR B 67 -3.83 -44.74 -1.16
C THR B 67 -4.77 -45.88 -0.83
N PRO B 68 -4.31 -47.15 -0.99
CA PRO B 68 -5.15 -48.25 -0.54
C PRO B 68 -5.48 -48.17 0.95
N GLU B 69 -4.51 -47.76 1.77
CA GLU B 69 -4.75 -47.58 3.22
C GLU B 69 -5.80 -46.51 3.49
N SER B 70 -5.67 -45.35 2.85
CA SER B 70 -6.61 -44.23 3.09
C SER B 70 -8.04 -44.59 2.68
N GLY B 71 -8.17 -45.39 1.62
CA GLY B 71 -9.46 -45.91 1.17
C GLY B 71 -10.13 -46.86 2.16
N PHE B 72 -9.37 -47.82 2.68
CA PHE B 72 -9.87 -48.74 3.71
C PHE B 72 -10.22 -48.00 5.01
N LEU B 73 -9.42 -47.00 5.36
CA LEU B 73 -9.69 -46.19 6.55
C LEU B 73 -10.99 -45.39 6.44
N LEU B 74 -11.28 -44.86 5.25
CA LEU B 74 -12.57 -44.17 5.01
C LEU B 74 -13.75 -45.13 5.11
N ARG B 75 -13.61 -46.33 4.53
CA ARG B 75 -14.65 -47.36 4.63
C ARG B 75 -14.84 -47.84 6.07
N LEU B 76 -13.75 -47.94 6.81
CA LEU B 76 -13.80 -48.26 8.24
C LEU B 76 -14.53 -47.18 9.06
N LEU B 77 -14.22 -45.91 8.79
CA LEU B 77 -14.94 -44.79 9.42
C LEU B 77 -16.43 -44.84 9.12
N SER B 78 -16.75 -45.09 7.85
CA SER B 78 -18.15 -45.24 7.41
C SER B 78 -18.89 -46.37 8.11
N LYS B 79 -18.22 -47.52 8.28
CA LYS B 79 -18.84 -48.71 8.86
C LYS B 79 -18.88 -48.63 10.40
N ARG B 80 -17.76 -48.24 11.00
CA ARG B 80 -17.65 -48.09 12.46
C ARG B 80 -18.69 -47.14 13.07
N PHE B 81 -19.03 -46.07 12.34
CA PHE B 81 -19.98 -45.05 12.81
C PHE B 81 -21.31 -44.99 12.03
N ASP B 82 -21.47 -45.88 11.05
CA ASP B 82 -22.71 -46.05 10.26
C ASP B 82 -23.12 -44.77 9.52
N ILE B 83 -22.17 -44.19 8.80
CA ILE B 83 -22.44 -43.06 7.89
C ILE B 83 -22.03 -43.53 6.49
N PRO B 84 -22.99 -44.07 5.71
CA PRO B 84 -22.71 -44.57 4.36
C PRO B 84 -22.01 -43.57 3.40
N GLU B 85 -22.30 -42.28 3.55
CA GLU B 85 -21.69 -41.24 2.71
C GLU B 85 -20.17 -41.12 2.79
N ILE B 86 -19.59 -41.46 3.93
CA ILE B 86 -18.14 -41.39 4.10
C ILE B 86 -17.44 -42.38 3.14
N ALA B 87 -18.02 -43.58 3.00
CA ALA B 87 -17.51 -44.60 2.08
C ALA B 87 -17.51 -44.20 0.59
N TYR B 88 -18.40 -43.28 0.19
CA TYR B 88 -18.38 -42.74 -1.17
C TYR B 88 -17.05 -42.07 -1.51
N LEU B 89 -16.42 -41.45 -0.51
CA LEU B 89 -15.10 -40.81 -0.69
C LEU B 89 -13.91 -41.76 -0.90
N SER B 90 -14.12 -43.08 -0.80
CA SER B 90 -13.03 -44.07 -0.87
C SER B 90 -12.76 -44.68 -2.25
N HIS B 91 -13.68 -44.49 -3.20
CA HIS B 91 -13.55 -45.05 -4.55
C HIS B 91 -13.88 -43.99 -5.61
N PRO B 92 -13.06 -43.87 -6.69
CA PRO B 92 -13.27 -42.78 -7.66
C PRO B 92 -14.64 -42.76 -8.35
N ASP B 93 -15.12 -43.93 -8.83
CA ASP B 93 -16.49 -44.05 -9.39
C ASP B 93 -17.62 -43.58 -8.47
N LYS B 94 -17.49 -43.81 -7.17
CA LYS B 94 -18.49 -43.34 -6.19
C LYS B 94 -18.33 -41.85 -5.88
N ILE B 95 -17.10 -41.33 -5.94
CA ILE B 95 -16.86 -39.88 -5.89
C ILE B 95 -17.53 -39.20 -7.08
N ILE B 96 -17.30 -39.71 -8.29
CA ILE B 96 -17.89 -39.16 -9.53
C ILE B 96 -19.41 -39.13 -9.43
N GLN B 97 -19.98 -40.24 -8.99
CA GLN B 97 -21.44 -40.40 -8.88
C GLN B 97 -22.09 -39.53 -7.79
N HIS B 98 -21.48 -39.48 -6.61
CA HIS B 98 -22.11 -38.85 -5.43
C HIS B 98 -21.61 -37.44 -5.07
N VAL B 99 -20.33 -37.17 -5.30
CA VAL B 99 -19.76 -35.83 -5.03
C VAL B 99 -19.89 -34.97 -6.28
N GLY B 100 -19.37 -35.46 -7.40
CA GLY B 100 -19.47 -34.78 -8.68
C GLY B 100 -18.37 -35.21 -9.64
N SER B 101 -18.61 -35.00 -10.93
CA SER B 101 -17.69 -35.47 -11.97
C SER B 101 -16.34 -34.71 -12.02
N SER B 102 -16.27 -33.52 -11.43
CA SER B 102 -14.99 -32.79 -11.32
C SER B 102 -14.24 -33.06 -10.01
N ALA B 103 -14.81 -33.88 -9.13
CA ALA B 103 -14.30 -34.04 -7.75
C ALA B 103 -13.05 -34.90 -7.65
N CYS B 104 -12.74 -35.68 -8.68
CA CYS B 104 -11.52 -36.49 -8.65
C CYS B 104 -10.99 -36.88 -10.02
N GLY B 105 -9.70 -37.21 -10.05
CA GLY B 105 -9.09 -37.99 -11.13
C GLY B 105 -8.95 -39.43 -10.68
N ILE B 106 -8.45 -40.29 -11.57
CA ILE B 106 -8.19 -41.69 -11.25
C ILE B 106 -6.72 -41.96 -10.94
N LYS B 107 -6.50 -43.00 -10.14
CA LYS B 107 -5.17 -43.46 -9.74
C LYS B 107 -5.14 -44.99 -9.81
N LEU B 108 -4.43 -45.54 -10.79
CA LEU B 108 -4.26 -46.98 -10.98
C LEU B 108 -2.95 -47.53 -10.40
N GLY B 109 -2.16 -46.66 -9.77
CA GLY B 109 -0.90 -47.04 -9.14
C GLY B 109 -0.04 -45.83 -8.83
N PHE B 110 1.10 -46.09 -8.23
CA PHE B 110 2.16 -45.09 -8.07
C PHE B 110 3.14 -45.33 -9.20
N SER B 111 3.73 -44.25 -9.72
CA SER B 111 4.83 -44.37 -10.69
C SER B 111 5.97 -43.44 -10.31
N PHE B 112 7.20 -43.91 -10.57
CA PHE B 112 8.41 -43.18 -10.23
C PHE B 112 9.33 -43.19 -11.44
N ALA B 113 9.77 -42.00 -11.86
CA ALA B 113 10.67 -41.84 -13.00
C ALA B 113 11.91 -41.08 -12.53
N TRP B 114 13.08 -41.68 -12.74
CA TRP B 114 14.35 -41.14 -12.21
C TRP B 114 15.10 -40.34 -13.27
N HIS B 115 15.69 -39.22 -12.84
CA HIS B 115 16.44 -38.33 -13.70
C HIS B 115 17.73 -37.92 -13.01
N GLN B 116 18.61 -37.31 -13.80
CA GLN B 116 19.88 -36.81 -13.32
C GLN B 116 20.28 -35.58 -14.12
N GLU B 117 20.84 -34.60 -13.41
CA GLU B 117 21.34 -33.37 -14.03
C GLU B 117 22.51 -33.69 -14.96
N ASN B 118 22.53 -33.04 -16.12
CA ASN B 118 23.58 -33.22 -17.14
C ASN B 118 23.62 -34.59 -17.83
N ALA B 119 22.49 -35.27 -17.86
CA ALA B 119 22.35 -36.53 -18.60
C ALA B 119 20.92 -36.62 -19.10
N PRO B 120 20.72 -37.19 -20.32
CA PRO B 120 19.35 -37.38 -20.79
C PRO B 120 18.63 -38.49 -20.01
N SER B 121 17.32 -38.34 -19.87
CA SER B 121 16.51 -39.26 -19.07
C SER B 121 16.09 -40.47 -19.89
N SER B 122 16.18 -41.65 -19.27
CA SER B 122 15.81 -42.90 -19.92
C SER B 122 14.39 -43.32 -19.50
N PRO B 123 13.56 -43.79 -20.46
CA PRO B 123 12.27 -44.39 -20.09
C PRO B 123 12.36 -45.73 -19.35
N ASP B 124 13.54 -46.34 -19.31
CA ASP B 124 13.78 -47.57 -18.55
C ASP B 124 14.08 -47.33 -17.06
N HIS B 125 14.32 -46.07 -16.67
CA HIS B 125 14.50 -45.71 -15.27
C HIS B 125 13.14 -45.40 -14.62
N LEU B 126 12.32 -46.43 -14.56
CA LEU B 126 10.90 -46.35 -14.22
C LEU B 126 10.55 -47.50 -13.28
N VAL B 127 9.81 -47.21 -12.21
CA VAL B 127 9.07 -48.25 -11.49
C VAL B 127 7.62 -47.80 -11.29
N ALA B 128 6.69 -48.73 -11.40
CA ALA B 128 5.27 -48.41 -11.30
C ALA B 128 4.44 -49.62 -10.83
N PRO B 129 4.34 -49.83 -9.50
CA PRO B 129 3.46 -50.89 -9.00
C PRO B 129 1.98 -50.53 -9.19
N PRO B 130 1.23 -51.35 -9.96
CA PRO B 130 -0.19 -51.08 -10.12
C PRO B 130 -1.03 -51.58 -8.94
N LEU B 131 -2.19 -50.96 -8.75
CA LEU B 131 -3.15 -51.34 -7.70
C LEU B 131 -4.07 -52.44 -8.19
N LYS B 132 -4.64 -53.18 -7.24
CA LYS B 132 -5.72 -54.13 -7.53
C LYS B 132 -7.01 -53.38 -7.90
N VAL B 133 -7.31 -52.34 -7.12
CA VAL B 133 -8.54 -51.55 -7.27
C VAL B 133 -8.15 -50.08 -7.51
N PRO B 134 -8.89 -49.36 -8.39
CA PRO B 134 -8.56 -47.95 -8.60
C PRO B 134 -8.79 -47.07 -7.36
N GLU B 135 -7.94 -46.05 -7.21
CA GLU B 135 -8.09 -45.03 -6.18
C GLU B 135 -8.24 -43.64 -6.81
N ALA B 136 -8.44 -42.64 -5.96
CA ALA B 136 -8.78 -41.30 -6.40
C ALA B 136 -7.63 -40.29 -6.28
N HIS B 137 -7.57 -39.37 -7.24
CA HIS B 137 -6.86 -38.11 -7.07
C HIS B 137 -7.88 -37.07 -6.60
N LEU B 138 -7.82 -36.73 -5.32
CA LEU B 138 -8.84 -35.91 -4.67
C LEU B 138 -8.70 -34.42 -5.00
N PHE B 139 -9.69 -33.90 -5.73
CA PHE B 139 -9.82 -32.44 -5.94
C PHE B 139 -10.42 -31.87 -4.65
N ARG B 140 -9.52 -31.44 -3.75
CA ARG B 140 -9.87 -31.18 -2.35
C ARG B 140 -10.93 -30.10 -2.12
N GLN B 141 -11.00 -29.10 -3.00
CA GLN B 141 -12.07 -28.09 -2.89
C GLN B 141 -13.48 -28.71 -2.91
N ASP B 142 -13.66 -29.75 -3.72
CA ASP B 142 -14.95 -30.44 -3.86
C ASP B 142 -15.14 -31.52 -2.79
N ILE B 143 -14.10 -32.32 -2.56
CA ILE B 143 -14.13 -33.40 -1.57
C ILE B 143 -14.35 -32.87 -0.15
N ASP B 144 -13.63 -31.81 0.22
CA ASP B 144 -13.74 -31.23 1.56
C ASP B 144 -15.09 -30.56 1.83
N TYR B 145 -15.65 -29.91 0.82
CA TYR B 145 -16.96 -29.26 0.98
C TYR B 145 -18.05 -30.30 1.17
N PHE B 146 -18.01 -31.36 0.35
CA PHE B 146 -18.88 -32.53 0.52
C PHE B 146 -18.76 -33.15 1.92
N ALA B 147 -17.53 -33.29 2.42
CA ALA B 147 -17.29 -33.81 3.76
C ALA B 147 -17.92 -32.93 4.83
N LEU B 148 -17.78 -31.61 4.69
CA LEU B 148 -18.45 -30.67 5.60
C LEU B 148 -19.97 -30.81 5.53
N MET B 149 -20.52 -31.00 4.34
CA MET B 149 -21.95 -31.26 4.18
C MET B 149 -22.43 -32.51 4.92
N ILE B 150 -21.60 -33.55 4.98
CA ILE B 150 -21.89 -34.74 5.81
C ILE B 150 -22.05 -34.33 7.29
N ALA B 151 -21.12 -33.53 7.78
CA ALA B 151 -21.14 -33.07 9.18
C ALA B 151 -22.37 -32.23 9.48
N LEU B 152 -22.65 -31.26 8.61
CA LEU B 152 -23.81 -30.38 8.74
C LEU B 152 -25.14 -31.14 8.76
N LYS B 153 -25.26 -32.16 7.91
CA LYS B 153 -26.46 -32.98 7.84
C LYS B 153 -26.69 -33.87 9.08
N HIS B 154 -25.62 -34.19 9.80
CA HIS B 154 -25.71 -34.93 11.08
C HIS B 154 -25.76 -34.05 12.33
N GLY B 155 -25.90 -32.73 12.16
CA GLY B 155 -26.18 -31.81 13.26
C GLY B 155 -24.99 -31.01 13.79
N ALA B 156 -23.82 -31.17 13.19
CA ALA B 156 -22.65 -30.37 13.55
C ALA B 156 -22.87 -28.90 13.16
N GLU B 157 -22.56 -28.00 14.08
CA GLU B 157 -22.59 -26.57 13.78
C GLU B 157 -21.23 -26.17 13.21
N SER B 158 -21.26 -25.26 12.25
CA SER B 158 -20.05 -24.80 11.56
C SER B 158 -20.03 -23.26 11.47
N ARG B 159 -18.90 -22.68 11.85
CA ARG B 159 -18.68 -21.23 11.70
C ARG B 159 -17.41 -20.96 10.90
N GLN B 160 -17.58 -20.25 9.79
CA GLN B 160 -16.51 -19.91 8.86
C GLN B 160 -16.11 -18.44 9.03
N ASN B 161 -14.93 -18.09 8.51
CA ASN B 161 -14.37 -16.74 8.61
C ASN B 161 -14.32 -16.16 10.03
N ILE B 162 -14.00 -17.02 10.99
CA ILE B 162 -13.81 -16.60 12.38
C ILE B 162 -12.33 -16.29 12.60
N LYS B 163 -12.03 -15.53 13.66
CA LYS B 163 -10.66 -15.32 14.11
C LYS B 163 -10.63 -15.65 15.59
N ILE B 164 -9.79 -16.63 15.95
CA ILE B 164 -9.65 -17.07 17.34
C ILE B 164 -8.58 -16.19 17.99
N GLU B 165 -8.98 -15.46 19.03
CA GLU B 165 -8.06 -14.63 19.80
C GLU B 165 -7.20 -15.49 20.72
N SER B 166 -7.85 -16.33 21.52
CA SER B 166 -7.17 -17.24 22.44
C SER B 166 -7.97 -18.49 22.77
N ILE B 167 -7.28 -19.47 23.34
CA ILE B 167 -7.86 -20.74 23.78
C ILE B 167 -7.44 -20.96 25.24
N SER B 168 -8.40 -21.18 26.12
CA SER B 168 -8.14 -21.46 27.53
C SER B 168 -8.48 -22.92 27.85
N LEU B 169 -7.50 -23.62 28.43
CA LEU B 169 -7.68 -24.99 28.91
C LEU B 169 -7.70 -25.01 30.44
N ASN B 170 -8.90 -25.17 31.00
CA ASN B 170 -9.10 -25.28 32.45
C ASN B 170 -9.45 -26.73 32.78
N ASP B 171 -9.51 -27.09 34.06
CA ASP B 171 -9.94 -28.46 34.43
C ASP B 171 -11.45 -28.70 34.35
N ASP B 172 -12.24 -27.63 34.20
CA ASP B 172 -13.70 -27.75 33.95
C ASP B 172 -14.11 -27.64 32.47
N GLY B 173 -13.15 -27.31 31.59
CA GLY B 173 -13.40 -27.33 30.15
C GLY B 173 -12.46 -26.45 29.32
N VAL B 174 -12.96 -26.05 28.15
CA VAL B 174 -12.21 -25.23 27.19
C VAL B 174 -13.02 -23.98 26.89
N GLU B 175 -12.35 -22.84 26.82
CA GLU B 175 -12.96 -21.58 26.35
C GLU B 175 -12.16 -21.02 25.19
N VAL B 176 -12.87 -20.68 24.11
CA VAL B 176 -12.27 -20.10 22.91
C VAL B 176 -12.89 -18.72 22.70
N ALA B 177 -12.08 -17.67 22.83
CA ALA B 177 -12.52 -16.29 22.55
C ALA B 177 -12.45 -16.02 21.06
N LEU B 178 -13.50 -15.42 20.53
CA LEU B 178 -13.60 -15.05 19.12
C LEU B 178 -13.77 -13.53 18.99
N SER B 179 -13.25 -12.97 17.93
CA SER B 179 -13.52 -11.57 17.56
C SER B 179 -14.95 -11.45 17.03
N ASN B 180 -15.61 -10.33 17.34
CA ASN B 180 -16.99 -10.04 16.89
C ASN B 180 -18.07 -11.08 17.31
N ALA B 181 -17.82 -11.78 18.40
CA ALA B 181 -18.74 -12.80 18.92
C ALA B 181 -18.38 -13.18 20.34
N ALA B 182 -19.36 -13.67 21.09
CA ALA B 182 -19.14 -14.14 22.46
C ALA B 182 -18.22 -15.35 22.47
N PRO B 183 -17.48 -15.58 23.58
CA PRO B 183 -16.61 -16.75 23.62
C PRO B 183 -17.44 -18.03 23.68
N VAL B 184 -16.89 -19.12 23.15
CA VAL B 184 -17.60 -20.41 23.14
C VAL B 184 -16.87 -21.42 24.01
N LYS B 185 -17.66 -22.28 24.66
CA LYS B 185 -17.16 -23.22 25.66
C LYS B 185 -17.43 -24.65 25.27
N ALA B 186 -16.55 -25.55 25.69
CA ALA B 186 -16.68 -26.97 25.41
C ALA B 186 -15.93 -27.83 26.43
N ALA B 187 -16.32 -29.10 26.49
CA ALA B 187 -15.62 -30.11 27.30
C ALA B 187 -14.26 -30.51 26.71
N PHE B 188 -14.07 -30.33 25.40
CA PHE B 188 -12.91 -30.85 24.70
C PHE B 188 -12.67 -30.06 23.40
N ILE B 189 -11.41 -29.93 23.00
CA ILE B 189 -11.07 -29.25 21.74
C ILE B 189 -10.13 -30.11 20.89
N ILE B 190 -10.49 -30.28 19.61
CA ILE B 190 -9.69 -31.06 18.67
C ILE B 190 -9.12 -30.11 17.62
N ASP B 191 -7.80 -30.12 17.46
CA ASP B 191 -7.14 -29.32 16.42
C ASP B 191 -7.00 -30.17 15.15
N ALA B 192 -7.84 -29.87 14.16
CA ALA B 192 -7.82 -30.55 12.86
C ALA B 192 -7.30 -29.67 11.73
N ALA B 193 -6.61 -28.57 12.09
CA ALA B 193 -6.11 -27.61 11.11
C ALA B 193 -5.11 -28.25 10.14
N ALA B 194 -5.35 -28.02 8.85
CA ALA B 194 -4.50 -28.53 7.77
C ALA B 194 -3.08 -27.96 7.80
N GLN B 195 -2.96 -26.67 8.11
CA GLN B 195 -1.66 -25.99 8.20
C GLN B 195 -1.64 -25.00 9.36
N GLY B 196 -0.44 -24.73 9.88
CA GLY B 196 -0.23 -23.77 10.95
C GLY B 196 -0.20 -24.32 12.37
N SER B 197 -0.70 -25.55 12.56
CA SER B 197 -0.80 -26.21 13.88
C SER B 197 -1.03 -25.24 15.06
N PRO B 198 -2.13 -24.47 15.02
CA PRO B 198 -2.34 -23.32 15.93
C PRO B 198 -2.45 -23.63 17.43
N LEU B 199 -3.01 -24.78 17.81
CA LEU B 199 -3.06 -25.17 19.23
C LEU B 199 -1.67 -25.65 19.70
N SER B 200 -0.94 -26.34 18.82
CA SER B 200 0.46 -26.68 19.06
C SER B 200 1.36 -25.45 19.24
N ARG B 201 1.00 -24.36 18.54
CA ARG B 201 1.69 -23.06 18.68
C ARG B 201 1.60 -22.49 20.09
N GLN B 202 0.37 -22.23 20.56
CA GLN B 202 0.19 -21.56 21.86
C GLN B 202 0.63 -22.42 23.06
N LEU B 203 0.57 -23.74 22.90
CA LEU B 203 1.06 -24.69 23.92
C LEU B 203 2.57 -24.99 23.83
N GLY B 204 3.24 -24.49 22.78
CA GLY B 204 4.69 -24.63 22.61
C GLY B 204 5.21 -26.05 22.47
N LEU B 205 4.38 -26.94 21.93
CA LEU B 205 4.72 -28.35 21.75
C LEU B 205 5.48 -28.62 20.45
N ARG B 206 5.39 -27.66 19.51
CA ARG B 206 5.86 -27.84 18.15
C ARG B 206 7.37 -27.66 18.03
N THR B 207 8.04 -28.56 17.31
CA THR B 207 9.49 -28.46 17.07
C THR B 207 9.92 -29.10 15.74
N THR B 208 10.99 -28.53 15.17
CA THR B 208 11.73 -29.15 14.06
C THR B 208 12.93 -29.98 14.55
N GLU B 209 13.28 -29.85 15.83
CA GLU B 209 14.41 -30.56 16.43
C GLU B 209 14.21 -32.08 16.35
N GLY B 210 15.25 -32.79 15.91
CA GLY B 210 15.24 -34.25 15.81
C GLY B 210 14.84 -34.85 14.46
N LEU B 211 14.34 -34.03 13.54
CA LEU B 211 13.84 -34.52 12.24
C LEU B 211 14.95 -34.73 11.22
N ALA B 212 14.96 -35.91 10.59
CA ALA B 212 15.90 -36.24 9.52
C ALA B 212 15.54 -35.57 8.18
N THR B 213 14.27 -35.20 8.01
CA THR B 213 13.78 -34.59 6.77
C THR B 213 13.75 -33.06 6.91
N ASP B 214 14.43 -32.39 5.98
CA ASP B 214 14.48 -30.93 5.88
C ASP B 214 14.16 -30.57 4.43
N THR B 215 12.89 -30.24 4.16
CA THR B 215 12.40 -30.04 2.79
C THR B 215 11.50 -28.81 2.66
N CYS B 216 11.51 -28.22 1.47
CA CYS B 216 10.64 -27.10 1.10
C CYS B 216 9.73 -27.57 -0.03
N SER B 217 8.68 -26.81 -0.31
CA SER B 217 7.71 -27.19 -1.34
C SER B 217 7.16 -25.99 -2.12
N PHE B 218 7.01 -26.17 -3.42
CA PHE B 218 6.31 -25.23 -4.31
C PHE B 218 5.20 -26.03 -4.96
N PHE B 219 3.96 -25.53 -4.91
CA PHE B 219 2.83 -26.25 -5.52
C PHE B 219 1.75 -25.36 -6.13
N THR B 220 1.06 -25.91 -7.11
CA THR B 220 -0.02 -25.23 -7.83
C THR B 220 -0.84 -26.23 -8.63
N HIS B 221 -1.85 -25.71 -9.32
CA HIS B 221 -2.67 -26.46 -10.26
C HIS B 221 -2.51 -25.85 -11.65
N MET B 222 -2.42 -26.70 -12.67
CA MET B 222 -2.16 -26.26 -14.06
C MET B 222 -3.16 -26.85 -15.05
N LEU B 223 -3.38 -26.11 -16.14
CA LEU B 223 -4.14 -26.58 -17.30
C LEU B 223 -3.18 -27.04 -18.39
N ASN B 224 -3.66 -27.93 -19.26
CA ASN B 224 -2.91 -28.41 -20.43
C ASN B 224 -1.53 -29.00 -20.10
N VAL B 225 -1.44 -29.73 -19.00
CA VAL B 225 -0.24 -30.51 -18.68
C VAL B 225 -0.35 -31.81 -19.47
N LYS B 226 0.65 -32.07 -20.30
CA LYS B 226 0.64 -33.24 -21.18
C LYS B 226 0.89 -34.52 -20.39
N SER B 227 0.25 -35.60 -20.82
CA SER B 227 0.42 -36.91 -20.19
C SER B 227 1.85 -37.42 -20.36
N TYR B 228 2.30 -38.29 -19.45
CA TYR B 228 3.62 -38.91 -19.57
C TYR B 228 3.76 -39.62 -20.92
N GLU B 229 2.69 -40.32 -21.30
CA GLU B 229 2.67 -41.11 -22.53
C GLU B 229 2.92 -40.25 -23.78
N ASP B 230 2.19 -39.13 -23.87
CA ASP B 230 2.33 -38.20 -25.00
C ASP B 230 3.62 -37.35 -24.97
N ALA B 231 4.11 -37.05 -23.78
CA ALA B 231 5.23 -36.12 -23.60
C ALA B 231 6.60 -36.80 -23.62
N LEU B 232 6.71 -37.98 -23.00
CA LEU B 232 8.01 -38.63 -22.78
C LEU B 232 8.18 -39.97 -23.49
N ALA B 233 7.30 -40.91 -23.22
CA ALA B 233 7.38 -42.25 -23.85
C ALA B 233 6.04 -42.97 -23.80
N PRO B 234 5.56 -43.51 -24.95
CA PRO B 234 4.30 -44.27 -24.92
C PRO B 234 4.42 -45.59 -24.16
N LEU B 235 3.28 -46.25 -23.97
CA LEU B 235 3.22 -47.56 -23.30
C LEU B 235 4.08 -48.63 -23.98
N SER B 236 4.13 -48.57 -25.31
CA SER B 236 4.97 -49.47 -26.11
C SER B 236 6.47 -49.38 -25.78
N ARG B 237 6.93 -48.19 -25.37
CA ARG B 237 8.33 -47.96 -25.02
C ARG B 237 8.64 -48.29 -23.54
N THR B 238 7.81 -47.80 -22.62
CA THR B 238 8.00 -48.04 -21.18
C THR B 238 7.70 -49.48 -20.76
N ARG B 239 6.72 -50.09 -21.44
CA ARG B 239 6.15 -51.41 -21.10
C ARG B 239 5.47 -51.44 -19.73
N SER B 240 4.96 -50.29 -19.29
CA SER B 240 4.25 -50.18 -18.04
C SER B 240 2.87 -50.83 -18.19
N PRO B 241 2.42 -51.58 -17.17
CA PRO B 241 1.06 -52.15 -17.22
C PRO B 241 -0.05 -51.12 -17.00
N ILE B 242 0.31 -49.91 -16.61
CA ILE B 242 -0.63 -48.79 -16.48
C ILE B 242 -0.08 -47.55 -17.17
N GLU B 243 -0.99 -46.71 -17.67
CA GLU B 243 -0.62 -45.39 -18.15
C GLU B 243 -0.13 -44.60 -16.94
N LEU B 244 1.05 -44.01 -17.02
CA LEU B 244 1.55 -43.13 -15.95
C LEU B 244 0.68 -41.86 -15.80
N PHE B 245 -0.06 -41.52 -16.85
CA PHE B 245 -1.15 -40.53 -16.80
C PHE B 245 -2.19 -40.88 -15.74
N LYS B 246 -2.57 -42.17 -15.68
CA LYS B 246 -3.52 -42.69 -14.69
C LYS B 246 -2.81 -43.21 -13.43
N SER B 247 -1.83 -42.46 -12.96
CA SER B 247 -1.07 -42.81 -11.77
C SER B 247 -0.63 -41.54 -11.06
N THR B 248 -0.31 -41.68 -9.78
CA THR B 248 0.43 -40.65 -9.06
C THR B 248 1.89 -40.79 -9.51
N LEU B 249 2.32 -39.82 -10.32
CA LEU B 249 3.65 -39.84 -10.95
C LEU B 249 4.60 -38.97 -10.15
N HIS B 250 5.73 -39.55 -9.75
CA HIS B 250 6.79 -38.88 -9.01
C HIS B 250 8.02 -38.84 -9.91
N HIS B 251 8.44 -37.64 -10.32
CA HIS B 251 9.74 -37.48 -11.00
C HIS B 251 10.78 -37.23 -9.94
N ILE B 252 11.72 -38.17 -9.80
CA ILE B 252 12.71 -38.15 -8.73
C ILE B 252 14.12 -37.85 -9.24
N PHE B 253 14.89 -37.16 -8.40
CA PHE B 253 16.28 -36.80 -8.71
C PHE B 253 16.99 -36.48 -7.40
N GLU B 254 18.32 -36.38 -7.45
CA GLU B 254 19.14 -36.35 -6.23
C GLU B 254 18.70 -35.34 -5.17
N GLU B 255 18.47 -34.10 -5.59
CA GLU B 255 18.14 -33.02 -4.65
C GLU B 255 16.65 -32.88 -4.31
N GLY B 256 15.78 -33.66 -4.96
CA GLY B 256 14.33 -33.55 -4.70
C GLY B 256 13.42 -34.32 -5.63
N TRP B 257 12.16 -33.89 -5.69
CA TRP B 257 11.18 -34.52 -6.57
C TRP B 257 10.03 -33.61 -6.96
N LEU B 258 9.33 -34.02 -8.01
CA LEU B 258 8.19 -33.28 -8.57
C LEU B 258 7.04 -34.25 -8.77
N TRP B 259 5.83 -33.83 -8.39
CA TRP B 259 4.63 -34.63 -8.61
C TRP B 259 3.82 -34.16 -9.80
N VAL B 260 3.19 -35.11 -10.49
CA VAL B 260 2.21 -34.86 -11.53
C VAL B 260 0.99 -35.69 -11.13
N ILE B 261 -0.04 -35.00 -10.65
CA ILE B 261 -1.26 -35.63 -10.15
C ILE B 261 -2.44 -35.07 -10.96
N PRO B 262 -2.86 -35.78 -12.03
CA PRO B 262 -3.98 -35.31 -12.85
C PRO B 262 -5.37 -35.52 -12.25
N PHE B 263 -6.25 -34.54 -12.46
CA PHE B 263 -7.69 -34.69 -12.22
C PHE B 263 -8.45 -34.94 -13.53
N ASN B 264 -7.74 -34.88 -14.66
CA ASN B 264 -8.35 -34.96 -16.00
C ASN B 264 -8.07 -36.27 -16.73
N ASN B 265 -7.86 -37.34 -15.96
CA ASN B 265 -7.43 -38.65 -16.48
C ASN B 265 -8.48 -39.77 -16.32
N HIS B 266 -9.68 -39.40 -15.87
CA HIS B 266 -10.77 -40.34 -15.61
C HIS B 266 -11.76 -40.24 -16.77
N PRO B 267 -12.22 -41.39 -17.32
CA PRO B 267 -13.09 -41.34 -18.51
C PRO B 267 -14.49 -40.69 -18.33
N GLN B 268 -15.09 -40.83 -17.14
CA GLN B 268 -16.26 -40.04 -16.71
C GLN B 268 -15.97 -38.69 -16.01
N GLY B 269 -14.70 -38.34 -15.87
CA GLY B 269 -14.31 -37.09 -15.19
C GLY B 269 -14.43 -35.85 -16.06
N THR B 270 -14.72 -34.72 -15.42
CA THR B 270 -14.86 -33.41 -16.12
C THR B 270 -13.82 -32.36 -15.70
N ASN B 271 -13.01 -32.65 -14.68
CA ASN B 271 -11.98 -31.72 -14.24
C ASN B 271 -10.90 -31.61 -15.31
N GLN B 272 -10.44 -30.38 -15.56
CA GLN B 272 -9.41 -30.12 -16.56
C GLN B 272 -8.01 -29.97 -15.96
N LEU B 273 -7.93 -29.90 -14.64
CA LEU B 273 -6.69 -29.51 -13.97
C LEU B 273 -5.78 -30.68 -13.65
N CYS B 274 -4.52 -30.31 -13.39
CA CYS B 274 -3.48 -31.25 -12.98
C CYS B 274 -2.71 -30.58 -11.85
N SER B 275 -2.58 -31.29 -10.73
CA SER B 275 -1.81 -30.79 -9.59
C SER B 275 -0.32 -31.03 -9.83
N ILE B 276 0.47 -29.99 -9.60
CA ILE B 276 1.92 -30.00 -9.81
C ILE B 276 2.58 -29.43 -8.56
N GLY B 277 3.56 -30.16 -8.03
CA GLY B 277 4.35 -29.69 -6.89
C GLY B 277 5.76 -30.21 -6.96
N PHE B 278 6.74 -29.34 -6.67
CA PHE B 278 8.14 -29.76 -6.55
C PHE B 278 8.78 -29.41 -5.21
N GLN B 279 9.56 -30.34 -4.69
CA GLN B 279 10.14 -30.28 -3.35
C GLN B 279 11.65 -30.39 -3.45
N PHE B 280 12.37 -29.66 -2.62
CA PHE B 280 13.83 -29.81 -2.50
C PHE B 280 14.25 -30.25 -1.11
N ASN B 281 15.23 -31.14 -1.06
CA ASN B 281 16.00 -31.41 0.15
C ASN B 281 16.88 -30.18 0.39
N ASN B 282 16.53 -29.38 1.40
CA ASN B 282 17.23 -28.13 1.71
C ASN B 282 18.72 -28.28 2.05
N ALA B 283 19.14 -29.45 2.50
CA ALA B 283 20.56 -29.75 2.71
C ALA B 283 21.38 -29.94 1.43
N LYS B 284 20.70 -30.13 0.29
CA LYS B 284 21.34 -30.25 -1.03
C LYS B 284 21.16 -29.03 -1.93
N TYR B 285 19.93 -28.53 -2.00
CA TYR B 285 19.61 -27.33 -2.78
C TYR B 285 18.59 -26.47 -2.04
N ARG B 286 18.94 -25.21 -1.80
CA ARG B 286 18.01 -24.21 -1.29
C ARG B 286 17.62 -23.28 -2.42
N PRO B 287 16.30 -23.08 -2.66
CA PRO B 287 15.88 -22.13 -3.68
C PRO B 287 16.12 -20.69 -3.22
N THR B 288 16.42 -19.80 -4.16
CA THR B 288 16.77 -18.41 -3.86
C THR B 288 15.90 -17.36 -4.57
N GLU B 289 14.88 -17.81 -5.30
CA GLU B 289 14.12 -16.94 -6.20
C GLU B 289 12.63 -17.29 -6.22
N ALA B 290 11.85 -16.46 -6.92
CA ALA B 290 10.40 -16.62 -7.01
C ALA B 290 9.99 -17.99 -7.57
N PRO B 291 8.81 -18.52 -7.15
CA PRO B 291 8.35 -19.85 -7.57
C PRO B 291 8.41 -20.15 -9.07
N GLU B 292 8.03 -19.20 -9.91
CA GLU B 292 8.03 -19.40 -11.37
C GLU B 292 9.46 -19.46 -11.94
N ILE B 293 10.36 -18.65 -11.38
CA ILE B 293 11.78 -18.70 -11.75
C ILE B 293 12.41 -20.04 -11.32
N GLU B 294 12.16 -20.45 -10.07
CA GLU B 294 12.61 -21.76 -9.58
C GLU B 294 12.06 -22.91 -10.41
N PHE B 295 10.82 -22.78 -10.88
CA PHE B 295 10.19 -23.79 -11.72
C PHE B 295 10.91 -23.92 -13.08
N ARG B 296 11.18 -22.79 -13.74
CA ARG B 296 11.90 -22.81 -15.01
C ARG B 296 13.36 -23.26 -14.87
N LYS B 297 13.99 -22.92 -13.75
CA LYS B 297 15.33 -23.45 -13.43
C LYS B 297 15.33 -24.97 -13.28
N LEU B 298 14.28 -25.51 -12.65
CA LEU B 298 14.13 -26.97 -12.51
C LEU B 298 14.00 -27.66 -13.86
N LEU B 299 13.19 -27.08 -14.74
CA LEU B 299 12.96 -27.63 -16.08
C LEU B 299 14.18 -27.52 -17.01
N LYS B 300 14.99 -26.47 -16.86
CA LYS B 300 16.29 -26.39 -17.54
C LYS B 300 17.20 -27.52 -17.06
N LYS B 301 17.24 -27.71 -15.74
CA LYS B 301 18.00 -28.78 -15.08
C LYS B 301 17.56 -30.19 -15.52
N TYR B 302 16.26 -30.38 -15.73
CA TYR B 302 15.68 -31.67 -16.14
C TYR B 302 14.71 -31.47 -17.31
N PRO B 303 15.26 -31.35 -18.55
CA PRO B 303 14.38 -31.09 -19.71
C PRO B 303 13.38 -32.20 -20.07
N ALA B 304 13.62 -33.44 -19.62
CA ALA B 304 12.63 -34.52 -19.76
C ALA B 304 11.34 -34.18 -19.01
N ILE B 305 11.48 -33.73 -17.76
CA ILE B 305 10.34 -33.25 -16.96
C ILE B 305 9.64 -32.08 -17.66
N GLY B 306 10.45 -31.17 -18.20
CA GLY B 306 9.98 -30.04 -19.03
C GLY B 306 9.03 -30.37 -20.17
N GLU B 307 9.12 -31.57 -20.72
CA GLU B 307 8.19 -32.02 -21.78
C GLU B 307 6.70 -32.08 -21.37
N HIS B 308 6.42 -32.19 -20.08
CA HIS B 308 5.03 -32.08 -19.58
C HIS B 308 4.39 -30.70 -19.82
N PHE B 309 5.22 -29.66 -19.82
CA PHE B 309 4.75 -28.27 -19.64
C PHE B 309 4.93 -27.33 -20.84
N LYS B 310 5.16 -27.87 -22.03
CA LYS B 310 5.32 -27.06 -23.26
C LYS B 310 4.16 -26.09 -23.49
N ASP B 311 2.95 -26.62 -23.46
CA ASP B 311 1.71 -25.85 -23.64
C ASP B 311 0.95 -25.54 -22.33
N ALA B 312 1.59 -25.81 -21.19
CA ALA B 312 0.91 -25.72 -19.88
C ALA B 312 0.76 -24.28 -19.42
N VAL B 313 -0.32 -24.03 -18.69
CA VAL B 313 -0.58 -22.72 -18.10
C VAL B 313 -1.00 -22.90 -16.64
N ASN B 314 -0.51 -22.01 -15.77
CA ASN B 314 -0.94 -21.98 -14.37
C ASN B 314 -2.40 -21.56 -14.24
N ALA B 315 -3.15 -22.31 -13.43
CA ALA B 315 -4.54 -21.98 -13.10
C ALA B 315 -4.70 -21.35 -11.71
N ARG B 316 -3.61 -21.29 -10.93
CA ARG B 316 -3.55 -20.52 -9.67
C ARG B 316 -2.16 -19.93 -9.49
N GLU B 317 -1.99 -19.16 -8.42
CA GLU B 317 -0.67 -18.72 -7.98
C GLU B 317 0.08 -19.90 -7.37
N TRP B 318 1.40 -19.90 -7.53
CA TRP B 318 2.27 -20.84 -6.82
C TRP B 318 2.24 -20.53 -5.33
N ILE B 319 2.17 -21.58 -4.50
CA ILE B 319 2.43 -21.46 -3.07
C ILE B 319 3.83 -21.98 -2.80
N TYR B 320 4.62 -21.22 -2.04
CA TYR B 320 5.92 -21.65 -1.52
C TYR B 320 5.87 -21.87 -0.01
N ALA B 321 6.34 -23.04 0.43
CA ALA B 321 6.50 -23.36 1.86
C ALA B 321 7.98 -23.70 2.13
N PRO B 322 8.71 -22.81 2.85
CA PRO B 322 10.18 -22.98 3.01
C PRO B 322 10.66 -24.15 3.88
N ARG B 323 9.86 -24.56 4.85
CA ARG B 323 10.12 -25.75 5.68
C ARG B 323 8.79 -26.41 5.97
N ILE B 324 8.51 -27.53 5.30
CA ILE B 324 7.24 -28.25 5.46
C ILE B 324 7.23 -29.25 6.63
N ASN B 325 8.40 -29.53 7.20
CA ASN B 325 8.56 -30.62 8.17
C ASN B 325 8.47 -30.11 9.61
N TYR B 326 7.72 -30.83 10.44
CA TYR B 326 7.68 -30.57 11.88
C TYR B 326 7.10 -31.77 12.63
N ARG B 327 7.26 -31.72 13.94
CA ARG B 327 6.67 -32.69 14.85
C ARG B 327 6.29 -31.99 16.15
N SER B 328 5.63 -32.73 17.04
CA SER B 328 5.27 -32.23 18.37
C SER B 328 5.70 -33.20 19.46
N VAL B 329 5.99 -32.63 20.63
CA VAL B 329 6.46 -33.39 21.79
C VAL B 329 5.32 -34.18 22.44
N GLN B 330 4.15 -33.55 22.52
CA GLN B 330 2.89 -34.17 22.95
C GLN B 330 1.81 -33.75 21.98
N ASN B 331 0.71 -34.51 21.94
CA ASN B 331 -0.47 -34.12 21.14
C ASN B 331 -1.85 -34.34 21.78
N VAL B 332 -1.88 -34.81 23.03
CA VAL B 332 -3.12 -34.95 23.81
C VAL B 332 -2.93 -34.39 25.22
N GLY B 333 -4.03 -33.91 25.79
CA GLY B 333 -4.07 -33.48 27.19
C GLY B 333 -5.36 -33.95 27.81
N ASP B 334 -5.67 -33.40 28.98
CA ASP B 334 -6.95 -33.65 29.64
C ASP B 334 -8.11 -33.18 28.76
N ARG B 335 -7.93 -32.03 28.11
CA ARG B 335 -9.00 -31.33 27.38
C ARG B 335 -8.74 -31.07 25.91
N PHE B 336 -7.66 -31.63 25.35
CA PHE B 336 -7.35 -31.40 23.93
C PHE B 336 -6.74 -32.61 23.25
N CYS B 337 -6.92 -32.66 21.93
CA CYS B 337 -6.16 -33.54 21.05
C CYS B 337 -5.81 -32.80 19.77
N LEU B 338 -4.56 -32.94 19.34
CA LEU B 338 -4.11 -32.49 18.03
C LEU B 338 -4.19 -33.71 17.12
N LEU B 339 -4.96 -33.62 16.04
CA LEU B 339 -4.90 -34.62 14.97
C LEU B 339 -3.53 -34.52 14.28
N PRO B 340 -3.08 -35.61 13.64
CA PRO B 340 -1.69 -35.69 13.13
C PRO B 340 -1.22 -34.55 12.24
N GLN B 341 -2.08 -34.05 11.36
CA GLN B 341 -1.71 -32.93 10.49
C GLN B 341 -1.48 -31.60 11.25
N ALA B 342 -2.03 -31.48 12.45
CA ALA B 342 -1.71 -30.39 13.39
C ALA B 342 -0.61 -30.75 14.41
N THR B 343 -0.17 -32.01 14.41
CA THR B 343 0.88 -32.51 15.30
C THR B 343 2.24 -32.50 14.61
N GLY B 344 2.28 -33.10 13.44
CA GLY B 344 3.49 -33.20 12.63
C GLY B 344 3.18 -33.44 11.17
N PHE B 345 4.09 -32.98 10.32
CA PHE B 345 4.05 -33.31 8.89
C PHE B 345 5.48 -33.52 8.43
N ILE B 346 5.68 -34.46 7.50
CA ILE B 346 7.00 -34.76 6.95
C ILE B 346 7.09 -34.31 5.49
N ASP B 347 6.36 -34.99 4.61
CA ASP B 347 6.47 -34.73 3.16
C ASP B 347 5.27 -35.31 2.42
N PRO B 348 4.92 -34.75 1.25
CA PRO B 348 3.92 -35.41 0.39
C PRO B 348 4.31 -36.80 -0.13
N LEU B 349 5.61 -37.13 -0.16
CA LEU B 349 6.08 -38.39 -0.72
C LEU B 349 5.45 -39.60 -0.02
N PHE B 350 4.76 -40.42 -0.81
CA PHE B 350 3.97 -41.59 -0.36
C PHE B 350 2.62 -41.29 0.29
N SER B 351 2.31 -40.01 0.54
CA SER B 351 1.00 -39.58 1.01
C SER B 351 0.56 -40.23 2.32
N ARG B 352 1.48 -40.26 3.28
CA ARG B 352 1.22 -40.83 4.62
C ARG B 352 0.34 -39.94 5.51
N GLY B 353 0.26 -38.65 5.20
CA GLY B 353 -0.50 -37.67 5.97
C GLY B 353 -1.96 -38.02 6.18
N LEU B 354 -2.66 -38.28 5.08
CA LEU B 354 -4.08 -38.70 5.12
C LEU B 354 -4.28 -40.03 5.85
N ILE B 355 -3.32 -40.94 5.71
CA ILE B 355 -3.40 -42.27 6.33
C ILE B 355 -3.32 -42.15 7.85
N THR B 356 -2.33 -41.41 8.33
CA THR B 356 -2.19 -41.16 9.78
C THR B 356 -3.40 -40.38 10.31
N THR B 357 -3.85 -39.39 9.55
CA THR B 357 -5.02 -38.57 9.92
C THR B 357 -6.27 -39.43 10.11
N PHE B 358 -6.62 -40.24 9.10
CA PHE B 358 -7.84 -41.05 9.15
C PHE B 358 -7.80 -42.15 10.22
N GLU B 359 -6.62 -42.72 10.47
CA GLU B 359 -6.47 -43.68 11.57
C GLU B 359 -6.63 -43.00 12.93
N SER B 360 -6.06 -41.81 13.08
CA SER B 360 -6.15 -41.06 14.34
C SER B 360 -7.60 -40.73 14.72
N ILE B 361 -8.40 -40.32 13.74
CA ILE B 361 -9.84 -40.07 13.94
C ILE B 361 -10.54 -41.35 14.42
N LEU B 362 -10.19 -42.45 13.76
CA LEU B 362 -10.75 -43.77 14.07
C LEU B 362 -10.43 -44.21 15.50
N ARG B 363 -9.21 -43.92 15.96
CA ARG B 363 -8.76 -44.23 17.32
C ARG B 363 -9.30 -43.24 18.37
N LEU B 364 -9.34 -41.95 18.01
CA LEU B 364 -9.73 -40.89 18.95
C LEU B 364 -11.22 -40.86 19.25
N ALA B 365 -12.04 -40.91 18.20
CA ALA B 365 -13.49 -40.68 18.34
C ALA B 365 -14.19 -41.53 19.41
N PRO B 366 -13.97 -42.87 19.43
CA PRO B 366 -14.61 -43.69 20.47
C PRO B 366 -14.21 -43.30 21.91
N LYS B 367 -12.97 -42.86 22.10
CA LYS B 367 -12.48 -42.40 23.40
C LYS B 367 -13.08 -41.05 23.81
N VAL B 368 -13.27 -40.15 22.84
CA VAL B 368 -13.97 -38.88 23.06
C VAL B 368 -15.43 -39.13 23.44
N LEU B 369 -16.06 -40.11 22.78
CA LEU B 369 -17.44 -40.51 23.11
C LEU B 369 -17.56 -41.09 24.52
N ASP B 370 -16.64 -41.98 24.89
CA ASP B 370 -16.61 -42.55 26.24
C ASP B 370 -16.33 -41.49 27.32
N ALA B 371 -15.43 -40.56 27.01
CA ALA B 371 -15.16 -39.41 27.88
C ALA B 371 -16.39 -38.54 28.07
N ALA B 372 -17.07 -38.21 26.97
CA ALA B 372 -18.29 -37.40 27.01
C ALA B 372 -19.43 -38.10 27.78
N ARG B 373 -19.53 -39.41 27.62
CA ARG B 373 -20.60 -40.20 28.26
C ARG B 373 -20.36 -40.51 29.75
N SER B 374 -19.10 -40.47 30.19
CA SER B 374 -18.74 -40.66 31.60
C SER B 374 -18.36 -39.35 32.32
N ASN B 375 -18.28 -38.26 31.57
CA ASN B 375 -17.75 -36.96 32.03
C ASN B 375 -16.39 -37.04 32.74
N ARG B 376 -15.50 -37.87 32.18
CA ARG B 376 -14.12 -37.98 32.66
C ARG B 376 -13.18 -37.53 31.56
N TRP B 377 -12.30 -36.59 31.88
CA TRP B 377 -11.45 -35.92 30.93
C TRP B 377 -10.03 -35.85 31.47
N GLN B 378 -9.26 -36.91 31.20
CA GLN B 378 -7.89 -37.06 31.69
C GLN B 378 -6.98 -37.52 30.55
N ARG B 379 -5.80 -36.92 30.47
CA ARG B 379 -4.76 -37.23 29.48
C ARG B 379 -4.60 -38.73 29.23
N GLU B 380 -4.51 -39.48 30.34
CA GLU B 380 -4.35 -40.94 30.33
C GLU B 380 -5.34 -41.72 29.45
N GLN B 381 -6.60 -41.25 29.39
CA GLN B 381 -7.61 -41.84 28.51
C GLN B 381 -7.23 -41.84 27.02
N PHE B 382 -6.46 -40.83 26.61
CA PHE B 382 -6.08 -40.61 25.20
C PHE B 382 -4.65 -41.00 24.83
N ILE B 383 -3.97 -41.71 25.72
CA ILE B 383 -2.54 -41.98 25.57
C ILE B 383 -2.19 -42.80 24.31
N GLU B 384 -3.06 -43.72 23.92
CA GLU B 384 -2.86 -44.55 22.72
C GLU B 384 -3.05 -43.78 21.40
N VAL B 385 -3.84 -42.72 21.42
CA VAL B 385 -3.95 -41.80 20.28
C VAL B 385 -2.60 -41.10 20.08
N GLU B 386 -1.99 -40.66 21.18
CA GLU B 386 -0.66 -40.04 21.14
C GLU B 386 0.45 -41.00 20.70
N ARG B 387 0.45 -42.20 21.27
CA ARG B 387 1.44 -43.22 20.94
C ARG B 387 1.40 -43.55 19.46
N HIS B 388 0.18 -43.69 18.92
CA HIS B 388 0.01 -43.88 17.48
C HIS B 388 0.56 -42.71 16.67
N CYS B 389 0.12 -41.50 17.02
CA CYS B 389 0.45 -40.31 16.24
C CYS B 389 1.94 -39.99 16.23
N LEU B 390 2.56 -39.98 17.41
CA LEU B 390 3.99 -39.70 17.51
C LEU B 390 4.86 -40.74 16.78
N ASN B 391 4.46 -42.01 16.86
CA ASN B 391 5.15 -43.09 16.13
C ASN B 391 4.99 -42.96 14.61
N ALA B 392 3.77 -42.68 14.17
CA ALA B 392 3.46 -42.52 12.76
C ALA B 392 4.29 -41.41 12.11
N VAL B 393 4.41 -40.28 12.78
CA VAL B 393 5.25 -39.16 12.33
C VAL B 393 6.73 -39.57 12.27
N ALA B 394 7.19 -40.28 13.31
CA ALA B 394 8.57 -40.77 13.38
C ALA B 394 8.89 -41.76 12.25
N THR B 395 8.00 -42.72 12.02
CA THR B 395 8.13 -43.66 10.88
C THR B 395 8.08 -42.95 9.53
N ASN B 396 7.14 -42.02 9.38
CA ASN B 396 7.02 -41.18 8.19
C ASN B 396 8.34 -40.45 7.91
N ASP B 397 8.97 -39.97 8.99
CA ASP B 397 10.27 -39.28 8.90
C ASP B 397 11.40 -40.19 8.42
N GLN B 398 11.49 -41.39 8.97
CA GLN B 398 12.49 -42.38 8.54
C GLN B 398 12.28 -42.78 7.08
N LEU B 399 11.04 -43.13 6.75
CA LEU B 399 10.65 -43.51 5.38
C LEU B 399 11.08 -42.49 4.33
N VAL B 400 10.83 -41.21 4.62
CA VAL B 400 11.04 -40.14 3.66
C VAL B 400 12.52 -39.74 3.58
N SER B 401 13.16 -39.49 4.72
CA SER B 401 14.60 -39.15 4.74
C SER B 401 15.41 -40.20 3.99
N CYS B 402 15.15 -41.48 4.28
CA CYS B 402 15.79 -42.60 3.55
C CYS B 402 15.45 -42.64 2.06
N SER B 403 14.20 -42.35 1.72
CA SER B 403 13.78 -42.24 0.31
C SER B 403 14.48 -41.10 -0.43
N TYR B 404 14.63 -39.95 0.23
CA TYR B 404 15.40 -38.84 -0.33
C TYR B 404 16.87 -39.20 -0.64
N GLU B 405 17.47 -40.09 0.16
CA GLU B 405 18.82 -40.61 -0.12
C GLU B 405 18.82 -41.60 -1.30
N ALA B 406 17.78 -42.44 -1.39
CA ALA B 406 17.61 -43.36 -2.52
C ALA B 406 17.33 -42.68 -3.87
N PHE B 407 16.97 -41.40 -3.85
CA PHE B 407 16.87 -40.59 -5.08
C PHE B 407 18.19 -40.41 -5.85
N SER B 408 19.33 -40.67 -5.21
CA SER B 408 20.65 -40.47 -5.81
C SER B 408 21.00 -41.38 -7.01
N ASP B 409 20.28 -42.48 -7.20
CA ASP B 409 20.58 -43.44 -8.25
C ASP B 409 19.35 -44.30 -8.54
N PHE B 410 19.08 -44.60 -9.81
CA PHE B 410 17.87 -45.37 -10.15
C PHE B 410 17.88 -46.80 -9.62
N HIS B 411 19.00 -47.50 -9.75
CA HIS B 411 19.09 -48.89 -9.28
C HIS B 411 18.80 -48.96 -7.78
N LEU B 412 19.45 -48.07 -7.02
CA LEU B 412 19.20 -47.92 -5.59
C LEU B 412 17.72 -47.69 -5.29
N TRP B 413 17.10 -46.77 -6.03
CA TRP B 413 15.66 -46.49 -5.88
C TRP B 413 14.82 -47.73 -6.13
N ASN B 414 15.10 -48.40 -7.25
CA ASN B 414 14.41 -49.63 -7.63
C ASN B 414 14.39 -50.65 -6.48
N VAL B 415 15.54 -50.85 -5.85
CA VAL B 415 15.64 -51.77 -4.72
C VAL B 415 14.89 -51.23 -3.50
N TRP B 416 15.19 -49.98 -3.14
CA TRP B 416 14.58 -49.34 -1.97
C TRP B 416 13.05 -49.31 -2.00
N HIS B 417 12.45 -49.01 -3.16
CA HIS B 417 10.99 -48.84 -3.24
C HIS B 417 10.19 -50.10 -2.83
N ARG B 418 10.80 -51.28 -3.00
CA ARG B 418 10.22 -52.55 -2.52
C ARG B 418 10.08 -52.65 -0.99
N VAL B 419 10.92 -51.93 -0.25
CA VAL B 419 10.81 -51.84 1.21
C VAL B 419 9.53 -51.10 1.59
N TRP B 420 9.33 -49.92 0.99
CA TRP B 420 8.06 -49.19 1.13
C TRP B 420 6.87 -50.04 0.72
N LEU B 421 6.98 -50.66 -0.46
CA LEU B 421 5.86 -51.35 -1.09
C LEU B 421 5.38 -52.55 -0.30
N SER B 422 6.33 -53.38 0.15
CA SER B 422 6.01 -54.56 0.98
C SER B 422 5.32 -54.18 2.29
N GLY B 423 5.79 -53.12 2.92
CA GLY B 423 5.17 -52.58 4.15
C GLY B 423 3.76 -52.07 3.94
N SER B 424 3.59 -51.26 2.89
CA SER B 424 2.30 -50.70 2.51
C SER B 424 1.27 -51.79 2.17
N ASN B 425 1.71 -52.77 1.39
CA ASN B 425 0.89 -53.94 1.07
C ASN B 425 0.44 -54.73 2.31
N LEU B 426 1.36 -54.94 3.26
CA LEU B 426 1.03 -55.61 4.51
C LEU B 426 0.05 -54.80 5.38
N GLY B 427 0.27 -53.49 5.45
CA GLY B 427 -0.63 -52.59 6.19
C GLY B 427 -2.03 -52.52 5.62
N SER B 428 -2.12 -52.42 4.30
CA SER B 428 -3.41 -52.39 3.59
C SER B 428 -4.21 -53.67 3.82
N ALA B 429 -3.54 -54.81 3.67
CA ALA B 429 -4.14 -56.12 3.93
C ALA B 429 -4.66 -56.26 5.37
N PHE B 430 -3.91 -55.73 6.34
CA PHE B 430 -4.35 -55.75 7.75
C PHE B 430 -5.60 -54.90 7.99
N LEU B 431 -5.65 -53.71 7.42
CA LEU B 431 -6.84 -52.85 7.50
C LEU B 431 -8.04 -53.47 6.80
N GLN B 432 -7.79 -54.11 5.65
CA GLN B 432 -8.84 -54.86 4.94
C GLN B 432 -9.40 -55.98 5.80
N LYS B 433 -8.51 -56.67 6.52
CA LYS B 433 -8.92 -57.73 7.45
C LYS B 433 -9.78 -57.19 8.60
N LEU B 434 -9.39 -56.05 9.17
CA LEU B 434 -10.17 -55.41 10.24
C LEU B 434 -11.56 -54.98 9.75
N LEU B 435 -11.61 -54.42 8.55
CA LEU B 435 -12.87 -54.05 7.88
C LEU B 435 -13.77 -55.27 7.66
N HIS B 436 -13.17 -56.39 7.24
CA HIS B 436 -13.92 -57.62 6.99
C HIS B 436 -14.53 -58.18 8.28
N ASP B 437 -13.74 -58.23 9.35
CA ASP B 437 -14.21 -58.64 10.69
C ASP B 437 -15.31 -57.73 11.24
N LEU B 438 -15.15 -56.41 11.07
CA LEU B 438 -16.15 -55.43 11.55
C LEU B 438 -17.48 -55.57 10.82
N GLU B 439 -17.41 -55.75 9.49
CA GLU B 439 -18.62 -55.97 8.68
C GLU B 439 -19.40 -57.21 9.11
N HIS B 440 -18.68 -58.29 9.43
CA HIS B 440 -19.29 -59.59 9.70
C HIS B 440 -19.74 -59.79 11.14
N SER B 441 -18.93 -59.36 12.10
CA SER B 441 -19.32 -59.39 13.51
C SER B 441 -20.32 -58.28 13.86
N GLY B 442 -20.12 -57.10 13.26
CA GLY B 442 -20.86 -55.90 13.63
C GLY B 442 -20.48 -55.36 15.00
N ASP B 443 -19.30 -55.76 15.50
CA ASP B 443 -18.87 -55.47 16.86
C ASP B 443 -17.86 -54.31 16.85
N ALA B 444 -18.35 -53.13 17.21
CA ALA B 444 -17.56 -51.91 17.21
C ALA B 444 -16.43 -51.92 18.26
N ARG B 445 -16.73 -52.46 19.44
CA ARG B 445 -15.79 -52.54 20.56
C ARG B 445 -14.61 -53.48 20.23
N GLN B 446 -14.94 -54.60 19.60
CA GLN B 446 -13.96 -55.57 19.13
C GLN B 446 -12.99 -55.00 18.09
N PHE B 447 -13.52 -54.19 17.17
CA PHE B 447 -12.67 -53.49 16.21
C PHE B 447 -11.73 -52.49 16.91
N ASP B 448 -12.26 -51.69 17.84
CA ASP B 448 -11.45 -50.68 18.56
C ASP B 448 -10.27 -51.31 19.31
N ALA B 449 -10.52 -52.43 19.98
CA ALA B 449 -9.51 -53.15 20.74
C ALA B 449 -8.45 -53.81 19.85
N ALA B 450 -8.89 -54.35 18.70
CA ALA B 450 -7.99 -54.98 17.73
C ALA B 450 -7.04 -53.99 17.07
N LEU B 451 -7.56 -52.80 16.73
CA LEU B 451 -6.73 -51.72 16.20
C LEU B 451 -5.74 -51.22 17.26
N GLU B 452 -6.20 -51.13 18.50
CA GLU B 452 -5.33 -50.73 19.62
C GLU B 452 -4.29 -51.80 19.98
N ALA B 453 -4.64 -53.08 19.79
CA ALA B 453 -3.76 -54.20 20.13
C ALA B 453 -2.60 -54.46 19.15
N VAL B 454 -2.54 -53.74 18.02
CA VAL B 454 -1.44 -53.92 17.05
C VAL B 454 -0.09 -53.65 17.71
N ARG B 455 0.92 -54.45 17.35
CA ARG B 455 2.23 -54.38 18.01
C ARG B 455 3.07 -53.18 17.58
N PHE B 456 2.81 -52.65 16.39
CA PHE B 456 3.62 -51.57 15.81
C PHE B 456 2.69 -50.47 15.27
N PRO B 457 1.99 -49.77 16.20
CA PRO B 457 1.07 -48.73 15.74
C PRO B 457 1.84 -47.53 15.20
N GLY B 458 1.40 -47.02 14.06
CA GLY B 458 2.11 -45.96 13.33
C GLY B 458 3.22 -46.43 12.40
N CYS B 459 3.40 -47.74 12.28
CA CYS B 459 4.38 -48.31 11.36
C CYS B 459 3.65 -48.85 10.14
N LEU B 460 4.39 -49.05 9.05
CA LEU B 460 3.78 -49.38 7.74
C LEU B 460 2.94 -50.64 7.73
N SER B 461 3.41 -51.70 8.38
CA SER B 461 2.70 -52.99 8.42
C SER B 461 1.62 -53.08 9.49
N LEU B 462 1.67 -52.20 10.49
CA LEU B 462 0.83 -52.23 11.70
C LEU B 462 1.15 -53.40 12.66
N ASP B 463 1.20 -54.64 12.15
CA ASP B 463 1.39 -55.83 13.00
C ASP B 463 2.20 -56.99 12.37
N SER B 464 3.15 -56.68 11.49
CA SER B 464 4.05 -57.72 10.94
C SER B 464 5.46 -57.55 11.51
N PRO B 465 5.87 -58.40 12.48
CA PRO B 465 7.22 -58.25 13.08
C PRO B 465 8.35 -58.34 12.07
N ALA B 466 8.27 -59.37 11.22
CA ALA B 466 9.24 -59.59 10.14
C ALA B 466 9.41 -58.37 9.25
N TYR B 467 8.30 -57.73 8.85
CA TYR B 467 8.41 -56.53 8.03
C TYR B 467 9.11 -55.39 8.78
N GLU B 468 8.70 -55.11 10.02
CA GLU B 468 9.28 -53.99 10.77
C GLU B 468 10.77 -54.19 11.06
N SER B 469 11.22 -55.44 11.10
CA SER B 469 12.64 -55.78 11.11
C SER B 469 13.31 -55.39 9.78
N LEU B 470 12.67 -55.72 8.67
CA LEU B 470 13.17 -55.30 7.34
C LEU B 470 13.28 -53.78 7.24
N PHE B 471 12.26 -53.07 7.72
CA PHE B 471 12.22 -51.61 7.66
C PHE B 471 13.32 -50.95 8.48
N ARG B 472 13.41 -51.36 9.75
CA ARG B 472 14.44 -50.86 10.68
C ARG B 472 15.85 -51.05 10.10
N GLN B 473 16.14 -52.26 9.62
CA GLN B 473 17.47 -52.59 9.07
C GLN B 473 17.76 -51.89 7.74
N SER B 474 16.74 -51.74 6.90
CA SER B 474 16.89 -51.01 5.64
C SER B 474 17.18 -49.52 5.87
N CYS B 475 16.53 -48.93 6.86
CA CYS B 475 16.75 -47.52 7.23
C CYS B 475 18.13 -47.26 7.84
N GLN B 476 18.65 -48.20 8.61
CA GLN B 476 20.04 -48.11 9.11
C GLN B 476 21.04 -48.08 7.96
N VAL B 477 20.86 -49.00 7.01
CA VAL B 477 21.69 -49.07 5.80
C VAL B 477 21.67 -47.77 5.00
N MET B 478 20.49 -47.18 4.80
CA MET B 478 20.35 -45.92 4.07
C MET B 478 20.95 -44.73 4.81
N GLN B 479 20.77 -44.67 6.13
CA GLN B 479 21.34 -43.59 6.95
C GLN B 479 22.87 -43.70 7.06
N GLN B 480 23.39 -44.92 7.10
CA GLN B 480 24.84 -45.18 7.07
C GLN B 480 25.44 -44.74 5.74
N ALA B 481 24.77 -45.10 4.65
CA ALA B 481 25.14 -44.66 3.29
C ALA B 481 25.23 -43.13 3.14
N ARG B 482 24.30 -42.42 3.77
CA ARG B 482 24.28 -40.95 3.73
C ARG B 482 25.41 -40.34 4.57
N GLU B 483 25.58 -40.85 5.79
CA GLU B 483 26.64 -40.34 6.69
C GLU B 483 28.05 -40.60 6.18
N GLN B 484 28.28 -41.79 5.62
CA GLN B 484 29.61 -42.20 5.15
C GLN B 484 29.84 -42.09 3.63
N ALA B 485 28.79 -41.70 2.89
CA ALA B 485 28.87 -41.55 1.42
C ALA B 485 29.32 -42.84 0.73
N ARG B 486 28.63 -43.95 1.01
CA ARG B 486 28.94 -45.25 0.43
C ARG B 486 28.65 -45.28 -1.07
N PRO B 487 29.36 -46.15 -1.83
CA PRO B 487 28.99 -46.43 -3.22
C PRO B 487 27.55 -46.95 -3.33
N VAL B 488 26.78 -46.37 -4.26
CA VAL B 488 25.35 -46.70 -4.41
C VAL B 488 25.08 -48.16 -4.77
N ALA B 489 26.04 -48.78 -5.47
CA ALA B 489 25.97 -50.21 -5.83
C ALA B 489 25.99 -51.14 -4.62
N GLU B 490 26.79 -50.79 -3.60
CA GLU B 490 26.87 -51.56 -2.34
C GLU B 490 25.58 -51.46 -1.55
N THR B 491 25.18 -50.21 -1.28
CA THR B 491 23.92 -49.89 -0.60
C THR B 491 22.74 -50.63 -1.21
N ALA B 492 22.69 -50.62 -2.54
CA ALA B 492 21.66 -51.32 -3.31
C ALA B 492 21.66 -52.83 -3.08
N ASN B 493 22.84 -53.45 -3.08
CA ASN B 493 22.96 -54.90 -2.84
C ASN B 493 22.65 -55.30 -1.39
N ALA B 494 23.06 -54.47 -0.44
CA ALA B 494 22.75 -54.66 0.98
C ALA B 494 21.25 -54.75 1.22
N LEU B 495 20.52 -53.82 0.63
CA LEU B 495 19.05 -53.82 0.69
C LEU B 495 18.46 -55.05 0.02
N HIS B 496 19.01 -55.43 -1.13
CA HIS B 496 18.56 -56.64 -1.84
C HIS B 496 18.70 -57.90 -1.00
N GLU B 497 19.80 -57.99 -0.24
CA GLU B 497 20.02 -59.12 0.67
C GLU B 497 19.00 -59.14 1.82
N LEU B 498 18.75 -57.96 2.41
CA LEU B 498 17.73 -57.82 3.47
C LEU B 498 16.32 -58.22 3.02
N ILE B 499 15.96 -57.82 1.79
CA ILE B 499 14.66 -58.18 1.20
C ILE B 499 14.55 -59.70 1.03
N LYS B 500 15.60 -60.32 0.48
CA LYS B 500 15.65 -61.79 0.30
C LYS B 500 15.57 -62.55 1.63
N GLU B 501 16.28 -62.06 2.63
CA GLU B 501 16.24 -62.61 4.00
C GLU B 501 14.81 -62.66 4.56
N HIS B 502 14.04 -61.59 4.34
CA HIS B 502 12.69 -61.43 4.91
C HIS B 502 11.53 -61.86 4.02
N GLU B 503 11.79 -62.17 2.74
CA GLU B 503 10.73 -62.35 1.73
C GLU B 503 9.69 -63.44 2.05
N ALA B 504 10.11 -64.49 2.77
CA ALA B 504 9.19 -65.56 3.18
C ALA B 504 8.05 -65.08 4.11
N GLU B 505 8.28 -63.97 4.82
CA GLU B 505 7.26 -63.39 5.72
C GLU B 505 6.45 -62.23 5.12
N LEU B 506 6.81 -61.79 3.92
CA LEU B 506 6.08 -60.75 3.20
C LEU B 506 5.00 -61.42 2.35
N LEU B 507 4.17 -60.63 1.69
CA LEU B 507 3.15 -61.16 0.77
C LEU B 507 3.83 -61.76 -0.48
N PRO B 508 3.25 -62.81 -1.08
CA PRO B 508 3.92 -63.58 -2.16
C PRO B 508 3.97 -62.86 -3.54
N LEU B 509 4.65 -61.71 -3.59
CA LEU B 509 4.60 -60.81 -4.76
C LEU B 509 5.90 -60.69 -5.58
N GLY B 510 6.99 -61.28 -5.10
CA GLY B 510 8.26 -61.29 -5.83
C GLY B 510 9.00 -59.96 -5.68
N TYR B 511 9.09 -59.49 -4.43
CA TYR B 511 9.74 -58.21 -4.13
C TYR B 511 11.23 -58.21 -4.45
N SER B 512 11.90 -59.35 -4.26
CA SER B 512 13.35 -59.43 -4.50
C SER B 512 13.75 -59.56 -5.98
N ARG B 513 12.79 -59.76 -6.87
CA ARG B 513 13.09 -59.78 -8.32
C ARG B 513 13.26 -58.35 -8.85
N ILE B 514 14.51 -57.88 -8.83
CA ILE B 514 14.81 -56.47 -9.11
C ILE B 514 14.66 -56.11 -10.60
N SER B 515 14.87 -57.08 -11.50
CA SER B 515 14.62 -56.89 -12.93
C SER B 515 13.16 -56.53 -13.24
N ASN B 516 12.23 -57.06 -12.45
CA ASN B 516 10.81 -56.70 -12.59
C ASN B 516 10.54 -55.35 -11.94
N ARG B 517 10.38 -54.33 -12.77
CA ARG B 517 10.20 -52.95 -12.31
C ARG B 517 8.73 -52.57 -12.07
N PHE B 518 7.81 -53.51 -12.28
CA PHE B 518 6.38 -53.27 -12.18
C PHE B 518 5.75 -54.38 -11.34
N ILE B 519 6.05 -54.33 -10.04
CA ILE B 519 5.67 -55.40 -9.11
C ILE B 519 4.15 -55.51 -9.07
N LEU B 520 3.64 -56.55 -9.70
CA LEU B 520 2.21 -56.77 -9.88
C LEU B 520 1.59 -57.40 -8.62
N LYS B 521 0.51 -56.79 -8.13
CA LYS B 521 -0.19 -57.27 -6.95
C LYS B 521 -1.02 -58.52 -7.27
N ASN C 22 3.95 -0.43 -23.55
CA ASN C 22 2.86 -1.26 -22.95
C ASN C 22 3.16 -2.76 -23.03
N GLN C 23 3.20 -3.42 -21.88
CA GLN C 23 3.29 -4.88 -21.80
C GLN C 23 2.11 -5.57 -22.51
N TYR C 24 0.91 -5.05 -22.24
CA TYR C 24 -0.35 -5.68 -22.66
C TYR C 24 -1.20 -4.72 -23.48
N ASP C 25 -2.19 -5.28 -24.16
CA ASP C 25 -3.19 -4.48 -24.87
C ASP C 25 -4.27 -4.05 -23.89
N VAL C 26 -4.84 -5.03 -23.20
CA VAL C 26 -5.94 -4.81 -22.28
C VAL C 26 -5.64 -5.44 -20.92
N ILE C 27 -5.89 -4.67 -19.85
CA ILE C 27 -5.94 -5.19 -18.49
C ILE C 27 -7.42 -5.31 -18.11
N ILE C 28 -7.78 -6.44 -17.50
CA ILE C 28 -9.14 -6.68 -17.02
C ILE C 28 -9.09 -6.88 -15.50
N ILE C 29 -9.90 -6.08 -14.78
CA ILE C 29 -10.06 -6.26 -13.33
C ILE C 29 -11.25 -7.17 -13.10
N GLY C 30 -11.03 -8.26 -12.38
CA GLY C 30 -12.08 -9.23 -12.06
C GLY C 30 -11.94 -10.47 -12.91
N SER C 31 -11.88 -11.64 -12.27
CA SER C 31 -11.70 -12.92 -12.95
C SER C 31 -12.93 -13.83 -12.83
N GLY C 32 -14.09 -13.24 -12.52
CA GLY C 32 -15.37 -13.95 -12.60
C GLY C 32 -15.79 -14.18 -14.04
N ILE C 33 -17.05 -14.53 -14.25
CA ILE C 33 -17.53 -14.90 -15.59
C ILE C 33 -17.43 -13.75 -16.59
N ALA C 34 -17.74 -12.53 -16.15
CA ALA C 34 -17.67 -11.35 -17.02
C ALA C 34 -16.24 -11.05 -17.44
N GLY C 35 -15.33 -11.01 -16.47
CA GLY C 35 -13.91 -10.78 -16.73
C GLY C 35 -13.27 -11.87 -17.58
N ALA C 36 -13.58 -13.13 -17.25
CA ALA C 36 -13.04 -14.29 -17.96
C ALA C 36 -13.48 -14.35 -19.42
N LEU C 37 -14.77 -14.18 -19.67
CA LEU C 37 -15.30 -14.24 -21.04
C LEU C 37 -14.80 -13.11 -21.92
N THR C 38 -14.71 -11.91 -21.34
CA THR C 38 -14.07 -10.76 -22.01
C THR C 38 -12.63 -11.10 -22.39
N GLY C 39 -11.87 -11.59 -21.42
CA GLY C 39 -10.48 -11.98 -21.65
C GLY C 39 -10.31 -13.08 -22.68
N ALA C 40 -11.22 -14.04 -22.68
CA ALA C 40 -11.21 -15.14 -23.64
C ALA C 40 -11.46 -14.65 -25.07
N VAL C 41 -12.49 -13.81 -25.25
CA VAL C 41 -12.82 -13.30 -26.60
C VAL C 41 -11.72 -12.39 -27.15
N LEU C 42 -11.13 -11.54 -26.31
CA LEU C 42 -10.04 -10.67 -26.73
C LEU C 42 -8.74 -11.44 -27.05
N ALA C 43 -8.39 -12.41 -26.22
CA ALA C 43 -7.18 -13.22 -26.44
C ALA C 43 -7.27 -14.13 -27.66
N LYS C 44 -8.44 -14.75 -27.87
CA LYS C 44 -8.75 -15.49 -29.10
C LYS C 44 -8.55 -14.60 -30.35
N SER C 45 -8.98 -13.35 -30.25
CA SER C 45 -8.94 -12.39 -31.35
C SER C 45 -7.58 -11.72 -31.58
N GLY C 46 -6.59 -12.07 -30.77
CA GLY C 46 -5.19 -11.68 -31.01
C GLY C 46 -4.61 -10.62 -30.08
N LEU C 47 -5.33 -10.27 -29.02
CA LEU C 47 -4.81 -9.33 -28.03
C LEU C 47 -4.06 -10.04 -26.92
N ASN C 48 -3.09 -9.32 -26.34
CA ASN C 48 -2.36 -9.76 -25.16
C ASN C 48 -3.11 -9.23 -23.93
N VAL C 49 -3.71 -10.16 -23.18
CA VAL C 49 -4.65 -9.83 -22.11
C VAL C 49 -4.06 -10.18 -20.75
N LEU C 50 -4.26 -9.28 -19.78
CA LEU C 50 -3.93 -9.54 -18.38
C LEU C 50 -5.18 -9.40 -17.52
N ILE C 51 -5.58 -10.50 -16.87
CA ILE C 51 -6.69 -10.51 -15.92
C ILE C 51 -6.13 -10.39 -14.50
N LEU C 52 -6.68 -9.46 -13.73
CA LEU C 52 -6.25 -9.20 -12.35
C LEU C 52 -7.41 -9.39 -11.38
N ASP C 53 -7.14 -10.07 -10.26
CA ASP C 53 -8.16 -10.30 -9.23
C ASP C 53 -7.55 -10.34 -7.83
N SER C 54 -8.19 -9.65 -6.89
CA SER C 54 -7.75 -9.66 -5.49
C SER C 54 -8.20 -10.93 -4.75
N ALA C 55 -9.26 -11.56 -5.25
CA ALA C 55 -9.70 -12.86 -4.76
C ALA C 55 -8.96 -13.94 -5.53
N GLN C 56 -9.26 -15.20 -5.21
CA GLN C 56 -8.76 -16.33 -5.98
C GLN C 56 -9.84 -17.40 -6.11
N HIS C 57 -9.67 -18.22 -7.14
CA HIS C 57 -10.56 -19.34 -7.40
C HIS C 57 -10.09 -20.56 -6.58
N PRO C 58 -11.00 -21.39 -6.06
CA PRO C 58 -12.44 -21.21 -6.20
C PRO C 58 -12.99 -20.20 -5.20
N ARG C 59 -14.09 -19.56 -5.56
CA ARG C 59 -14.81 -18.70 -4.60
C ARG C 59 -16.29 -18.57 -4.93
N PHE C 60 -17.02 -18.23 -3.88
CA PHE C 60 -18.46 -18.09 -3.90
C PHE C 60 -18.86 -16.81 -4.63
N SER C 61 -20.03 -16.86 -5.27
CA SER C 61 -20.61 -15.70 -5.94
C SER C 61 -22.11 -15.92 -6.17
N VAL C 62 -22.88 -14.85 -6.05
CA VAL C 62 -24.32 -14.86 -6.41
C VAL C 62 -24.50 -14.36 -7.85
N GLY C 63 -25.74 -14.35 -8.33
CA GLY C 63 -26.08 -14.01 -9.71
C GLY C 63 -26.22 -15.32 -10.47
N GLU C 64 -27.19 -16.11 -10.04
CA GLU C 64 -27.30 -17.53 -10.40
C GLU C 64 -28.37 -17.88 -11.44
N ALA C 65 -29.43 -17.07 -11.53
CA ALA C 65 -30.56 -17.38 -12.41
C ALA C 65 -30.29 -16.94 -13.84
N ALA C 66 -30.04 -17.91 -14.72
CA ALA C 66 -29.95 -17.65 -16.15
C ALA C 66 -31.34 -17.35 -16.70
N THR C 67 -31.39 -16.67 -17.84
CA THR C 67 -32.64 -16.30 -18.50
C THR C 67 -32.53 -16.69 -19.96
N PRO C 68 -33.67 -16.70 -20.70
CA PRO C 68 -33.58 -16.92 -22.15
C PRO C 68 -32.62 -15.97 -22.85
N GLU C 69 -32.63 -14.70 -22.45
CA GLU C 69 -31.76 -13.68 -23.02
C GLU C 69 -30.28 -13.99 -22.77
N SER C 70 -29.93 -14.27 -21.51
CA SER C 70 -28.54 -14.58 -21.15
C SER C 70 -28.02 -15.82 -21.88
N GLY C 71 -28.91 -16.82 -22.04
CA GLY C 71 -28.61 -18.02 -22.83
C GLY C 71 -28.30 -17.72 -24.29
N PHE C 72 -29.17 -16.94 -24.92
CA PHE C 72 -28.94 -16.49 -26.31
C PHE C 72 -27.68 -15.61 -26.42
N LEU C 73 -27.43 -14.79 -25.42
CA LEU C 73 -26.26 -13.92 -25.42
C LEU C 73 -24.94 -14.68 -25.30
N LEU C 74 -24.92 -15.75 -24.49
CA LEU C 74 -23.75 -16.63 -24.39
C LEU C 74 -23.48 -17.36 -25.70
N ARG C 75 -24.53 -17.85 -26.35
CA ARG C 75 -24.40 -18.48 -27.66
C ARG C 75 -23.95 -17.50 -28.75
N LEU C 76 -24.43 -16.26 -28.67
CA LEU C 76 -23.94 -15.20 -29.57
C LEU C 76 -22.46 -14.91 -29.37
N LEU C 77 -22.01 -14.86 -28.11
CA LEU C 77 -20.58 -14.69 -27.80
C LEU C 77 -19.73 -15.82 -28.37
N SER C 78 -20.17 -17.05 -28.13
CA SER C 78 -19.54 -18.26 -28.67
C SER C 78 -19.43 -18.21 -30.20
N LYS C 79 -20.52 -17.88 -30.86
CA LYS C 79 -20.59 -17.84 -32.32
C LYS C 79 -19.79 -16.68 -32.92
N ARG C 80 -19.99 -15.49 -32.36
CA ARG C 80 -19.32 -14.26 -32.82
C ARG C 80 -17.79 -14.35 -32.80
N PHE C 81 -17.23 -14.99 -31.77
CA PHE C 81 -15.77 -15.09 -31.59
C PHE C 81 -15.19 -16.50 -31.74
N ASP C 82 -16.03 -17.45 -32.15
CA ASP C 82 -15.61 -18.84 -32.42
C ASP C 82 -14.93 -19.52 -31.20
N ILE C 83 -15.62 -19.48 -30.07
CA ILE C 83 -15.22 -20.21 -28.87
C ILE C 83 -16.40 -21.12 -28.45
N PRO C 84 -16.43 -22.37 -28.97
CA PRO C 84 -17.51 -23.32 -28.66
C PRO C 84 -17.82 -23.55 -27.19
N GLU C 85 -16.78 -23.59 -26.34
CA GLU C 85 -16.97 -23.81 -24.89
C GLU C 85 -17.83 -22.75 -24.19
N ILE C 86 -17.87 -21.52 -24.72
CA ILE C 86 -18.75 -20.48 -24.18
C ILE C 86 -20.23 -20.88 -24.28
N ALA C 87 -20.62 -21.49 -25.41
CA ALA C 87 -22.01 -21.94 -25.60
C ALA C 87 -22.45 -23.08 -24.68
N TYR C 88 -21.50 -23.88 -24.17
CA TYR C 88 -21.80 -24.90 -23.15
C TYR C 88 -22.49 -24.30 -21.93
N LEU C 89 -22.05 -23.11 -21.54
CA LEU C 89 -22.58 -22.41 -20.37
C LEU C 89 -24.04 -21.95 -20.51
N SER C 90 -24.58 -21.92 -21.73
CA SER C 90 -26.00 -21.62 -21.96
C SER C 90 -26.98 -22.77 -21.74
N HIS C 91 -26.51 -24.02 -21.81
CA HIS C 91 -27.39 -25.20 -21.73
C HIS C 91 -27.08 -26.04 -20.48
N PRO C 92 -28.09 -26.28 -19.61
CA PRO C 92 -27.85 -27.08 -18.40
C PRO C 92 -27.30 -28.49 -18.68
N ASP C 93 -27.87 -29.16 -19.68
CA ASP C 93 -27.35 -30.45 -20.17
C ASP C 93 -25.85 -30.40 -20.53
N LYS C 94 -25.44 -29.35 -21.25
CA LYS C 94 -24.03 -29.15 -21.62
C LYS C 94 -23.13 -28.79 -20.44
N ILE C 95 -23.66 -28.04 -19.49
CA ILE C 95 -22.93 -27.69 -18.26
C ILE C 95 -22.60 -28.95 -17.47
N ILE C 96 -23.64 -29.75 -17.20
CA ILE C 96 -23.49 -31.05 -16.52
C ILE C 96 -22.41 -31.91 -17.19
N GLN C 97 -22.44 -31.95 -18.52
CA GLN C 97 -21.58 -32.82 -19.30
C GLN C 97 -20.13 -32.35 -19.41
N HIS C 98 -19.92 -31.04 -19.58
CA HIS C 98 -18.59 -30.47 -19.86
C HIS C 98 -17.93 -29.75 -18.69
N VAL C 99 -18.71 -29.05 -17.87
CA VAL C 99 -18.19 -28.32 -16.71
C VAL C 99 -18.10 -29.27 -15.51
N GLY C 100 -19.22 -29.89 -15.19
CA GLY C 100 -19.29 -30.83 -14.07
C GLY C 100 -20.72 -31.01 -13.61
N SER C 101 -21.01 -32.18 -13.03
CA SER C 101 -22.36 -32.52 -12.59
C SER C 101 -22.86 -31.66 -11.41
N SER C 102 -21.94 -31.07 -10.65
CA SER C 102 -22.31 -30.13 -9.57
C SER C 102 -22.45 -28.67 -10.03
N ALA C 103 -22.19 -28.39 -11.30
CA ALA C 103 -22.05 -27.01 -11.79
C ALA C 103 -23.36 -26.24 -11.99
N CYS C 104 -24.50 -26.92 -12.00
CA CYS C 104 -25.79 -26.24 -12.13
C CYS C 104 -26.99 -27.03 -11.67
N GLY C 105 -28.08 -26.31 -11.43
CA GLY C 105 -29.43 -26.86 -11.36
C GLY C 105 -30.14 -26.53 -12.66
N ILE C 106 -31.42 -26.89 -12.73
CA ILE C 106 -32.25 -26.65 -13.91
C ILE C 106 -33.31 -25.59 -13.63
N LYS C 107 -33.75 -24.94 -14.70
CA LYS C 107 -34.74 -23.88 -14.63
C LYS C 107 -35.67 -24.03 -15.85
N LEU C 108 -36.94 -24.31 -15.58
CA LEU C 108 -37.99 -24.40 -16.61
C LEU C 108 -38.90 -23.18 -16.66
N GLY C 109 -38.63 -22.21 -15.81
CA GLY C 109 -39.35 -20.94 -15.81
C GLY C 109 -39.04 -20.11 -14.58
N PHE C 110 -39.66 -18.94 -14.54
CA PHE C 110 -39.72 -18.08 -13.35
C PHE C 110 -41.10 -18.33 -12.73
N SER C 111 -41.13 -18.61 -11.42
CA SER C 111 -42.39 -18.77 -10.69
C SER C 111 -42.47 -17.77 -9.53
N PHE C 112 -43.68 -17.29 -9.27
CA PHE C 112 -43.91 -16.26 -8.25
C PHE C 112 -45.09 -16.68 -7.37
N ALA C 113 -44.83 -16.79 -6.07
CA ALA C 113 -45.86 -17.11 -5.07
C ALA C 113 -46.02 -15.91 -4.14
N TRP C 114 -47.24 -15.38 -4.06
CA TRP C 114 -47.53 -14.18 -3.26
C TRP C 114 -48.03 -14.54 -1.86
N HIS C 115 -47.67 -13.70 -0.90
CA HIS C 115 -48.03 -13.88 0.51
C HIS C 115 -48.38 -12.56 1.13
N GLN C 116 -49.00 -12.66 2.30
CA GLN C 116 -49.42 -11.51 3.07
C GLN C 116 -49.25 -11.83 4.54
N GLU C 117 -48.72 -10.86 5.28
CA GLU C 117 -48.60 -10.97 6.73
C GLU C 117 -50.01 -11.08 7.34
N ASN C 118 -50.15 -11.94 8.33
CA ASN C 118 -51.42 -12.17 9.05
C ASN C 118 -52.54 -12.79 8.21
N ALA C 119 -52.17 -13.59 7.22
CA ALA C 119 -53.13 -14.36 6.42
C ALA C 119 -52.46 -15.65 5.96
N PRO C 120 -53.24 -16.74 5.85
CA PRO C 120 -52.66 -17.97 5.29
C PRO C 120 -52.39 -17.81 3.80
N SER C 121 -51.29 -18.38 3.34
CA SER C 121 -50.91 -18.30 1.93
C SER C 121 -51.73 -19.27 1.11
N SER C 122 -52.08 -18.85 -0.10
CA SER C 122 -52.90 -19.66 -1.01
C SER C 122 -52.05 -20.14 -2.18
N PRO C 123 -52.10 -21.45 -2.50
CA PRO C 123 -51.43 -21.92 -3.73
C PRO C 123 -52.09 -21.45 -5.04
N ASP C 124 -53.23 -20.77 -4.98
CA ASP C 124 -53.81 -20.08 -6.14
C ASP C 124 -53.22 -18.69 -6.39
N HIS C 125 -52.47 -18.15 -5.44
CA HIS C 125 -51.76 -16.87 -5.63
C HIS C 125 -50.36 -17.12 -6.20
N LEU C 126 -50.36 -17.71 -7.39
CA LEU C 126 -49.18 -18.15 -8.12
C LEU C 126 -49.25 -17.68 -9.56
N VAL C 127 -48.11 -17.30 -10.13
CA VAL C 127 -47.95 -17.20 -11.59
C VAL C 127 -46.61 -17.84 -11.96
N ALA C 128 -46.61 -18.62 -13.04
CA ALA C 128 -45.40 -19.30 -13.51
C ALA C 128 -45.44 -19.55 -15.02
N PRO C 129 -44.94 -18.58 -15.81
CA PRO C 129 -44.83 -18.81 -17.26
C PRO C 129 -43.64 -19.71 -17.60
N PRO C 130 -43.89 -20.89 -18.19
CA PRO C 130 -42.78 -21.80 -18.53
C PRO C 130 -41.96 -21.39 -19.75
N LEU C 131 -40.71 -21.83 -19.77
CA LEU C 131 -39.83 -21.67 -20.93
C LEU C 131 -40.09 -22.77 -21.94
N LYS C 132 -39.70 -22.52 -23.18
CA LYS C 132 -39.73 -23.55 -24.22
C LYS C 132 -38.60 -24.57 -24.03
N VAL C 133 -37.42 -24.08 -23.65
CA VAL C 133 -36.22 -24.92 -23.47
C VAL C 133 -35.63 -24.67 -22.07
N PRO C 134 -35.08 -25.72 -21.41
CA PRO C 134 -34.53 -25.51 -20.06
C PRO C 134 -33.34 -24.56 -20.02
N GLU C 135 -33.29 -23.75 -18.95
CA GLU C 135 -32.15 -22.88 -18.67
C GLU C 135 -31.48 -23.38 -17.37
N ALA C 136 -30.39 -22.71 -16.98
CA ALA C 136 -29.57 -23.15 -15.83
C ALA C 136 -29.71 -22.27 -14.59
N HIS C 137 -29.55 -22.91 -13.43
CA HIS C 137 -29.21 -22.23 -12.18
C HIS C 137 -27.72 -22.42 -11.97
N LEU C 138 -26.96 -21.34 -12.14
CA LEU C 138 -25.51 -21.39 -12.22
C LEU C 138 -24.85 -21.44 -10.83
N PHE C 139 -24.19 -22.55 -10.53
CA PHE C 139 -23.36 -22.66 -9.32
C PHE C 139 -22.02 -21.98 -9.63
N ARG C 140 -21.94 -20.69 -9.28
CA ARG C 140 -20.94 -19.77 -9.81
C ARG C 140 -19.47 -20.13 -9.51
N GLN C 141 -19.18 -20.72 -8.34
CA GLN C 141 -17.81 -21.17 -8.04
C GLN C 141 -17.25 -22.09 -9.15
N ASP C 142 -18.09 -22.98 -9.66
CA ASP C 142 -17.70 -23.91 -10.72
C ASP C 142 -17.78 -23.30 -12.11
N ILE C 143 -18.86 -22.56 -12.40
CA ILE C 143 -19.07 -21.91 -13.69
C ILE C 143 -17.97 -20.87 -13.96
N ASP C 144 -17.70 -20.02 -12.97
CA ASP C 144 -16.69 -18.96 -13.11
C ASP C 144 -15.26 -19.49 -13.29
N TYR C 145 -14.91 -20.55 -12.56
CA TYR C 145 -13.58 -21.15 -12.69
C TYR C 145 -13.39 -21.74 -14.10
N PHE C 146 -14.39 -22.50 -14.55
CA PHE C 146 -14.44 -23.01 -15.92
C PHE C 146 -14.27 -21.90 -16.96
N ALA C 147 -14.96 -20.77 -16.73
CA ALA C 147 -14.86 -19.61 -17.62
C ALA C 147 -13.45 -19.04 -17.66
N LEU C 148 -12.81 -18.95 -16.49
CA LEU C 148 -11.40 -18.51 -16.42
C LEU C 148 -10.48 -19.47 -17.17
N MET C 149 -10.76 -20.78 -17.09
CA MET C 149 -9.99 -21.77 -17.84
C MET C 149 -10.07 -21.56 -19.36
N ILE C 150 -11.23 -21.14 -19.86
CA ILE C 150 -11.39 -20.79 -21.28
C ILE C 150 -10.41 -19.67 -21.63
N ALA C 151 -10.38 -18.62 -20.81
CA ALA C 151 -9.48 -17.49 -21.02
C ALA C 151 -8.01 -17.90 -21.02
N LEU C 152 -7.63 -18.71 -20.03
CA LEU C 152 -6.25 -19.21 -19.91
C LEU C 152 -5.82 -20.09 -21.09
N LYS C 153 -6.71 -20.96 -21.56
CA LYS C 153 -6.42 -21.81 -22.72
C LYS C 153 -6.23 -21.05 -24.04
N HIS C 154 -6.82 -19.85 -24.14
CA HIS C 154 -6.62 -18.95 -25.30
C HIS C 154 -5.50 -17.93 -25.14
N GLY C 155 -4.69 -18.05 -24.08
CA GLY C 155 -3.49 -17.24 -23.91
C GLY C 155 -3.61 -15.99 -23.06
N ALA C 156 -4.77 -15.77 -22.44
CA ALA C 156 -4.91 -14.69 -21.45
C ALA C 156 -4.08 -14.99 -20.21
N GLU C 157 -3.32 -14.00 -19.75
CA GLU C 157 -2.57 -14.12 -18.50
C GLU C 157 -3.50 -13.78 -17.34
N SER C 158 -3.32 -14.46 -16.21
CA SER C 158 -4.12 -14.25 -15.02
C SER C 158 -3.23 -14.14 -13.79
N ARG C 159 -3.48 -13.10 -12.99
CA ARG C 159 -2.82 -12.93 -11.70
C ARG C 159 -3.89 -12.75 -10.64
N GLN C 160 -3.87 -13.66 -9.66
CA GLN C 160 -4.87 -13.72 -8.61
C GLN C 160 -4.23 -13.40 -7.28
N ASN C 161 -5.08 -13.08 -6.30
CA ASN C 161 -4.67 -12.66 -4.97
C ASN C 161 -3.76 -11.42 -4.96
N ILE C 162 -3.90 -10.56 -5.97
CA ILE C 162 -3.10 -9.33 -6.09
C ILE C 162 -3.78 -8.19 -5.33
N LYS C 163 -3.05 -7.09 -5.18
CA LYS C 163 -3.58 -5.86 -4.59
C LYS C 163 -3.16 -4.70 -5.49
N ILE C 164 -4.15 -4.05 -6.10
CA ILE C 164 -3.91 -2.88 -6.93
C ILE C 164 -3.64 -1.67 -6.02
N GLU C 165 -2.48 -1.06 -6.18
CA GLU C 165 -2.07 0.13 -5.43
C GLU C 165 -2.70 1.38 -6.01
N SER C 166 -2.68 1.47 -7.34
CA SER C 166 -3.25 2.60 -8.07
C SER C 166 -3.44 2.29 -9.55
N ILE C 167 -4.37 3.01 -10.18
CA ILE C 167 -4.59 2.94 -11.63
C ILE C 167 -4.39 4.36 -12.20
N SER C 168 -3.45 4.50 -13.13
CA SER C 168 -3.16 5.76 -13.81
C SER C 168 -3.64 5.68 -15.24
N LEU C 169 -4.48 6.64 -15.64
CA LEU C 169 -4.98 6.75 -17.01
C LEU C 169 -4.29 7.93 -17.71
N ASN C 170 -3.56 7.65 -18.80
CA ASN C 170 -2.74 8.65 -19.51
C ASN C 170 -3.09 8.79 -20.99
N ASP C 171 -2.39 9.71 -21.66
CA ASP C 171 -2.44 9.88 -23.11
C ASP C 171 -2.10 8.62 -23.91
N ASP C 172 -1.06 7.91 -23.45
CA ASP C 172 -0.48 6.78 -24.21
C ASP C 172 -0.82 5.40 -23.64
N GLY C 173 -1.61 5.36 -22.57
CA GLY C 173 -2.04 4.10 -21.99
C GLY C 173 -2.43 4.18 -20.53
N VAL C 174 -2.57 2.99 -19.94
CA VAL C 174 -2.94 2.80 -18.54
C VAL C 174 -1.75 2.16 -17.83
N GLU C 175 -1.50 2.58 -16.59
CA GLU C 175 -0.49 1.96 -15.74
C GLU C 175 -1.12 1.52 -14.43
N VAL C 176 -0.92 0.25 -14.08
CA VAL C 176 -1.44 -0.33 -12.83
C VAL C 176 -0.27 -0.73 -11.93
N ALA C 177 -0.19 -0.11 -10.76
CA ALA C 177 0.81 -0.46 -9.74
C ALA C 177 0.25 -1.57 -8.85
N LEU C 178 1.12 -2.51 -8.48
CA LEU C 178 0.74 -3.68 -7.68
C LEU C 178 1.65 -3.79 -6.46
N SER C 179 1.12 -4.29 -5.35
CA SER C 179 1.92 -4.52 -4.14
C SER C 179 2.86 -5.71 -4.37
N ASN C 180 4.13 -5.53 -4.02
CA ASN C 180 5.17 -6.57 -4.14
C ASN C 180 5.33 -7.14 -5.56
N ALA C 181 5.27 -6.24 -6.54
CA ALA C 181 5.49 -6.58 -7.97
C ALA C 181 5.67 -5.31 -8.80
N ALA C 182 6.34 -5.43 -9.93
CA ALA C 182 6.55 -4.31 -10.84
C ALA C 182 5.22 -3.84 -11.46
N PRO C 183 5.12 -2.53 -11.80
CA PRO C 183 3.86 -2.06 -12.38
C PRO C 183 3.63 -2.64 -13.78
N VAL C 184 2.36 -2.82 -14.15
CA VAL C 184 1.99 -3.31 -15.47
C VAL C 184 1.32 -2.21 -16.27
N LYS C 185 1.50 -2.26 -17.59
CA LYS C 185 1.05 -1.21 -18.50
C LYS C 185 0.21 -1.80 -19.61
N ALA C 186 -0.80 -1.04 -20.05
CA ALA C 186 -1.65 -1.46 -21.16
C ALA C 186 -2.24 -0.28 -21.89
N ALA C 187 -2.81 -0.56 -23.06
CA ALA C 187 -3.50 0.46 -23.86
C ALA C 187 -4.92 0.77 -23.36
N PHE C 188 -5.53 -0.13 -22.59
CA PHE C 188 -6.94 -0.04 -22.22
C PHE C 188 -7.21 -0.87 -20.97
N ILE C 189 -8.09 -0.41 -20.10
CA ILE C 189 -8.48 -1.18 -18.90
C ILE C 189 -9.99 -1.39 -18.86
N ILE C 190 -10.38 -2.63 -18.57
CA ILE C 190 -11.80 -2.98 -18.42
C ILE C 190 -12.05 -3.37 -16.96
N ASP C 191 -12.97 -2.67 -16.30
CA ASP C 191 -13.42 -3.03 -14.97
C ASP C 191 -14.56 -4.04 -15.08
N ALA C 192 -14.25 -5.29 -14.78
CA ALA C 192 -15.23 -6.38 -14.77
C ALA C 192 -15.47 -6.91 -13.35
N ALA C 193 -15.20 -6.10 -12.33
CA ALA C 193 -15.37 -6.54 -10.95
C ALA C 193 -16.87 -6.72 -10.66
N ALA C 194 -17.22 -7.90 -10.16
CA ALA C 194 -18.62 -8.24 -9.83
C ALA C 194 -19.15 -7.49 -8.60
N GLN C 195 -18.26 -6.93 -7.79
CA GLN C 195 -18.64 -6.01 -6.72
C GLN C 195 -17.45 -5.11 -6.36
N GLY C 196 -17.76 -3.95 -5.79
CA GLY C 196 -16.74 -2.94 -5.49
C GLY C 196 -16.77 -1.79 -6.48
N SER C 197 -17.00 -2.09 -7.76
CA SER C 197 -16.93 -1.12 -8.86
C SER C 197 -15.74 -0.17 -8.71
N PRO C 198 -14.51 -0.73 -8.59
CA PRO C 198 -13.34 0.01 -8.12
C PRO C 198 -12.86 1.16 -9.01
N LEU C 199 -12.88 0.98 -10.32
CA LEU C 199 -12.54 2.07 -11.23
C LEU C 199 -13.61 3.18 -11.19
N SER C 200 -14.86 2.81 -10.86
CA SER C 200 -15.92 3.80 -10.61
C SER C 200 -15.67 4.59 -9.30
N ARG C 201 -15.15 3.91 -8.27
CA ARG C 201 -14.68 4.56 -7.02
C ARG C 201 -13.69 5.70 -7.31
N GLN C 202 -12.54 5.35 -7.89
CA GLN C 202 -11.44 6.30 -8.06
C GLN C 202 -11.78 7.44 -9.04
N LEU C 203 -12.59 7.13 -10.05
CA LEU C 203 -13.05 8.12 -11.02
C LEU C 203 -14.21 8.99 -10.56
N GLY C 204 -14.85 8.62 -9.45
CA GLY C 204 -15.95 9.38 -8.86
C GLY C 204 -17.24 9.37 -9.67
N LEU C 205 -17.44 8.32 -10.46
CA LEU C 205 -18.61 8.22 -11.35
C LEU C 205 -19.84 7.60 -10.70
N ARG C 206 -19.64 6.89 -9.59
CA ARG C 206 -20.72 6.17 -8.92
C ARG C 206 -21.64 7.08 -8.11
N THR C 207 -22.94 6.80 -8.18
CA THR C 207 -23.96 7.54 -7.42
C THR C 207 -25.19 6.67 -7.15
N THR C 208 -25.93 7.03 -6.09
CA THR C 208 -27.26 6.47 -5.82
C THR C 208 -28.40 7.46 -6.08
N GLU C 209 -28.06 8.69 -6.44
CA GLU C 209 -29.06 9.75 -6.64
C GLU C 209 -29.79 9.49 -7.94
N GLY C 210 -31.12 9.64 -7.91
CA GLY C 210 -31.99 9.35 -9.04
C GLY C 210 -32.57 7.95 -9.13
N LEU C 211 -32.13 7.04 -8.25
CA LEU C 211 -32.62 5.65 -8.27
C LEU C 211 -33.95 5.52 -7.52
N ALA C 212 -34.92 4.90 -8.18
CA ALA C 212 -36.19 4.55 -7.54
C ALA C 212 -36.09 3.34 -6.60
N THR C 213 -35.14 2.45 -6.86
CA THR C 213 -34.98 1.20 -6.09
C THR C 213 -33.99 1.40 -4.95
N ASP C 214 -34.44 1.10 -3.73
CA ASP C 214 -33.63 1.18 -2.51
C ASP C 214 -33.86 -0.11 -1.72
N THR C 215 -32.93 -1.06 -1.88
CA THR C 215 -33.10 -2.41 -1.33
C THR C 215 -31.82 -2.97 -0.72
N CYS C 216 -31.99 -3.83 0.28
CA CYS C 216 -30.90 -4.59 0.90
C CYS C 216 -31.08 -6.07 0.52
N SER C 217 -30.08 -6.89 0.86
CA SER C 217 -30.12 -8.31 0.54
C SER C 217 -29.38 -9.15 1.58
N PHE C 218 -29.98 -10.28 1.94
CA PHE C 218 -29.34 -11.31 2.76
C PHE C 218 -29.32 -12.56 1.90
N PHE C 219 -28.16 -13.21 1.78
CA PHE C 219 -28.06 -14.42 0.96
C PHE C 219 -27.06 -15.44 1.47
N THR C 220 -27.35 -16.70 1.16
CA THR C 220 -26.54 -17.85 1.55
C THR C 220 -26.86 -19.06 0.68
N HIS C 221 -26.18 -20.16 0.96
CA HIS C 221 -26.46 -21.47 0.39
C HIS C 221 -26.83 -22.42 1.52
N MET C 222 -27.89 -23.22 1.32
CA MET C 222 -28.41 -24.13 2.34
C MET C 222 -28.52 -25.56 1.84
N LEU C 223 -28.44 -26.49 2.79
CA LEU C 223 -28.70 -27.92 2.57
C LEU C 223 -30.12 -28.25 3.01
N ASN C 224 -30.68 -29.32 2.45
CA ASN C 224 -31.97 -29.88 2.88
C ASN C 224 -33.17 -28.90 2.82
N VAL C 225 -33.16 -28.04 1.81
CA VAL C 225 -34.30 -27.17 1.53
C VAL C 225 -35.34 -28.00 0.79
N LYS C 226 -36.55 -28.05 1.34
CA LYS C 226 -37.66 -28.77 0.70
C LYS C 226 -38.12 -28.06 -0.55
N SER C 227 -38.50 -28.85 -1.56
CA SER C 227 -39.12 -28.34 -2.77
C SER C 227 -40.47 -27.71 -2.47
N TYR C 228 -40.90 -26.80 -3.34
CA TYR C 228 -42.23 -26.20 -3.21
C TYR C 228 -43.32 -27.28 -3.15
N GLU C 229 -43.18 -28.29 -4.00
CA GLU C 229 -44.18 -29.35 -4.13
C GLU C 229 -44.37 -30.15 -2.84
N ASP C 230 -43.27 -30.47 -2.16
CA ASP C 230 -43.31 -31.20 -0.88
C ASP C 230 -43.65 -30.33 0.33
N ALA C 231 -43.17 -29.09 0.33
CA ALA C 231 -43.41 -28.16 1.44
C ALA C 231 -44.81 -27.54 1.45
N LEU C 232 -45.32 -27.16 0.27
CA LEU C 232 -46.51 -26.30 0.19
C LEU C 232 -47.70 -26.85 -0.60
N ALA C 233 -47.49 -27.19 -1.86
CA ALA C 233 -48.58 -27.69 -2.71
C ALA C 233 -48.10 -28.46 -3.95
N PRO C 234 -48.64 -29.68 -4.18
CA PRO C 234 -48.26 -30.45 -5.36
C PRO C 234 -48.80 -29.86 -6.67
N LEU C 235 -48.31 -30.38 -7.80
CA LEU C 235 -48.74 -29.93 -9.13
C LEU C 235 -50.23 -30.13 -9.38
N SER C 236 -50.79 -31.19 -8.82
CA SER C 236 -52.23 -31.46 -8.91
C SER C 236 -53.08 -30.39 -8.21
N ARG C 237 -52.53 -29.73 -7.20
CA ARG C 237 -53.19 -28.59 -6.53
C ARG C 237 -52.99 -27.26 -7.28
N THR C 238 -51.74 -26.92 -7.59
CA THR C 238 -51.41 -25.64 -8.23
C THR C 238 -51.85 -25.54 -9.70
N ARG C 239 -51.93 -26.69 -10.38
CA ARG C 239 -52.13 -26.76 -11.84
C ARG C 239 -51.00 -26.13 -12.66
N SER C 240 -49.81 -26.00 -12.07
CA SER C 240 -48.68 -25.41 -12.78
C SER C 240 -48.21 -26.38 -13.86
N PRO C 241 -47.90 -25.89 -15.06
CA PRO C 241 -47.32 -26.77 -16.09
C PRO C 241 -45.88 -27.21 -15.78
N ILE C 242 -45.22 -26.54 -14.83
CA ILE C 242 -43.88 -26.94 -14.36
C ILE C 242 -43.84 -27.09 -12.83
N GLU C 243 -42.99 -27.99 -12.37
CA GLU C 243 -42.63 -28.06 -10.95
C GLU C 243 -41.96 -26.74 -10.57
N LEU C 244 -42.44 -26.10 -9.51
CA LEU C 244 -41.81 -24.88 -9.00
C LEU C 244 -40.40 -25.17 -8.44
N PHE C 245 -40.17 -26.40 -8.02
CA PHE C 245 -38.83 -26.94 -7.70
C PHE C 245 -37.83 -26.80 -8.86
N LYS C 246 -38.33 -26.99 -10.08
CA LYS C 246 -37.54 -26.82 -11.31
C LYS C 246 -37.75 -25.44 -11.93
N SER C 247 -37.67 -24.42 -11.09
CA SER C 247 -37.85 -23.04 -11.51
C SER C 247 -37.14 -22.12 -10.53
N THR C 248 -36.89 -20.90 -10.97
CA THR C 248 -36.45 -19.84 -10.07
C THR C 248 -37.71 -19.36 -9.34
N LEU C 249 -37.81 -19.71 -8.07
CA LEU C 249 -38.98 -19.44 -7.25
C LEU C 249 -38.83 -18.12 -6.51
N HIS C 250 -39.78 -17.22 -6.71
CA HIS C 250 -39.81 -15.91 -6.04
C HIS C 250 -40.98 -15.87 -5.07
N HIS C 251 -40.69 -15.84 -3.78
CA HIS C 251 -41.72 -15.61 -2.77
C HIS C 251 -41.85 -14.13 -2.54
N ILE C 252 -42.99 -13.55 -2.94
CA ILE C 252 -43.16 -12.11 -2.92
C ILE C 252 -44.20 -11.67 -1.87
N PHE C 253 -43.98 -10.48 -1.34
CA PHE C 253 -44.83 -9.89 -0.30
C PHE C 253 -44.57 -8.39 -0.27
N GLU C 254 -45.42 -7.64 0.43
CA GLU C 254 -45.44 -6.17 0.34
C GLU C 254 -44.07 -5.51 0.48
N GLU C 255 -43.28 -5.94 1.47
CA GLU C 255 -42.02 -5.27 1.83
C GLU C 255 -40.74 -5.85 1.21
N GLY C 256 -40.88 -6.92 0.43
CA GLY C 256 -39.72 -7.51 -0.27
C GLY C 256 -40.01 -8.86 -0.87
N TRP C 257 -38.97 -9.68 -0.99
CA TRP C 257 -39.12 -11.02 -1.57
C TRP C 257 -37.97 -11.95 -1.21
N LEU C 258 -38.21 -13.24 -1.35
CA LEU C 258 -37.23 -14.29 -1.05
C LEU C 258 -37.10 -15.23 -2.25
N TRP C 259 -35.86 -15.54 -2.63
CA TRP C 259 -35.60 -16.47 -3.75
C TRP C 259 -35.29 -17.88 -3.25
N VAL C 260 -35.76 -18.88 -3.99
CA VAL C 260 -35.38 -20.28 -3.81
C VAL C 260 -34.89 -20.77 -5.18
N ILE C 261 -33.58 -21.00 -5.27
CA ILE C 261 -32.87 -21.33 -6.51
C ILE C 261 -32.11 -22.64 -6.24
N PRO C 262 -32.76 -23.81 -6.46
CA PRO C 262 -32.06 -25.06 -6.17
C PRO C 262 -30.99 -25.42 -7.19
N PHE C 263 -29.89 -25.99 -6.71
CA PHE C 263 -28.90 -26.67 -7.56
C PHE C 263 -29.09 -28.18 -7.56
N ASN C 264 -30.00 -28.69 -6.72
CA ASN C 264 -30.22 -30.14 -6.54
C ASN C 264 -31.50 -30.66 -7.19
N ASN C 265 -31.93 -29.98 -8.26
CA ASN C 265 -33.21 -30.25 -8.91
C ASN C 265 -33.08 -30.85 -10.32
N HIS C 266 -31.85 -31.20 -10.71
CA HIS C 266 -31.55 -31.77 -12.02
C HIS C 266 -31.36 -33.29 -11.85
N PRO C 267 -31.97 -34.11 -12.74
CA PRO C 267 -31.82 -35.58 -12.62
C PRO C 267 -30.36 -36.08 -12.63
N GLN C 268 -29.57 -35.65 -13.61
CA GLN C 268 -28.10 -35.86 -13.65
C GLN C 268 -27.22 -35.03 -12.68
N GLY C 269 -27.80 -34.07 -11.96
CA GLY C 269 -27.04 -33.21 -11.05
C GLY C 269 -26.57 -33.88 -9.77
N THR C 270 -25.43 -33.42 -9.25
CA THR C 270 -24.86 -33.92 -7.98
C THR C 270 -24.78 -32.86 -6.87
N ASN C 271 -25.09 -31.61 -7.19
CA ASN C 271 -25.01 -30.53 -6.20
C ASN C 271 -26.15 -30.68 -5.21
N GLN C 272 -25.84 -30.70 -3.91
CA GLN C 272 -26.83 -30.81 -2.84
C GLN C 272 -27.47 -29.47 -2.43
N LEU C 273 -26.84 -28.36 -2.79
CA LEU C 273 -27.21 -27.05 -2.24
C LEU C 273 -28.40 -26.37 -2.92
N CYS C 274 -28.94 -25.40 -2.20
CA CYS C 274 -30.00 -24.52 -2.68
C CYS C 274 -29.66 -23.09 -2.27
N SER C 275 -29.66 -22.18 -3.25
CA SER C 275 -29.37 -20.77 -2.98
C SER C 275 -30.62 -20.10 -2.43
N ILE C 276 -30.43 -19.28 -1.39
CA ILE C 276 -31.50 -18.59 -0.68
C ILE C 276 -31.09 -17.14 -0.49
N GLY C 277 -31.96 -16.22 -0.86
CA GLY C 277 -31.72 -14.81 -0.62
C GLY C 277 -33.00 -14.04 -0.39
N PHE C 278 -33.04 -13.21 0.66
CA PHE C 278 -34.19 -12.33 0.88
C PHE C 278 -33.81 -10.86 0.89
N GLN C 279 -34.66 -10.08 0.23
CA GLN C 279 -34.44 -8.67 -0.03
C GLN C 279 -35.57 -7.88 0.61
N PHE C 280 -35.26 -6.68 1.07
CA PHE C 280 -36.27 -5.76 1.58
C PHE C 280 -36.21 -4.44 0.86
N ASN C 281 -37.39 -3.88 0.60
CA ASN C 281 -37.54 -2.50 0.22
C ASN C 281 -37.25 -1.67 1.47
N ASN C 282 -36.14 -0.95 1.46
CA ASN C 282 -35.70 -0.13 2.60
C ASN C 282 -36.67 1.00 2.97
N ALA C 283 -37.49 1.45 2.01
CA ALA C 283 -38.56 2.42 2.28
C ALA C 283 -39.71 1.84 3.12
N LYS C 284 -39.89 0.51 3.10
CA LYS C 284 -40.97 -0.15 3.88
C LYS C 284 -40.51 -0.95 5.11
N TYR C 285 -39.32 -1.57 5.05
CA TYR C 285 -38.76 -2.28 6.19
C TYR C 285 -37.24 -2.19 6.18
N ARG C 286 -36.68 -1.80 7.32
CA ARG C 286 -35.23 -1.79 7.54
C ARG C 286 -34.88 -2.84 8.58
N PRO C 287 -34.04 -3.83 8.22
CA PRO C 287 -33.64 -4.83 9.22
C PRO C 287 -32.71 -4.21 10.28
N THR C 288 -32.80 -4.72 11.50
CA THR C 288 -32.06 -4.18 12.65
C THR C 288 -31.15 -5.19 13.37
N GLU C 289 -31.23 -6.46 13.02
CA GLU C 289 -30.57 -7.56 13.74
C GLU C 289 -29.75 -8.42 12.79
N ALA C 290 -29.00 -9.37 13.36
CA ALA C 290 -28.13 -10.28 12.60
C ALA C 290 -28.92 -11.07 11.54
N PRO C 291 -28.25 -11.44 10.42
CA PRO C 291 -28.91 -12.18 9.33
C PRO C 291 -29.81 -13.34 9.77
N GLU C 292 -29.31 -14.20 10.63
CA GLU C 292 -30.06 -15.39 11.08
C GLU C 292 -31.31 -15.02 11.89
N ILE C 293 -31.25 -13.91 12.63
CA ILE C 293 -32.40 -13.41 13.39
C ILE C 293 -33.44 -12.79 12.45
N GLU C 294 -32.98 -12.00 11.48
CA GLU C 294 -33.86 -11.47 10.43
C GLU C 294 -34.54 -12.57 9.63
N PHE C 295 -33.79 -13.64 9.33
CA PHE C 295 -34.36 -14.80 8.63
C PHE C 295 -35.51 -15.44 9.41
N ARG C 296 -35.30 -15.69 10.70
CA ARG C 296 -36.33 -16.27 11.57
C ARG C 296 -37.55 -15.36 11.76
N LYS C 297 -37.33 -14.05 11.83
CA LYS C 297 -38.44 -13.07 11.86
C LYS C 297 -39.26 -13.08 10.58
N LEU C 298 -38.59 -13.25 9.44
CA LEU C 298 -39.26 -13.37 8.15
C LEU C 298 -40.11 -14.64 8.07
N LEU C 299 -39.58 -15.76 8.57
CA LEU C 299 -40.32 -17.02 8.57
C LEU C 299 -41.51 -17.01 9.52
N LYS C 300 -41.43 -16.23 10.60
CA LYS C 300 -42.54 -16.00 11.52
C LYS C 300 -43.67 -15.23 10.85
N LYS C 301 -43.29 -14.15 10.15
CA LYS C 301 -44.23 -13.34 9.35
C LYS C 301 -44.91 -14.12 8.22
N TYR C 302 -44.19 -15.06 7.62
CA TYR C 302 -44.67 -15.82 6.46
C TYR C 302 -44.44 -17.33 6.65
N PRO C 303 -45.24 -17.98 7.51
CA PRO C 303 -45.08 -19.42 7.78
C PRO C 303 -45.12 -20.35 6.56
N ALA C 304 -45.80 -19.95 5.48
CA ALA C 304 -45.76 -20.70 4.23
C ALA C 304 -44.34 -20.80 3.66
N ILE C 305 -43.60 -19.68 3.71
CA ILE C 305 -42.20 -19.67 3.29
C ILE C 305 -41.35 -20.54 4.23
N GLY C 306 -41.66 -20.47 5.53
CA GLY C 306 -41.04 -21.33 6.55
C GLY C 306 -41.09 -22.82 6.32
N GLU C 307 -42.11 -23.30 5.61
CA GLU C 307 -42.25 -24.74 5.29
C GLU C 307 -41.11 -25.31 4.42
N HIS C 308 -40.39 -24.45 3.69
CA HIS C 308 -39.16 -24.85 3.00
C HIS C 308 -38.04 -25.30 3.93
N PHE C 309 -37.98 -24.70 5.12
CA PHE C 309 -36.77 -24.67 5.94
C PHE C 309 -36.80 -25.47 7.26
N LYS C 310 -37.77 -26.37 7.42
CA LYS C 310 -37.93 -27.11 8.68
C LYS C 310 -36.71 -27.97 9.04
N ASP C 311 -36.18 -28.70 8.06
CA ASP C 311 -34.98 -29.54 8.23
C ASP C 311 -33.71 -28.93 7.59
N ALA C 312 -33.77 -27.66 7.22
CA ALA C 312 -32.70 -27.02 6.46
C ALA C 312 -31.56 -26.59 7.37
N VAL C 313 -30.34 -26.61 6.84
CA VAL C 313 -29.17 -26.06 7.53
C VAL C 313 -28.31 -25.24 6.57
N ASN C 314 -27.85 -24.08 7.07
CA ASN C 314 -26.87 -23.24 6.36
C ASN C 314 -25.59 -23.99 6.03
N ALA C 315 -25.14 -23.87 4.78
CA ALA C 315 -23.87 -24.44 4.35
C ALA C 315 -22.75 -23.38 4.21
N ARG C 316 -23.05 -22.14 4.58
CA ARG C 316 -22.05 -21.06 4.67
C ARG C 316 -22.60 -19.91 5.52
N GLU C 317 -21.78 -18.90 5.77
CA GLU C 317 -22.22 -17.70 6.50
C GLU C 317 -23.17 -16.89 5.64
N TRP C 318 -24.20 -16.32 6.26
CA TRP C 318 -25.05 -15.33 5.60
C TRP C 318 -24.21 -14.11 5.21
N ILE C 319 -24.49 -13.55 4.04
CA ILE C 319 -23.95 -12.25 3.62
C ILE C 319 -25.08 -11.24 3.71
N TYR C 320 -24.79 -10.08 4.30
CA TYR C 320 -25.72 -8.94 4.34
C TYR C 320 -25.13 -7.78 3.55
N ALA C 321 -25.95 -7.18 2.69
CA ALA C 321 -25.58 -5.98 1.93
C ALA C 321 -26.64 -4.91 2.20
N PRO C 322 -26.30 -3.85 2.96
CA PRO C 322 -27.31 -2.85 3.36
C PRO C 322 -27.97 -2.07 2.22
N ARG C 323 -27.24 -1.84 1.14
CA ARG C 323 -27.80 -1.22 -0.06
C ARG C 323 -27.12 -1.74 -1.31
N ILE C 324 -27.87 -2.48 -2.12
CA ILE C 324 -27.33 -3.16 -3.29
C ILE C 324 -27.42 -2.34 -4.59
N ASN C 325 -28.11 -1.20 -4.56
CA ASN C 325 -28.43 -0.45 -5.78
C ASN C 325 -27.52 0.76 -5.96
N TYR C 326 -26.99 0.91 -7.16
CA TYR C 326 -26.24 2.09 -7.53
C TYR C 326 -26.20 2.21 -9.06
N ARG C 327 -25.75 3.36 -9.54
CA ARG C 327 -25.55 3.59 -10.96
C ARG C 327 -24.33 4.49 -11.16
N SER C 328 -23.97 4.72 -12.42
CA SER C 328 -22.85 5.60 -12.76
C SER C 328 -23.23 6.62 -13.83
N VAL C 329 -22.73 7.84 -13.67
CA VAL C 329 -22.99 8.93 -14.63
C VAL C 329 -22.36 8.71 -16.00
N GLN C 330 -21.21 8.04 -16.00
CA GLN C 330 -20.50 7.63 -17.22
C GLN C 330 -19.90 6.25 -16.96
N ASN C 331 -19.51 5.57 -18.03
CA ASN C 331 -18.75 4.31 -17.90
C ASN C 331 -17.72 3.97 -18.98
N VAL C 332 -17.46 4.89 -19.91
CA VAL C 332 -16.37 4.74 -20.88
C VAL C 332 -15.57 6.04 -20.98
N GLY C 333 -14.28 5.89 -21.27
CA GLY C 333 -13.41 7.00 -21.60
C GLY C 333 -12.48 6.58 -22.71
N ASP C 334 -11.49 7.43 -22.99
CA ASP C 334 -10.43 7.14 -23.96
C ASP C 334 -9.79 5.76 -23.72
N ARG C 335 -9.43 5.50 -22.46
CA ARG C 335 -8.61 4.35 -22.08
C ARG C 335 -9.29 3.37 -21.09
N PHE C 336 -10.60 3.48 -20.90
CA PHE C 336 -11.31 2.55 -20.03
C PHE C 336 -12.77 2.28 -20.43
N CYS C 337 -13.27 1.14 -19.95
CA CYS C 337 -14.70 0.83 -19.95
C CYS C 337 -15.04 0.04 -18.70
N LEU C 338 -16.04 0.51 -17.96
CA LEU C 338 -16.65 -0.25 -16.87
C LEU C 338 -17.70 -1.16 -17.49
N LEU C 339 -17.61 -2.46 -17.21
CA LEU C 339 -18.69 -3.39 -17.58
C LEU C 339 -19.89 -3.12 -16.64
N PRO C 340 -21.12 -3.48 -17.07
CA PRO C 340 -22.35 -3.13 -16.33
C PRO C 340 -22.36 -3.44 -14.85
N GLN C 341 -21.87 -4.63 -14.48
CA GLN C 341 -21.69 -5.01 -13.06
C GLN C 341 -20.81 -4.02 -12.25
N ALA C 342 -19.85 -3.36 -12.90
CA ALA C 342 -19.04 -2.29 -12.29
C ALA C 342 -19.63 -0.87 -12.47
N THR C 343 -20.64 -0.74 -13.34
CA THR C 343 -21.29 0.54 -13.64
C THR C 343 -22.49 0.78 -12.72
N GLY C 344 -23.36 -0.21 -12.65
CA GLY C 344 -24.59 -0.11 -11.86
C GLY C 344 -25.23 -1.46 -11.60
N PHE C 345 -25.96 -1.55 -10.50
CA PHE C 345 -26.75 -2.73 -10.16
C PHE C 345 -28.06 -2.27 -9.53
N ILE C 346 -29.12 -3.03 -9.76
CA ILE C 346 -30.45 -2.69 -9.23
C ILE C 346 -30.91 -3.72 -8.21
N ASP C 347 -31.10 -4.96 -8.65
CA ASP C 347 -31.70 -6.00 -7.80
C ASP C 347 -31.58 -7.37 -8.47
N PRO C 348 -31.47 -8.46 -7.67
CA PRO C 348 -31.55 -9.81 -8.25
C PRO C 348 -32.85 -10.13 -9.01
N LEU C 349 -33.94 -9.42 -8.70
CA LEU C 349 -35.26 -9.65 -9.29
C LEU C 349 -35.25 -9.57 -10.82
N PHE C 350 -35.67 -10.67 -11.46
CA PHE C 350 -35.66 -10.84 -12.93
C PHE C 350 -34.27 -11.08 -13.56
N SER C 351 -33.23 -11.09 -12.73
CA SER C 351 -31.88 -11.42 -13.15
C SER C 351 -31.40 -10.65 -14.39
N ARG C 352 -31.64 -9.34 -14.40
CA ARG C 352 -31.27 -8.48 -15.54
C ARG C 352 -29.76 -8.21 -15.63
N GLY C 353 -29.05 -8.36 -14.51
CA GLY C 353 -27.61 -8.10 -14.43
C GLY C 353 -26.75 -8.88 -15.40
N LEU C 354 -26.93 -10.20 -15.46
CA LEU C 354 -26.21 -11.05 -16.40
C LEU C 354 -26.53 -10.72 -17.86
N ILE C 355 -27.79 -10.40 -18.13
CA ILE C 355 -28.24 -10.02 -19.48
C ILE C 355 -27.46 -8.80 -19.96
N THR C 356 -27.54 -7.72 -19.18
CA THR C 356 -26.84 -6.47 -19.49
C THR C 356 -25.34 -6.69 -19.67
N THR C 357 -24.74 -7.45 -18.77
CA THR C 357 -23.31 -7.75 -18.79
C THR C 357 -22.88 -8.47 -20.08
N PHE C 358 -23.58 -9.55 -20.44
CA PHE C 358 -23.22 -10.31 -21.65
C PHE C 358 -23.44 -9.54 -22.94
N GLU C 359 -24.52 -8.77 -23.02
CA GLU C 359 -24.76 -7.89 -24.17
C GLU C 359 -23.66 -6.82 -24.30
N SER C 360 -23.23 -6.27 -23.16
CA SER C 360 -22.18 -5.23 -23.14
C SER C 360 -20.82 -5.74 -23.64
N ILE C 361 -20.44 -6.97 -23.26
CA ILE C 361 -19.21 -7.61 -23.76
C ILE C 361 -19.30 -7.79 -25.29
N LEU C 362 -20.49 -8.17 -25.74
CA LEU C 362 -20.78 -8.40 -27.16
C LEU C 362 -20.62 -7.10 -27.96
N ARG C 363 -21.06 -5.99 -27.39
CA ARG C 363 -20.93 -4.65 -28.00
C ARG C 363 -19.51 -4.09 -27.88
N LEU C 364 -18.91 -4.22 -26.70
CA LEU C 364 -17.58 -3.66 -26.42
C LEU C 364 -16.46 -4.34 -27.20
N ALA C 365 -16.45 -5.68 -27.21
CA ALA C 365 -15.31 -6.46 -27.69
C ALA C 365 -14.85 -6.11 -29.13
N PRO C 366 -15.77 -6.02 -30.11
CA PRO C 366 -15.40 -5.58 -31.47
C PRO C 366 -14.79 -4.18 -31.56
N LYS C 367 -15.25 -3.28 -30.69
CA LYS C 367 -14.75 -1.90 -30.62
C LYS C 367 -13.33 -1.85 -30.06
N VAL C 368 -13.06 -2.68 -29.05
CA VAL C 368 -11.72 -2.81 -28.47
C VAL C 368 -10.73 -3.38 -29.50
N LEU C 369 -11.14 -4.46 -30.18
CA LEU C 369 -10.35 -5.05 -31.28
C LEU C 369 -10.00 -4.04 -32.36
N ASP C 370 -11.00 -3.29 -32.80
CA ASP C 370 -10.82 -2.25 -33.80
C ASP C 370 -9.90 -1.13 -33.31
N ALA C 371 -10.06 -0.75 -32.04
CA ALA C 371 -9.20 0.26 -31.40
C ALA C 371 -7.74 -0.20 -31.26
N ALA C 372 -7.56 -1.47 -30.89
CA ALA C 372 -6.23 -2.06 -30.75
C ALA C 372 -5.52 -2.25 -32.10
N ARG C 373 -6.29 -2.46 -33.16
CA ARG C 373 -5.74 -2.68 -34.51
C ARG C 373 -5.44 -1.38 -35.25
N SER C 374 -6.14 -0.31 -34.90
CA SER C 374 -5.92 1.03 -35.47
C SER C 374 -5.09 1.96 -34.57
N ASN C 375 -4.80 1.50 -33.34
CA ASN C 375 -4.18 2.30 -32.27
C ASN C 375 -4.84 3.66 -32.06
N ARG C 376 -6.17 3.65 -32.01
CA ARG C 376 -6.96 4.85 -31.77
C ARG C 376 -7.86 4.60 -30.57
N TRP C 377 -7.71 5.45 -29.56
CA TRP C 377 -8.33 5.26 -28.25
C TRP C 377 -9.00 6.56 -27.80
N GLN C 378 -10.21 6.75 -28.30
CA GLN C 378 -11.03 7.92 -27.98
C GLN C 378 -12.38 7.46 -27.43
N ARG C 379 -12.87 8.18 -26.43
CA ARG C 379 -14.16 7.92 -25.78
C ARG C 379 -15.31 7.71 -26.78
N GLU C 380 -15.35 8.53 -27.83
CA GLU C 380 -16.40 8.48 -28.85
C GLU C 380 -16.53 7.15 -29.59
N GLN C 381 -15.42 6.42 -29.72
CA GLN C 381 -15.44 5.05 -30.27
C GLN C 381 -16.30 4.07 -29.45
N PHE C 382 -16.43 4.33 -28.15
CA PHE C 382 -17.15 3.46 -27.22
C PHE C 382 -18.48 4.01 -26.71
N ILE C 383 -18.99 5.08 -27.33
CA ILE C 383 -20.16 5.79 -26.80
C ILE C 383 -21.45 4.93 -26.83
N GLU C 384 -21.58 4.06 -27.82
CA GLU C 384 -22.74 3.16 -27.93
C GLU C 384 -22.75 2.04 -26.89
N VAL C 385 -21.57 1.71 -26.35
CA VAL C 385 -21.45 0.80 -25.19
C VAL C 385 -22.05 1.50 -23.97
N GLU C 386 -21.65 2.75 -23.74
CA GLU C 386 -22.20 3.56 -22.64
C GLU C 386 -23.70 3.76 -22.77
N ARG C 387 -24.16 4.13 -23.96
CA ARG C 387 -25.59 4.34 -24.21
C ARG C 387 -26.40 3.12 -23.83
N HIS C 388 -25.98 1.95 -24.32
CA HIS C 388 -26.64 0.70 -23.95
C HIS C 388 -26.66 0.46 -22.44
N CYS C 389 -25.49 0.56 -21.81
CA CYS C 389 -25.35 0.21 -20.39
C CYS C 389 -26.14 1.13 -19.46
N LEU C 390 -26.04 2.44 -19.66
CA LEU C 390 -26.77 3.40 -18.83
C LEU C 390 -28.28 3.33 -19.04
N ASN C 391 -28.73 3.13 -20.27
CA ASN C 391 -30.15 2.88 -20.55
C ASN C 391 -30.64 1.58 -19.92
N ALA C 392 -29.81 0.55 -19.95
CA ALA C 392 -30.15 -0.76 -19.39
C ALA C 392 -30.33 -0.70 -17.86
N VAL C 393 -29.46 0.03 -17.18
CA VAL C 393 -29.58 0.24 -15.72
C VAL C 393 -30.84 1.06 -15.40
N ALA C 394 -31.10 2.12 -16.17
CA ALA C 394 -32.31 2.94 -16.01
C ALA C 394 -33.59 2.12 -16.20
N THR C 395 -33.63 1.34 -17.27
CA THR C 395 -34.74 0.41 -17.53
C THR C 395 -34.91 -0.60 -16.39
N ASN C 396 -33.80 -1.20 -15.99
CA ASN C 396 -33.75 -2.14 -14.86
C ASN C 396 -34.30 -1.53 -13.58
N ASP C 397 -33.95 -0.26 -13.33
CA ASP C 397 -34.44 0.47 -12.16
C ASP C 397 -35.96 0.67 -12.17
N GLN C 398 -36.49 1.02 -13.34
CA GLN C 398 -37.95 1.19 -13.51
C GLN C 398 -38.68 -0.14 -13.36
N LEU C 399 -38.18 -1.18 -14.02
CA LEU C 399 -38.75 -2.52 -13.93
C LEU C 399 -38.87 -2.99 -12.48
N VAL C 400 -37.76 -2.93 -11.75
CA VAL C 400 -37.72 -3.43 -10.37
C VAL C 400 -38.52 -2.58 -9.38
N SER C 401 -38.35 -1.26 -9.39
CA SER C 401 -39.08 -0.40 -8.45
C SER C 401 -40.59 -0.55 -8.60
N CYS C 402 -41.06 -0.61 -9.85
CA CYS C 402 -42.48 -0.84 -10.14
C CYS C 402 -42.96 -2.23 -9.73
N SER C 403 -42.09 -3.23 -9.87
CA SER C 403 -42.38 -4.60 -9.42
C SER C 403 -42.54 -4.68 -7.90
N TYR C 404 -41.64 -4.02 -7.17
CA TYR C 404 -41.74 -3.92 -5.72
C TYR C 404 -43.06 -3.29 -5.24
N GLU C 405 -43.61 -2.34 -6.01
CA GLU C 405 -44.93 -1.77 -5.72
C GLU C 405 -46.05 -2.79 -6.02
N ALA C 406 -45.89 -3.54 -7.10
CA ALA C 406 -46.83 -4.60 -7.47
C ALA C 406 -46.89 -5.78 -6.48
N PHE C 407 -45.85 -5.94 -5.66
CA PHE C 407 -45.86 -6.96 -4.59
C PHE C 407 -46.98 -6.77 -3.55
N SER C 408 -47.54 -5.57 -3.44
CA SER C 408 -48.60 -5.27 -2.45
C SER C 408 -49.91 -6.08 -2.57
N ASP C 409 -50.15 -6.72 -3.71
CA ASP C 409 -51.41 -7.43 -3.95
C ASP C 409 -51.21 -8.49 -5.03
N PHE C 410 -51.82 -9.67 -4.88
CA PHE C 410 -51.61 -10.73 -5.88
C PHE C 410 -52.18 -10.40 -7.24
N HIS C 411 -53.44 -9.98 -7.28
CA HIS C 411 -54.10 -9.63 -8.55
C HIS C 411 -53.30 -8.56 -9.29
N LEU C 412 -52.87 -7.53 -8.57
CA LEU C 412 -51.99 -6.49 -9.13
C LEU C 412 -50.68 -7.07 -9.67
N TRP C 413 -50.04 -7.96 -8.91
CA TRP C 413 -48.84 -8.64 -9.39
C TRP C 413 -49.12 -9.46 -10.66
N ASN C 414 -50.22 -10.21 -10.65
CA ASN C 414 -50.64 -11.02 -11.79
C ASN C 414 -50.76 -10.19 -13.08
N VAL C 415 -51.41 -9.03 -12.99
CA VAL C 415 -51.51 -8.12 -14.14
C VAL C 415 -50.14 -7.55 -14.50
N TRP C 416 -49.41 -7.07 -13.50
CA TRP C 416 -48.08 -6.45 -13.71
C TRP C 416 -47.06 -7.37 -14.38
N HIS C 417 -47.02 -8.65 -13.98
CA HIS C 417 -45.98 -9.57 -14.48
C HIS C 417 -46.05 -9.79 -16.01
N ARG C 418 -47.24 -9.60 -16.58
CA ARG C 418 -47.43 -9.65 -18.04
C ARG C 418 -46.67 -8.53 -18.79
N VAL C 419 -46.50 -7.38 -18.14
CA VAL C 419 -45.68 -6.29 -18.68
C VAL C 419 -44.21 -6.72 -18.79
N TRP C 420 -43.66 -7.28 -17.72
CA TRP C 420 -42.30 -7.83 -17.77
C TRP C 420 -42.18 -8.96 -18.78
N LEU C 421 -43.12 -9.91 -18.73
CA LEU C 421 -43.06 -11.13 -19.55
C LEU C 421 -43.10 -10.82 -21.04
N SER C 422 -44.01 -9.96 -21.45
CA SER C 422 -44.19 -9.62 -22.88
C SER C 422 -42.95 -8.94 -23.49
N GLY C 423 -42.32 -8.04 -22.74
CA GLY C 423 -41.07 -7.41 -23.19
C GLY C 423 -39.89 -8.37 -23.25
N SER C 424 -39.75 -9.18 -22.21
CA SER C 424 -38.73 -10.23 -22.14
C SER C 424 -38.85 -11.22 -23.30
N ASN C 425 -40.08 -11.67 -23.56
CA ASN C 425 -40.38 -12.53 -24.72
C ASN C 425 -40.00 -11.87 -26.05
N LEU C 426 -40.28 -10.58 -26.20
CA LEU C 426 -39.90 -9.84 -27.42
C LEU C 426 -38.38 -9.74 -27.56
N GLY C 427 -37.70 -9.46 -26.45
CA GLY C 427 -36.23 -9.38 -26.42
C GLY C 427 -35.56 -10.69 -26.79
N SER C 428 -36.04 -11.78 -26.18
CA SER C 428 -35.58 -13.14 -26.46
C SER C 428 -35.71 -13.52 -27.94
N ALA C 429 -36.87 -13.26 -28.51
CA ALA C 429 -37.14 -13.53 -29.93
C ALA C 429 -36.18 -12.75 -30.82
N PHE C 430 -35.97 -11.48 -30.48
CA PHE C 430 -35.06 -10.63 -31.22
C PHE C 430 -33.62 -11.16 -31.20
N LEU C 431 -33.16 -11.59 -30.03
CA LEU C 431 -31.82 -12.17 -29.90
C LEU C 431 -31.67 -13.49 -30.64
N GLN C 432 -32.70 -14.33 -30.57
CA GLN C 432 -32.75 -15.59 -31.32
C GLN C 432 -32.64 -15.36 -32.84
N LYS C 433 -33.34 -14.34 -33.34
CA LYS C 433 -33.26 -13.95 -34.76
C LYS C 433 -31.82 -13.58 -35.14
N LEU C 434 -31.20 -12.71 -34.35
CA LEU C 434 -29.80 -12.31 -34.58
C LEU C 434 -28.86 -13.50 -34.60
N LEU C 435 -29.10 -14.46 -33.71
CA LEU C 435 -28.31 -15.68 -33.64
C LEU C 435 -28.49 -16.56 -34.89
N HIS C 436 -29.73 -16.72 -35.35
CA HIS C 436 -30.03 -17.49 -36.58
C HIS C 436 -29.31 -16.88 -37.80
N ASP C 437 -29.41 -15.56 -37.94
CA ASP C 437 -28.72 -14.83 -39.02
C ASP C 437 -27.20 -14.99 -38.97
N LEU C 438 -26.63 -14.96 -37.76
CA LEU C 438 -25.18 -15.09 -37.60
C LEU C 438 -24.70 -16.51 -37.92
N GLU C 439 -25.41 -17.50 -37.37
CA GLU C 439 -25.15 -18.92 -37.66
C GLU C 439 -25.17 -19.26 -39.15
N HIS C 440 -26.10 -18.67 -39.91
CA HIS C 440 -26.27 -18.98 -41.33
C HIS C 440 -25.42 -18.13 -42.28
N SER C 441 -25.34 -16.82 -42.02
CA SER C 441 -24.55 -15.92 -42.87
C SER C 441 -23.04 -16.01 -42.63
N GLY C 442 -22.64 -16.34 -41.40
CA GLY C 442 -21.24 -16.25 -40.96
C GLY C 442 -20.70 -14.82 -40.85
N ASP C 443 -21.59 -13.83 -40.94
CA ASP C 443 -21.22 -12.43 -41.12
C ASP C 443 -21.21 -11.71 -39.77
N ALA C 444 -20.01 -11.63 -39.19
CA ALA C 444 -19.79 -11.00 -37.89
C ALA C 444 -20.09 -9.50 -37.89
N ARG C 445 -19.73 -8.82 -38.97
CA ARG C 445 -19.89 -7.37 -39.08
C ARG C 445 -21.35 -6.92 -39.21
N GLN C 446 -22.17 -7.72 -39.89
CA GLN C 446 -23.60 -7.46 -40.03
C GLN C 446 -24.33 -7.61 -38.69
N PHE C 447 -23.91 -8.60 -37.91
CA PHE C 447 -24.44 -8.81 -36.56
C PHE C 447 -24.17 -7.61 -35.64
N ASP C 448 -22.92 -7.17 -35.60
CA ASP C 448 -22.49 -6.01 -34.80
C ASP C 448 -23.33 -4.78 -35.14
N ALA C 449 -23.48 -4.52 -36.43
CA ALA C 449 -24.32 -3.41 -36.93
C ALA C 449 -25.78 -3.56 -36.53
N ALA C 450 -26.34 -4.76 -36.75
CA ALA C 450 -27.74 -5.05 -36.39
C ALA C 450 -28.01 -4.86 -34.89
N LEU C 451 -27.08 -5.31 -34.05
CA LEU C 451 -27.20 -5.12 -32.60
C LEU C 451 -27.12 -3.64 -32.23
N GLU C 452 -26.21 -2.91 -32.87
CA GLU C 452 -26.09 -1.47 -32.64
C GLU C 452 -27.26 -0.66 -33.20
N ALA C 453 -27.89 -1.17 -34.26
CA ALA C 453 -29.03 -0.50 -34.92
C ALA C 453 -30.38 -0.59 -34.18
N VAL C 454 -30.45 -1.31 -33.06
CA VAL C 454 -31.73 -1.47 -32.33
C VAL C 454 -32.22 -0.10 -31.85
N ARG C 455 -33.54 0.11 -31.94
CA ARG C 455 -34.12 1.42 -31.64
C ARG C 455 -34.14 1.77 -30.15
N PHE C 456 -34.22 0.76 -29.29
CA PHE C 456 -34.28 0.97 -27.84
C PHE C 456 -33.23 0.10 -27.13
N PRO C 457 -31.94 0.48 -27.24
CA PRO C 457 -30.90 -0.30 -26.57
C PRO C 457 -31.07 -0.22 -25.07
N GLY C 458 -31.15 -1.38 -24.43
CA GLY C 458 -31.35 -1.47 -22.99
C GLY C 458 -32.77 -1.68 -22.53
N OCS C 459 -33.75 -1.45 -23.42
CA OCS C 459 -35.16 -1.74 -23.13
CB OCS C 459 -36.11 -0.96 -24.05
SG OCS C 459 -37.73 -1.35 -23.86
C OCS C 459 -35.35 -3.23 -23.28
O OCS C 459 -34.58 -3.90 -23.98
OD1 OCS C 459 -38.59 -0.01 -24.18
OD2 OCS C 459 -38.10 -2.40 -24.77
OD3 OCS C 459 -38.04 -1.73 -22.50
N LEU C 460 -36.38 -3.76 -22.63
CA LEU C 460 -36.60 -5.21 -22.57
C LEU C 460 -36.81 -5.85 -23.95
N SER C 461 -37.57 -5.17 -24.81
CA SER C 461 -37.81 -5.65 -26.18
C SER C 461 -36.64 -5.43 -27.15
N LEU C 462 -35.76 -4.47 -26.83
CA LEU C 462 -34.65 -4.00 -27.69
C LEU C 462 -35.10 -3.12 -28.87
N ASP C 463 -36.13 -3.53 -29.60
CA ASP C 463 -36.49 -2.92 -30.89
C ASP C 463 -37.99 -2.65 -31.16
N SER C 464 -38.87 -2.87 -30.18
CA SER C 464 -40.32 -2.75 -30.42
C SER C 464 -40.88 -1.42 -29.89
N PRO C 465 -41.33 -0.51 -30.79
CA PRO C 465 -41.95 0.74 -30.29
C PRO C 465 -43.26 0.51 -29.52
N ALA C 466 -44.01 -0.51 -29.91
CA ALA C 466 -45.25 -0.88 -29.23
C ALA C 466 -44.98 -1.28 -27.78
N TYR C 467 -44.03 -2.18 -27.58
CA TYR C 467 -43.68 -2.58 -26.23
C TYR C 467 -43.15 -1.42 -25.37
N GLU C 468 -42.24 -0.62 -25.94
CA GLU C 468 -41.63 0.47 -25.17
C GLU C 468 -42.68 1.45 -24.67
N SER C 469 -43.71 1.67 -25.49
CA SER C 469 -44.89 2.46 -25.10
C SER C 469 -45.65 1.82 -23.93
N LEU C 470 -45.91 0.51 -24.02
CA LEU C 470 -46.58 -0.22 -22.93
C LEU C 470 -45.79 -0.14 -21.61
N PHE C 471 -44.49 -0.35 -21.69
CA PHE C 471 -43.60 -0.32 -20.52
C PHE C 471 -43.54 1.06 -19.85
N ARG C 472 -43.32 2.08 -20.64
CA ARG C 472 -43.26 3.47 -20.22
C ARG C 472 -44.54 3.87 -19.49
N GLN C 473 -45.66 3.64 -20.13
CA GLN C 473 -46.98 3.94 -19.59
C GLN C 473 -47.36 3.11 -18.35
N SER C 474 -46.98 1.83 -18.35
CA SER C 474 -47.26 0.95 -17.20
C SER C 474 -46.45 1.33 -15.96
N CYS C 475 -45.18 1.66 -16.14
CA CYS C 475 -44.33 2.21 -15.06
C CYS C 475 -44.89 3.52 -14.51
N GLN C 476 -45.48 4.33 -15.39
CA GLN C 476 -46.16 5.57 -15.02
C GLN C 476 -47.34 5.32 -14.09
N VAL C 477 -48.16 4.32 -14.45
CA VAL C 477 -49.30 3.89 -13.62
C VAL C 477 -48.84 3.45 -12.23
N MET C 478 -47.76 2.66 -12.18
CA MET C 478 -47.25 2.12 -10.91
C MET C 478 -46.62 3.18 -10.01
N GLN C 479 -45.86 4.11 -10.58
CA GLN C 479 -45.21 5.17 -9.80
C GLN C 479 -46.25 6.14 -9.23
N GLN C 480 -47.26 6.49 -10.03
CA GLN C 480 -48.42 7.25 -9.55
C GLN C 480 -49.16 6.54 -8.42
N ALA C 481 -49.36 5.22 -8.57
CA ALA C 481 -50.04 4.42 -7.54
C ALA C 481 -49.30 4.43 -6.20
N ARG C 482 -47.97 4.37 -6.24
CA ARG C 482 -47.12 4.51 -5.06
C ARG C 482 -47.19 5.93 -4.50
N GLU C 483 -46.90 6.92 -5.35
CA GLU C 483 -46.87 8.34 -4.98
C GLU C 483 -48.17 8.82 -4.32
N GLN C 484 -49.30 8.39 -4.87
CA GLN C 484 -50.63 8.82 -4.43
C GLN C 484 -51.44 7.75 -3.67
N ALA C 485 -50.76 6.68 -3.22
CA ALA C 485 -51.37 5.57 -2.47
C ALA C 485 -52.77 5.16 -2.97
N ARG C 486 -52.86 4.88 -4.27
CA ARG C 486 -54.12 4.55 -4.94
C ARG C 486 -54.59 3.12 -4.63
N PRO C 487 -55.91 2.85 -4.83
CA PRO C 487 -56.40 1.48 -4.60
C PRO C 487 -55.81 0.46 -5.57
N VAL C 488 -55.46 -0.72 -5.06
CA VAL C 488 -54.82 -1.77 -5.86
C VAL C 488 -55.68 -2.29 -7.03
N ALA C 489 -57.00 -2.27 -6.87
CA ALA C 489 -57.93 -2.72 -7.92
C ALA C 489 -57.95 -1.78 -9.13
N GLU C 490 -57.92 -0.47 -8.84
CA GLU C 490 -57.84 0.59 -9.86
C GLU C 490 -56.56 0.47 -10.69
N THR C 491 -55.43 0.36 -9.99
CA THR C 491 -54.11 0.22 -10.60
C THR C 491 -54.04 -1.02 -11.50
N ALA C 492 -54.52 -2.15 -10.99
CA ALA C 492 -54.58 -3.39 -11.76
C ALA C 492 -55.39 -3.24 -13.04
N ASN C 493 -56.56 -2.60 -12.92
CA ASN C 493 -57.43 -2.36 -14.08
C ASN C 493 -56.78 -1.46 -15.14
N ALA C 494 -56.11 -0.40 -14.69
CA ALA C 494 -55.41 0.52 -15.60
C ALA C 494 -54.27 -0.17 -16.37
N LEU C 495 -53.56 -1.06 -15.70
CA LEU C 495 -52.54 -1.90 -16.37
C LEU C 495 -53.18 -2.86 -17.36
N HIS C 496 -54.30 -3.48 -16.97
CA HIS C 496 -55.04 -4.39 -17.84
C HIS C 496 -55.46 -3.72 -19.15
N GLU C 497 -55.93 -2.48 -19.05
CA GLU C 497 -56.33 -1.70 -20.24
C GLU C 497 -55.16 -1.32 -21.15
N LEU C 498 -53.99 -1.06 -20.56
CA LEU C 498 -52.77 -0.81 -21.34
C LEU C 498 -52.31 -2.06 -22.10
N ILE C 499 -52.40 -3.22 -21.44
CA ILE C 499 -52.06 -4.51 -22.07
C ILE C 499 -52.97 -4.78 -23.28
N LYS C 500 -54.28 -4.60 -23.09
CA LYS C 500 -55.27 -4.82 -24.16
C LYS C 500 -55.03 -3.91 -25.39
N GLU C 501 -54.79 -2.64 -25.10
CA GLU C 501 -54.42 -1.63 -26.11
C GLU C 501 -53.20 -1.99 -26.98
N HIS C 502 -52.18 -2.56 -26.36
CA HIS C 502 -50.91 -2.85 -27.04
C HIS C 502 -50.77 -4.30 -27.55
N GLU C 503 -51.72 -5.14 -27.21
CA GLU C 503 -51.58 -6.60 -27.33
C GLU C 503 -51.38 -7.12 -28.75
N ALA C 504 -52.01 -6.44 -29.73
CA ALA C 504 -51.90 -6.83 -31.14
C ALA C 504 -50.47 -6.79 -31.69
N GLU C 505 -49.63 -5.93 -31.11
CA GLU C 505 -48.24 -5.73 -31.54
C GLU C 505 -47.21 -6.47 -30.67
N LEU C 506 -47.69 -7.29 -29.72
CA LEU C 506 -46.85 -8.19 -28.93
C LEU C 506 -46.95 -9.58 -29.53
N LEU C 507 -46.23 -10.55 -28.94
CA LEU C 507 -46.38 -11.95 -29.34
C LEU C 507 -47.77 -12.46 -28.94
N PRO C 508 -48.35 -13.40 -29.70
CA PRO C 508 -49.75 -13.82 -29.51
C PRO C 508 -49.96 -14.85 -28.37
N LEU C 509 -49.56 -14.48 -27.16
CA LEU C 509 -49.58 -15.41 -26.01
C LEU C 509 -50.80 -15.25 -25.10
N GLY C 510 -51.66 -14.27 -25.38
CA GLY C 510 -52.84 -14.01 -24.58
C GLY C 510 -52.51 -13.36 -23.24
N TYR C 511 -51.67 -12.32 -23.29
CA TYR C 511 -51.23 -11.60 -22.08
C TYR C 511 -52.37 -10.98 -21.30
N SER C 512 -53.40 -10.52 -22.00
CA SER C 512 -54.56 -9.90 -21.37
C SER C 512 -55.56 -10.87 -20.72
N ARG C 513 -55.42 -12.18 -20.96
CA ARG C 513 -56.19 -13.21 -20.24
C ARG C 513 -55.64 -13.34 -18.81
N ILE C 514 -56.16 -12.51 -17.91
CA ILE C 514 -55.65 -12.42 -16.53
C ILE C 514 -55.99 -13.68 -15.72
N SER C 515 -57.14 -14.28 -15.99
CA SER C 515 -57.55 -15.51 -15.29
C SER C 515 -56.59 -16.70 -15.54
N ASN C 516 -55.91 -16.73 -16.68
CA ASN C 516 -54.87 -17.73 -16.96
C ASN C 516 -53.51 -17.30 -16.38
N ARG C 517 -53.09 -17.97 -15.31
CA ARG C 517 -51.90 -17.59 -14.53
C ARG C 517 -50.61 -18.29 -14.96
N PHE C 518 -50.71 -19.19 -15.94
CA PHE C 518 -49.57 -19.93 -16.47
C PHE C 518 -49.54 -19.73 -17.98
N ILE C 519 -48.95 -18.59 -18.37
CA ILE C 519 -48.93 -18.19 -19.77
C ILE C 519 -47.98 -19.08 -20.56
N LEU C 520 -48.55 -19.87 -21.47
CA LEU C 520 -47.80 -20.85 -22.25
C LEU C 520 -47.23 -20.25 -23.54
N LYS C 521 -46.12 -20.82 -24.00
CA LYS C 521 -45.47 -20.41 -25.25
C LYS C 521 -46.29 -20.79 -26.49
N GLN D 23 40.67 8.97 -6.45
CA GLN D 23 40.13 10.35 -6.69
C GLN D 23 40.35 11.27 -5.49
N TYR D 24 39.78 10.87 -4.36
CA TYR D 24 39.68 11.72 -3.18
C TYR D 24 40.66 11.30 -2.10
N ASP D 25 40.95 12.23 -1.19
CA ASP D 25 41.72 11.93 0.00
C ASP D 25 40.82 11.36 1.09
N VAL D 26 39.71 12.06 1.33
CA VAL D 26 38.78 11.71 2.39
C VAL D 26 37.35 11.72 1.86
N ILE D 27 36.60 10.67 2.19
CA ILE D 27 35.16 10.63 2.00
C ILE D 27 34.54 10.82 3.39
N ILE D 28 33.52 11.66 3.45
CA ILE D 28 32.79 11.93 4.70
C ILE D 28 31.34 11.52 4.48
N ILE D 29 30.82 10.68 5.38
CA ILE D 29 29.40 10.29 5.37
C ILE D 29 28.67 11.21 6.34
N GLY D 30 27.68 11.94 5.81
CA GLY D 30 26.86 12.88 6.61
C GLY D 30 27.26 14.30 6.28
N SER D 31 26.26 15.12 5.95
CA SER D 31 26.49 16.51 5.54
C SER D 31 25.89 17.54 6.51
N GLY D 32 25.54 17.10 7.72
CA GLY D 32 25.14 18.01 8.80
C GLY D 32 26.36 18.76 9.30
N ILE D 33 26.21 19.45 10.43
CA ILE D 33 27.26 20.33 10.93
C ILE D 33 28.61 19.61 11.16
N ALA D 34 28.56 18.37 11.65
CA ALA D 34 29.79 17.62 11.97
C ALA D 34 30.59 17.30 10.70
N GLY D 35 29.93 16.65 9.75
CA GLY D 35 30.55 16.33 8.46
C GLY D 35 30.95 17.55 7.65
N ALA D 36 30.12 18.59 7.72
CA ALA D 36 30.36 19.85 7.00
C ALA D 36 31.62 20.55 7.51
N LEU D 37 31.69 20.75 8.82
CA LEU D 37 32.85 21.37 9.45
C LEU D 37 34.13 20.55 9.29
N THR D 38 34.01 19.22 9.35
CA THR D 38 35.13 18.32 9.05
C THR D 38 35.61 18.51 7.60
N GLY D 39 34.65 18.59 6.67
CA GLY D 39 34.96 18.83 5.27
C GLY D 39 35.63 20.16 5.03
N ALA D 40 35.12 21.21 5.67
CA ALA D 40 35.64 22.56 5.55
C ALA D 40 37.10 22.66 5.97
N VAL D 41 37.41 22.16 7.17
CA VAL D 41 38.78 22.23 7.70
C VAL D 41 39.77 21.43 6.84
N LEU D 42 39.37 20.24 6.39
CA LEU D 42 40.22 19.40 5.53
C LEU D 42 40.40 19.97 4.12
N ALA D 43 39.33 20.49 3.54
CA ALA D 43 39.39 21.14 2.21
C ALA D 43 40.25 22.39 2.25
N LYS D 44 40.01 23.25 3.23
CA LYS D 44 40.87 24.42 3.54
C LYS D 44 42.36 24.05 3.61
N SER D 45 42.66 22.93 4.24
CA SER D 45 44.03 22.44 4.43
C SER D 45 44.66 21.72 3.23
N GLY D 46 43.98 21.73 2.09
CA GLY D 46 44.54 21.21 0.83
C GLY D 46 44.16 19.79 0.48
N LEU D 47 43.16 19.21 1.17
CA LEU D 47 42.68 17.87 0.83
C LEU D 47 41.52 17.91 -0.14
N ASN D 48 41.38 16.79 -0.84
CA ASN D 48 40.35 16.58 -1.84
C ASN D 48 39.24 15.77 -1.16
N VAL D 49 38.16 16.46 -0.81
CA VAL D 49 37.13 15.94 0.08
C VAL D 49 35.82 15.72 -0.68
N LEU D 50 35.20 14.57 -0.43
CA LEU D 50 33.86 14.26 -0.92
C LEU D 50 32.93 13.99 0.27
N ILE D 51 31.83 14.74 0.34
CA ILE D 51 30.81 14.56 1.36
C ILE D 51 29.62 13.83 0.74
N LEU D 52 29.22 12.72 1.36
CA LEU D 52 28.08 11.91 0.92
C LEU D 52 26.94 12.01 1.92
N ASP D 53 25.71 12.09 1.41
CA ASP D 53 24.53 12.08 2.27
C ASP D 53 23.33 11.46 1.55
N SER D 54 22.63 10.57 2.24
CA SER D 54 21.38 9.98 1.76
C SER D 54 20.24 10.99 1.82
N ALA D 55 20.31 11.92 2.76
CA ALA D 55 19.38 13.03 2.87
C ALA D 55 19.79 14.16 1.92
N GLN D 56 19.04 15.25 1.96
CA GLN D 56 19.39 16.48 1.27
C GLN D 56 18.99 17.68 2.11
N HIS D 57 19.68 18.79 1.91
CA HIS D 57 19.31 20.05 2.56
C HIS D 57 18.20 20.73 1.74
N PRO D 58 17.28 21.47 2.38
CA PRO D 58 17.22 21.61 3.84
C PRO D 58 16.58 20.39 4.49
N ARG D 59 17.04 20.02 5.68
CA ARG D 59 16.35 19.01 6.47
C ARG D 59 16.46 19.26 7.96
N PHE D 60 15.41 18.82 8.65
CA PHE D 60 15.31 18.88 10.10
C PHE D 60 16.39 18.01 10.76
N SER D 61 16.86 18.48 11.90
CA SER D 61 17.73 17.71 12.79
C SER D 61 17.54 18.20 14.22
N VAL D 62 17.68 17.30 15.18
CA VAL D 62 17.74 17.67 16.61
C VAL D 62 19.19 17.80 17.06
N GLY D 63 19.40 18.16 18.33
CA GLY D 63 20.73 18.47 18.86
C GLY D 63 20.89 19.97 18.78
N GLU D 64 20.11 20.66 19.61
CA GLU D 64 19.86 22.10 19.46
C GLU D 64 20.46 23.00 20.55
N ALA D 65 20.66 22.46 21.75
CA ALA D 65 21.20 23.24 22.88
C ALA D 65 22.71 23.39 22.77
N ALA D 66 23.18 24.58 22.43
CA ALA D 66 24.60 24.91 22.53
C ALA D 66 24.99 25.06 23.99
N THR D 67 26.27 24.80 24.29
CA THR D 67 26.82 24.91 25.64
C THR D 67 28.00 25.87 25.62
N PRO D 68 28.53 26.25 26.80
CA PRO D 68 29.80 27.00 26.80
C PRO D 68 30.93 26.24 26.13
N GLU D 69 30.99 24.93 26.36
CA GLU D 69 32.03 24.09 25.75
C GLU D 69 31.94 24.08 24.23
N SER D 70 30.73 23.87 23.68
CA SER D 70 30.53 23.85 22.22
C SER D 70 30.85 25.20 21.56
N GLY D 71 30.56 26.30 22.26
CA GLY D 71 30.93 27.63 21.81
C GLY D 71 32.44 27.83 21.69
N PHE D 72 33.17 27.47 22.74
CA PHE D 72 34.63 27.55 22.75
C PHE D 72 35.26 26.62 21.70
N LEU D 73 34.71 25.41 21.55
CA LEU D 73 35.19 24.45 20.58
C LEU D 73 35.02 24.91 19.13
N LEU D 74 33.91 25.58 18.83
CA LEU D 74 33.68 26.20 17.51
C LEU D 74 34.70 27.32 17.23
N ARG D 75 34.96 28.15 18.22
CA ARG D 75 35.96 29.22 18.10
C ARG D 75 37.39 28.66 17.98
N LEU D 76 37.66 27.56 18.68
CA LEU D 76 38.94 26.85 18.52
C LEU D 76 39.09 26.25 17.11
N LEU D 77 38.03 25.61 16.60
CA LEU D 77 38.02 25.12 15.21
C LEU D 77 38.28 26.24 14.21
N SER D 78 37.61 27.38 14.40
CA SER D 78 37.80 28.58 13.59
C SER D 78 39.24 29.09 13.61
N LYS D 79 39.81 29.16 14.82
CA LYS D 79 41.15 29.71 15.03
C LYS D 79 42.24 28.76 14.56
N ARG D 80 42.13 27.50 14.96
CA ARG D 80 43.09 26.45 14.58
C ARG D 80 43.24 26.25 13.07
N PHE D 81 42.15 26.43 12.30
CA PHE D 81 42.19 26.23 10.84
C PHE D 81 42.00 27.49 10.00
N ASP D 82 41.92 28.65 10.65
CA ASP D 82 41.82 29.95 9.99
C ASP D 82 40.58 30.06 9.06
N ILE D 83 39.42 29.71 9.60
CA ILE D 83 38.15 29.84 8.88
C ILE D 83 37.22 30.68 9.76
N PRO D 84 37.26 32.02 9.59
CA PRO D 84 36.46 32.90 10.45
C PRO D 84 34.95 32.62 10.49
N GLU D 85 34.38 32.13 9.38
CA GLU D 85 32.94 31.82 9.33
C GLU D 85 32.46 30.76 10.34
N ILE D 86 33.35 29.85 10.75
CA ILE D 86 33.00 28.85 11.76
C ILE D 86 32.68 29.51 13.12
N ALA D 87 33.41 30.56 13.47
CA ALA D 87 33.21 31.29 14.74
C ALA D 87 31.85 31.95 14.83
N TYR D 88 31.28 32.34 13.69
CA TYR D 88 29.93 32.89 13.63
C TYR D 88 28.87 31.98 14.25
N LEU D 89 29.08 30.67 14.15
CA LEU D 89 28.16 29.69 14.74
C LEU D 89 28.24 29.54 16.28
N SER D 90 29.17 30.24 16.93
CA SER D 90 29.38 30.13 18.39
C SER D 90 28.61 31.11 19.28
N HIS D 91 28.05 32.17 18.70
CA HIS D 91 27.31 33.20 19.46
C HIS D 91 25.98 33.54 18.75
N PRO D 92 24.87 33.67 19.51
CA PRO D 92 23.55 33.91 18.90
C PRO D 92 23.42 35.19 18.06
N ASP D 93 23.98 36.30 18.55
CA ASP D 93 24.07 37.56 17.78
C ASP D 93 24.78 37.41 16.42
N LYS D 94 25.86 36.63 16.38
CA LYS D 94 26.57 36.33 15.13
C LYS D 94 25.78 35.41 14.19
N ILE D 95 25.07 34.44 14.77
CA ILE D 95 24.19 33.55 14.01
C ILE D 95 23.10 34.37 13.30
N ILE D 96 22.40 35.21 14.08
CA ILE D 96 21.35 36.10 13.55
C ILE D 96 21.86 36.96 12.38
N GLN D 97 23.04 37.54 12.57
CA GLN D 97 23.60 38.49 11.60
C GLN D 97 24.10 37.82 10.31
N HIS D 98 24.80 36.70 10.45
CA HIS D 98 25.50 36.04 9.33
C HIS D 98 24.75 34.84 8.72
N VAL D 99 24.08 34.05 9.55
CA VAL D 99 23.32 32.88 9.07
C VAL D 99 21.90 33.31 8.68
N GLY D 100 21.21 33.94 9.62
CA GLY D 100 19.85 34.43 9.38
C GLY D 100 19.07 34.64 10.65
N SER D 101 18.04 35.46 10.57
CA SER D 101 17.24 35.83 11.73
C SER D 101 16.39 34.69 12.28
N SER D 102 16.11 33.67 11.47
CA SER D 102 15.39 32.47 11.92
C SER D 102 16.30 31.33 12.40
N ALA D 103 17.62 31.55 12.38
CA ALA D 103 18.59 30.47 12.55
C ALA D 103 18.85 30.04 14.00
N CYS D 104 18.41 30.86 14.96
CA CYS D 104 18.52 30.48 16.38
C CYS D 104 17.57 31.23 17.29
N GLY D 105 17.35 30.64 18.46
CA GLY D 105 16.85 31.36 19.64
C GLY D 105 18.02 31.63 20.56
N ILE D 106 17.74 32.23 21.72
CA ILE D 106 18.77 32.54 22.72
C ILE D 106 18.72 31.56 23.90
N LYS D 107 19.85 31.43 24.56
CA LYS D 107 20.00 30.59 25.75
C LYS D 107 20.85 31.37 26.76
N LEU D 108 20.22 31.77 27.86
CA LEU D 108 20.90 32.47 28.96
C LEU D 108 21.21 31.55 30.15
N GLY D 109 20.90 30.27 30.01
CA GLY D 109 21.23 29.26 31.01
C GLY D 109 20.54 27.95 30.74
N PHE D 110 20.79 27.00 31.64
CA PHE D 110 20.03 25.75 31.71
C PHE D 110 19.11 25.95 32.89
N SER D 111 17.88 25.46 32.78
CA SER D 111 16.95 25.48 33.90
C SER D 111 16.32 24.10 34.06
N PHE D 112 16.07 23.72 35.30
CA PHE D 112 15.53 22.41 35.65
C PHE D 112 14.38 22.59 36.62
N ALA D 113 13.19 22.19 36.18
CA ALA D 113 11.97 22.25 36.98
C ALA D 113 11.52 20.84 37.30
N TRP D 114 11.35 20.54 38.58
CA TRP D 114 11.06 19.17 39.04
C TRP D 114 9.57 18.98 39.28
N HIS D 115 9.09 17.77 38.99
CA HIS D 115 7.68 17.41 39.11
C HIS D 115 7.53 16.03 39.69
N GLN D 116 6.32 15.77 40.15
CA GLN D 116 5.95 14.50 40.79
C GLN D 116 4.53 14.15 40.38
N GLU D 117 4.33 12.90 40.00
CA GLU D 117 2.99 12.38 39.75
C GLU D 117 2.16 12.44 41.03
N ASN D 118 0.89 12.85 40.88
CA ASN D 118 -0.07 13.00 41.99
C ASN D 118 0.26 14.06 43.04
N ALA D 119 0.95 15.11 42.62
CA ALA D 119 1.21 16.26 43.47
C ALA D 119 1.25 17.52 42.62
N PRO D 120 0.81 18.67 43.17
CA PRO D 120 0.99 19.93 42.43
C PRO D 120 2.46 20.28 42.28
N SER D 121 2.83 20.84 41.13
CA SER D 121 4.20 21.27 40.89
C SER D 121 4.46 22.58 41.60
N SER D 122 5.62 22.66 42.27
CA SER D 122 6.03 23.85 43.01
C SER D 122 7.05 24.64 42.20
N PRO D 123 6.82 25.95 41.99
CA PRO D 123 7.84 26.80 41.37
C PRO D 123 9.15 27.00 42.17
N ASP D 124 9.17 26.59 43.43
CA ASP D 124 10.40 26.54 44.24
C ASP D 124 11.31 25.34 43.94
N HIS D 125 10.75 24.30 43.31
CA HIS D 125 11.52 23.13 42.88
C HIS D 125 12.17 23.38 41.51
N LEU D 126 13.09 24.33 41.52
CA LEU D 126 13.69 24.92 40.34
C LEU D 126 15.17 25.13 40.61
N VAL D 127 16.04 24.77 39.66
CA VAL D 127 17.43 25.25 39.65
C VAL D 127 17.75 25.78 38.26
N ALA D 128 18.45 26.91 38.18
CA ALA D 128 18.80 27.54 36.91
C ALA D 128 20.10 28.34 37.00
N PRO D 129 21.25 27.68 36.78
CA PRO D 129 22.51 28.44 36.77
C PRO D 129 22.61 29.31 35.50
N PRO D 130 22.66 30.65 35.66
CA PRO D 130 22.73 31.51 34.47
C PRO D 130 24.14 31.62 33.89
N LEU D 131 24.20 31.94 32.61
CA LEU D 131 25.47 32.13 31.92
C LEU D 131 25.95 33.57 32.03
N LYS D 132 27.26 33.73 31.94
CA LYS D 132 27.89 35.04 31.78
C LYS D 132 27.60 35.58 30.36
N VAL D 133 27.82 34.72 29.38
CA VAL D 133 27.68 35.08 27.95
C VAL D 133 26.54 34.25 27.33
N PRO D 134 25.65 34.90 26.53
CA PRO D 134 24.58 34.16 25.86
C PRO D 134 25.04 33.09 24.87
N GLU D 135 24.31 31.98 24.81
CA GLU D 135 24.52 30.92 23.81
C GLU D 135 23.28 30.82 22.93
N ALA D 136 23.32 29.88 21.99
CA ALA D 136 22.26 29.70 20.99
C ALA D 136 21.44 28.42 21.17
N HIS D 137 20.16 28.53 20.83
CA HIS D 137 19.32 27.38 20.50
C HIS D 137 19.35 27.22 18.99
N LEU D 138 20.06 26.20 18.52
CA LEU D 138 20.40 26.06 17.10
C LEU D 138 19.25 25.47 16.29
N PHE D 139 18.71 26.27 15.36
CA PHE D 139 17.71 25.80 14.41
C PHE D 139 18.47 25.08 13.30
N ARG D 140 18.58 23.75 13.44
CA ARG D 140 19.58 22.97 12.71
C ARG D 140 19.43 22.96 11.19
N GLN D 141 18.22 23.07 10.66
CA GLN D 141 18.03 23.17 9.19
C GLN D 141 18.84 24.34 8.58
N ASP D 142 18.84 25.48 9.28
CA ASP D 142 19.56 26.67 8.81
C ASP D 142 21.05 26.61 9.16
N ILE D 143 21.36 26.22 10.39
CA ILE D 143 22.75 26.09 10.85
C ILE D 143 23.56 25.10 10.01
N ASP D 144 23.02 23.90 9.84
CA ASP D 144 23.70 22.83 9.08
C ASP D 144 23.89 23.17 7.60
N TYR D 145 22.91 23.83 7.00
CA TYR D 145 23.03 24.23 5.60
C TYR D 145 24.12 25.30 5.43
N PHE D 146 24.16 26.27 6.34
CA PHE D 146 25.22 27.27 6.38
C PHE D 146 26.60 26.63 6.54
N ALA D 147 26.69 25.64 7.43
CA ALA D 147 27.94 24.91 7.66
C ALA D 147 28.40 24.18 6.40
N LEU D 148 27.47 23.56 5.68
CA LEU D 148 27.80 22.91 4.41
C LEU D 148 28.28 23.93 3.38
N MET D 149 27.67 25.11 3.36
CA MET D 149 28.12 26.19 2.48
C MET D 149 29.58 26.59 2.74
N ILE D 150 30.01 26.57 4.02
CA ILE D 150 31.42 26.80 4.37
C ILE D 150 32.30 25.77 3.65
N ALA D 151 31.92 24.49 3.75
CA ALA D 151 32.67 23.39 3.14
C ALA D 151 32.77 23.54 1.62
N LEU D 152 31.64 23.84 0.99
CA LEU D 152 31.56 23.99 -0.46
C LEU D 152 32.37 25.18 -0.96
N LYS D 153 32.34 26.29 -0.23
CA LYS D 153 33.16 27.45 -0.58
C LYS D 153 34.67 27.21 -0.46
N HIS D 154 35.08 26.25 0.38
CA HIS D 154 36.49 25.84 0.50
C HIS D 154 36.93 24.68 -0.41
N GLY D 155 36.04 24.24 -1.30
CA GLY D 155 36.38 23.26 -2.34
C GLY D 155 35.95 21.82 -2.07
N ALA D 156 35.29 21.57 -0.94
CA ALA D 156 34.72 20.25 -0.67
C ALA D 156 33.63 19.95 -1.70
N GLU D 157 33.65 18.74 -2.24
CA GLU D 157 32.57 18.26 -3.11
C GLU D 157 31.47 17.67 -2.25
N SER D 158 30.23 17.83 -2.69
CA SER D 158 29.07 17.33 -1.97
C SER D 158 28.11 16.61 -2.91
N ARG D 159 27.68 15.42 -2.50
CA ARG D 159 26.69 14.66 -3.24
C ARG D 159 25.56 14.19 -2.31
N GLN D 160 24.38 14.74 -2.56
CA GLN D 160 23.17 14.49 -1.77
C GLN D 160 22.33 13.43 -2.46
N ASN D 161 21.32 12.92 -1.74
CA ASN D 161 20.38 11.91 -2.27
C ASN D 161 20.99 10.58 -2.73
N ILE D 162 22.24 10.32 -2.35
CA ILE D 162 22.92 9.07 -2.73
C ILE D 162 22.43 7.91 -1.87
N LYS D 163 22.75 6.70 -2.31
CA LYS D 163 22.42 5.49 -1.57
C LYS D 163 23.66 4.60 -1.60
N ILE D 164 24.26 4.39 -0.43
CA ILE D 164 25.49 3.60 -0.32
C ILE D 164 25.14 2.10 -0.35
N GLU D 165 25.58 1.41 -1.40
CA GLU D 165 25.48 -0.05 -1.49
C GLU D 165 26.39 -0.72 -0.46
N SER D 166 27.66 -0.35 -0.48
CA SER D 166 28.68 -0.95 0.40
C SER D 166 29.95 -0.11 0.52
N ILE D 167 30.71 -0.38 1.57
CA ILE D 167 32.01 0.25 1.84
C ILE D 167 33.05 -0.85 2.00
N SER D 168 34.13 -0.78 1.21
CA SER D 168 35.23 -1.74 1.29
C SER D 168 36.51 -1.05 1.78
N LEU D 169 37.11 -1.62 2.82
CA LEU D 169 38.39 -1.14 3.36
C LEU D 169 39.52 -2.08 2.95
N ASN D 170 40.55 -1.52 2.32
CA ASN D 170 41.76 -2.26 1.93
C ASN D 170 42.97 -1.52 2.52
N ASP D 171 44.17 -2.06 2.40
CA ASP D 171 45.39 -1.31 2.84
C ASP D 171 45.94 -0.32 1.77
N ASP D 172 45.30 -0.26 0.60
CA ASP D 172 45.60 0.78 -0.42
C ASP D 172 44.50 1.85 -0.57
N GLY D 173 43.44 1.76 0.24
CA GLY D 173 42.36 2.74 0.20
C GLY D 173 41.00 2.24 0.61
N VAL D 174 40.01 3.11 0.42
CA VAL D 174 38.60 2.84 0.69
C VAL D 174 37.84 2.96 -0.62
N GLU D 175 36.85 2.09 -0.83
CA GLU D 175 35.97 2.16 -1.99
C GLU D 175 34.52 2.13 -1.52
N VAL D 176 33.72 3.06 -2.05
CA VAL D 176 32.31 3.19 -1.68
C VAL D 176 31.45 2.94 -2.91
N ALA D 177 30.68 1.86 -2.89
CA ALA D 177 29.75 1.52 -3.96
C ALA D 177 28.45 2.30 -3.76
N LEU D 178 28.06 3.07 -4.77
CA LEU D 178 26.77 3.78 -4.77
C LEU D 178 25.83 3.13 -5.77
N SER D 179 24.53 3.30 -5.54
CA SER D 179 23.52 2.97 -6.54
C SER D 179 23.50 4.10 -7.58
N ASN D 180 23.34 3.73 -8.84
CA ASN D 180 23.23 4.70 -9.96
C ASN D 180 24.45 5.59 -10.20
N ALA D 181 25.62 5.11 -9.81
CA ALA D 181 26.88 5.83 -10.04
C ALA D 181 28.06 4.87 -9.95
N ALA D 182 29.19 5.32 -10.50
CA ALA D 182 30.45 4.59 -10.34
C ALA D 182 30.84 4.58 -8.87
N PRO D 183 31.66 3.59 -8.45
CA PRO D 183 32.15 3.64 -7.08
C PRO D 183 33.11 4.81 -6.91
N VAL D 184 33.18 5.35 -5.70
CA VAL D 184 34.11 6.44 -5.39
C VAL D 184 35.21 5.92 -4.46
N LYS D 185 36.45 6.33 -4.74
CA LYS D 185 37.62 5.86 -4.01
C LYS D 185 38.26 6.99 -3.22
N ALA D 186 38.85 6.64 -2.07
CA ALA D 186 39.59 7.59 -1.26
C ALA D 186 40.61 6.89 -0.37
N ALA D 187 41.50 7.68 0.23
CA ALA D 187 42.49 7.16 1.19
C ALA D 187 41.88 6.87 2.56
N PHE D 188 40.77 7.51 2.89
CA PHE D 188 40.23 7.52 4.24
C PHE D 188 38.73 7.81 4.20
N ILE D 189 37.99 7.25 5.15
CA ILE D 189 36.56 7.53 5.29
C ILE D 189 36.25 7.98 6.73
N ILE D 190 35.43 9.02 6.83
CA ILE D 190 34.97 9.53 8.12
C ILE D 190 33.46 9.37 8.16
N ASP D 191 32.96 8.69 9.19
CA ASP D 191 31.52 8.60 9.42
C ASP D 191 31.10 9.74 10.34
N ALA D 192 30.40 10.71 9.77
CA ALA D 192 29.89 11.87 10.50
C ALA D 192 28.37 11.88 10.55
N ALA D 193 27.75 10.71 10.35
CA ALA D 193 26.30 10.61 10.37
C ALA D 193 25.78 10.91 11.77
N ALA D 194 24.70 11.68 11.82
CA ALA D 194 24.06 12.09 13.08
C ALA D 194 22.95 11.13 13.51
N GLN D 195 22.71 10.09 12.72
CA GLN D 195 21.76 9.06 13.09
C GLN D 195 22.07 7.80 12.31
N GLY D 196 21.96 6.65 12.98
CA GLY D 196 22.12 5.36 12.33
C GLY D 196 23.51 4.73 12.31
N SER D 197 24.57 5.51 12.55
CA SER D 197 25.95 5.00 12.62
C SER D 197 26.29 3.92 11.54
N PRO D 198 26.07 4.21 10.23
CA PRO D 198 26.09 3.06 9.28
C PRO D 198 27.39 2.25 9.19
N LEU D 199 28.53 2.93 9.15
CA LEU D 199 29.82 2.24 9.07
C LEU D 199 30.06 1.34 10.29
N SER D 200 29.63 1.81 11.46
CA SER D 200 29.66 1.02 12.69
C SER D 200 28.79 -0.24 12.59
N ARG D 201 27.68 -0.13 11.87
CA ARG D 201 26.72 -1.22 11.69
C ARG D 201 27.26 -2.28 10.74
N GLN D 202 27.79 -1.85 9.60
CA GLN D 202 28.45 -2.76 8.66
C GLN D 202 29.67 -3.45 9.30
N LEU D 203 30.50 -2.68 9.99
CA LEU D 203 31.67 -3.22 10.69
C LEU D 203 31.35 -4.03 11.97
N GLY D 204 30.09 -3.98 12.42
CA GLY D 204 29.63 -4.79 13.57
C GLY D 204 30.17 -4.31 14.91
N LEU D 205 30.54 -3.03 14.98
CA LEU D 205 31.16 -2.44 16.17
C LEU D 205 30.13 -1.97 17.19
N ARG D 206 28.92 -1.67 16.72
CA ARG D 206 27.86 -1.08 17.53
C ARG D 206 27.27 -2.06 18.53
N THR D 207 27.06 -1.59 19.77
CA THR D 207 26.44 -2.40 20.83
C THR D 207 25.73 -1.53 21.88
N THR D 208 24.79 -2.15 22.59
CA THR D 208 24.19 -1.57 23.80
C THR D 208 24.72 -2.19 25.12
N GLU D 209 25.42 -3.33 25.01
CA GLU D 209 26.16 -3.94 26.13
C GLU D 209 26.92 -2.93 27.01
N GLY D 210 26.74 -3.05 28.32
CA GLY D 210 27.50 -2.26 29.30
C GLY D 210 27.03 -0.83 29.55
N LEU D 211 25.93 -0.42 28.91
CA LEU D 211 25.39 0.93 29.09
C LEU D 211 24.40 0.96 30.23
N ALA D 212 24.60 1.90 31.15
CA ALA D 212 23.68 2.15 32.26
C ALA D 212 22.39 2.86 31.82
N THR D 213 22.52 3.70 30.78
CA THR D 213 21.41 4.50 30.26
C THR D 213 20.59 3.69 29.25
N ASP D 214 19.30 3.53 29.54
CA ASP D 214 18.34 2.87 28.64
C ASP D 214 17.10 3.77 28.50
N THR D 215 17.07 4.56 27.42
CA THR D 215 16.05 5.60 27.24
C THR D 215 15.48 5.65 25.81
N CYS D 216 14.23 6.09 25.71
CA CYS D 216 13.56 6.36 24.44
C CYS D 216 13.31 7.86 24.32
N SER D 217 12.84 8.30 23.15
CA SER D 217 12.60 9.71 22.89
C SER D 217 11.49 9.96 21.87
N PHE D 218 10.66 10.97 22.15
CA PHE D 218 9.65 11.48 21.23
C PHE D 218 9.99 12.95 21.03
N PHE D 219 10.14 13.41 19.79
CA PHE D 219 10.45 14.83 19.55
C PHE D 219 9.81 15.41 18.29
N THR D 220 9.63 16.72 18.34
CA THR D 220 8.99 17.49 17.27
C THR D 220 9.25 18.98 17.48
N HIS D 221 8.75 19.79 16.54
CA HIS D 221 8.72 21.26 16.67
C HIS D 221 7.26 21.74 16.69
N MET D 222 6.97 22.70 17.58
CA MET D 222 5.62 23.23 17.77
C MET D 222 5.52 24.74 17.61
N LEU D 223 4.32 25.19 17.25
CA LEU D 223 3.95 26.60 17.21
C LEU D 223 3.10 26.92 18.43
N ASN D 224 3.15 28.18 18.86
CA ASN D 224 2.29 28.70 19.95
C ASN D 224 2.45 27.97 21.30
N VAL D 225 3.66 27.50 21.59
CA VAL D 225 4.00 26.99 22.92
C VAL D 225 4.13 28.22 23.80
N LYS D 226 3.42 28.23 24.92
CA LYS D 226 3.51 29.33 25.89
C LYS D 226 4.82 29.23 26.67
N SER D 227 5.38 30.38 27.01
CA SER D 227 6.59 30.46 27.80
C SER D 227 6.35 29.94 29.22
N TYR D 228 7.41 29.54 29.90
CA TYR D 228 7.32 29.11 31.30
C TYR D 228 6.67 30.19 32.17
N GLU D 229 7.09 31.44 31.97
CA GLU D 229 6.64 32.58 32.78
C GLU D 229 5.13 32.81 32.68
N ASP D 230 4.58 32.71 31.47
CA ASP D 230 3.14 32.90 31.24
C ASP D 230 2.30 31.68 31.61
N ALA D 231 2.85 30.48 31.43
CA ALA D 231 2.11 29.23 31.59
C ALA D 231 2.16 28.65 33.00
N LEU D 232 3.33 28.73 33.63
CA LEU D 232 3.55 28.09 34.93
C LEU D 232 3.76 29.03 36.10
N ALA D 233 4.76 29.90 36.00
CA ALA D 233 5.11 30.77 37.11
C ALA D 233 5.90 31.97 36.62
N PRO D 234 5.41 33.20 36.89
CA PRO D 234 6.19 34.38 36.48
C PRO D 234 7.48 34.57 37.27
N LEU D 235 8.32 35.49 36.81
CA LEU D 235 9.58 35.81 37.49
C LEU D 235 9.43 36.22 38.96
N SER D 236 8.33 36.92 39.27
CA SER D 236 8.02 37.32 40.64
C SER D 236 7.84 36.13 41.59
N ARG D 237 7.26 35.04 41.06
CA ARG D 237 7.07 33.80 41.81
C ARG D 237 8.36 32.96 41.93
N THR D 238 9.07 32.75 40.82
CA THR D 238 10.27 31.89 40.82
C THR D 238 11.50 32.51 41.49
N ARG D 239 11.62 33.84 41.43
CA ARG D 239 12.83 34.59 41.84
C ARG D 239 14.07 34.29 41.00
N SER D 240 13.87 33.73 39.80
CA SER D 240 14.98 33.38 38.93
C SER D 240 15.65 34.66 38.41
N PRO D 241 16.99 34.71 38.37
CA PRO D 241 17.65 35.87 37.76
C PRO D 241 17.38 36.01 36.26
N ILE D 242 17.05 34.90 35.59
CA ILE D 242 16.73 34.88 34.16
C ILE D 242 15.33 34.32 33.88
N GLU D 243 14.74 34.75 32.76
CA GLU D 243 13.50 34.15 32.26
C GLU D 243 13.81 32.72 31.83
N LEU D 244 13.02 31.77 32.29
CA LEU D 244 13.16 30.38 31.82
C LEU D 244 12.80 30.19 30.34
N PHE D 245 11.96 31.08 29.81
CA PHE D 245 11.75 31.24 28.36
C PHE D 245 13.06 31.42 27.60
N LYS D 246 13.98 32.20 28.18
CA LYS D 246 15.32 32.44 27.60
C LYS D 246 16.37 31.45 28.14
N SER D 247 15.99 30.18 28.24
CA SER D 247 16.86 29.13 28.76
C SER D 247 16.49 27.79 28.12
N THR D 248 17.43 26.86 28.18
CA THR D 248 17.16 25.46 27.86
C THR D 248 16.43 24.87 29.06
N LEU D 249 15.12 24.69 28.91
CA LEU D 249 14.25 24.25 30.01
C LEU D 249 14.08 22.74 30.01
N HIS D 250 14.41 22.12 31.14
CA HIS D 250 14.27 20.69 31.36
C HIS D 250 13.21 20.49 32.44
N HIS D 251 12.06 19.90 32.07
CA HIS D 251 11.08 19.44 33.06
C HIS D 251 11.43 18.02 33.42
N ILE D 252 11.78 17.78 34.68
CA ILE D 252 12.27 16.48 35.13
C ILE D 252 11.29 15.83 36.10
N PHE D 253 11.26 14.51 36.07
CA PHE D 253 10.37 13.72 36.93
C PHE D 253 10.91 12.30 37.00
N GLU D 254 10.40 11.49 37.92
CA GLU D 254 11.04 10.20 38.26
C GLU D 254 11.42 9.35 37.05
N GLU D 255 10.49 9.20 36.11
CA GLU D 255 10.64 8.27 34.99
C GLU D 255 11.25 8.87 33.71
N GLY D 256 11.52 10.18 33.70
CA GLY D 256 12.14 10.82 32.54
C GLY D 256 12.12 12.34 32.58
N TRP D 257 12.12 12.96 31.40
CA TRP D 257 12.16 14.42 31.30
C TRP D 257 11.66 14.92 29.95
N LEU D 258 11.31 16.20 29.90
CA LEU D 258 10.82 16.86 28.69
C LEU D 258 11.54 18.18 28.50
N TRP D 259 12.00 18.45 27.27
CA TRP D 259 12.68 19.71 26.98
C TRP D 259 11.75 20.73 26.33
N VAL D 260 12.02 22.00 26.63
CA VAL D 260 11.37 23.13 25.98
C VAL D 260 12.51 24.04 25.53
N ILE D 261 12.77 24.05 24.22
CA ILE D 261 13.89 24.77 23.61
C ILE D 261 13.30 25.74 22.57
N PRO D 262 13.04 27.00 22.98
CA PRO D 262 12.44 27.94 22.03
C PRO D 262 13.41 28.52 21.02
N PHE D 263 12.93 28.72 19.79
CA PHE D 263 13.64 29.52 18.78
C PHE D 263 13.04 30.93 18.67
N ASN D 264 11.93 31.16 19.36
CA ASN D 264 11.17 32.43 19.25
C ASN D 264 11.32 33.35 20.48
N ASN D 265 12.47 33.25 21.13
CA ASN D 265 12.76 33.98 22.38
C ASN D 265 13.89 35.02 22.26
N HIS D 266 14.41 35.21 21.04
CA HIS D 266 15.51 36.14 20.78
C HIS D 266 14.89 37.45 20.29
N PRO D 267 15.29 38.60 20.86
CA PRO D 267 14.61 39.88 20.51
C PRO D 267 14.71 40.30 19.03
N GLN D 268 15.81 39.94 18.36
CA GLN D 268 16.00 40.07 16.89
C GLN D 268 15.71 38.81 16.04
N GLY D 269 15.21 37.74 16.65
CA GLY D 269 14.92 36.50 15.91
C GLY D 269 13.57 36.56 15.21
N THR D 270 13.40 35.76 14.16
CA THR D 270 12.12 35.65 13.43
C THR D 270 11.50 34.26 13.46
N ASN D 271 12.19 33.28 14.03
CA ASN D 271 11.66 31.92 14.11
C ASN D 271 10.49 31.89 15.08
N GLN D 272 9.41 31.21 14.70
CA GLN D 272 8.21 31.09 15.52
C GLN D 272 8.13 29.79 16.31
N LEU D 273 9.05 28.86 16.04
CA LEU D 273 8.93 27.51 16.56
C LEU D 273 9.59 27.32 17.91
N CYS D 274 9.24 26.21 18.55
CA CYS D 274 9.80 25.77 19.81
C CYS D 274 10.02 24.27 19.69
N SER D 275 11.23 23.82 20.00
CA SER D 275 11.54 22.40 19.99
C SER D 275 11.06 21.76 21.28
N ILE D 276 10.42 20.61 21.14
CA ILE D 276 9.82 19.86 22.24
C ILE D 276 10.21 18.40 22.09
N GLY D 277 10.76 17.82 23.15
CA GLY D 277 11.07 16.39 23.18
C GLY D 277 10.89 15.82 24.56
N PHE D 278 10.36 14.60 24.64
CA PHE D 278 10.26 13.90 25.93
C PHE D 278 10.86 12.49 25.88
N GLN D 279 11.59 12.17 26.95
CA GLN D 279 12.40 10.97 27.06
C GLN D 279 11.95 10.19 28.28
N PHE D 280 11.90 8.86 28.16
CA PHE D 280 11.59 8.00 29.30
C PHE D 280 12.75 7.05 29.61
N ASN D 281 13.01 6.85 30.90
CA ASN D 281 13.79 5.74 31.38
C ASN D 281 12.98 4.47 31.14
N ASN D 282 13.41 3.65 30.18
CA ASN D 282 12.70 2.41 29.81
C ASN D 282 12.63 1.37 30.92
N ALA D 283 13.56 1.43 31.87
CA ALA D 283 13.50 0.60 33.08
C ALA D 283 12.36 0.97 34.03
N LYS D 284 11.88 2.22 33.95
CA LYS D 284 10.77 2.71 34.79
C LYS D 284 9.42 2.85 34.07
N TYR D 285 9.44 3.32 32.83
CA TYR D 285 8.22 3.41 32.00
C TYR D 285 8.53 3.12 30.54
N ARG D 286 7.78 2.19 29.94
CA ARG D 286 7.85 1.92 28.51
C ARG D 286 6.58 2.43 27.81
N PRO D 287 6.73 3.31 26.80
CA PRO D 287 5.55 3.72 26.04
C PRO D 287 4.97 2.59 25.20
N THR D 288 3.65 2.58 25.04
CA THR D 288 2.94 1.53 24.30
C THR D 288 2.04 2.02 23.16
N GLU D 289 1.88 3.35 22.99
CA GLU D 289 0.95 3.91 22.02
C GLU D 289 1.63 4.96 21.13
N ALA D 290 0.86 5.52 20.19
CA ALA D 290 1.35 6.53 19.25
C ALA D 290 1.89 7.77 19.98
N PRO D 291 2.85 8.49 19.36
CA PRO D 291 3.47 9.66 20.02
C PRO D 291 2.50 10.68 20.60
N GLU D 292 1.49 11.06 19.82
CA GLU D 292 0.50 12.06 20.26
C GLU D 292 -0.33 11.58 21.47
N ILE D 293 -0.62 10.28 21.54
CA ILE D 293 -1.31 9.70 22.70
C ILE D 293 -0.41 9.67 23.93
N GLU D 294 0.86 9.27 23.74
CA GLU D 294 1.86 9.29 24.81
C GLU D 294 2.10 10.70 25.35
N PHE D 295 2.09 11.70 24.47
CA PHE D 295 2.23 13.11 24.87
C PHE D 295 1.06 13.55 25.76
N ARG D 296 -0.17 13.23 25.36
CA ARG D 296 -1.37 13.58 26.17
C ARG D 296 -1.44 12.81 27.50
N LYS D 297 -1.03 11.54 27.51
CA LYS D 297 -0.87 10.78 28.77
C LYS D 297 0.15 11.43 29.71
N LEU D 298 1.24 11.96 29.15
CA LEU D 298 2.25 12.66 29.92
C LEU D 298 1.73 13.97 30.52
N LEU D 299 1.01 14.74 29.71
CA LEU D 299 0.43 16.01 30.17
C LEU D 299 -0.66 15.82 31.24
N LYS D 300 -1.37 14.70 31.17
CA LYS D 300 -2.34 14.28 32.19
C LYS D 300 -1.63 13.98 33.52
N LYS D 301 -0.53 13.23 33.43
CA LYS D 301 0.36 12.95 34.58
C LYS D 301 0.94 14.22 35.22
N TYR D 302 1.37 15.16 34.40
CA TYR D 302 2.01 16.41 34.87
C TYR D 302 1.27 17.60 34.29
N PRO D 303 0.10 17.96 34.89
CA PRO D 303 -0.71 19.05 34.34
C PRO D 303 -0.01 20.42 34.32
N ALA D 304 0.96 20.64 35.21
CA ALA D 304 1.80 21.85 35.15
C ALA D 304 2.54 21.94 33.81
N ILE D 305 3.14 20.83 33.38
CA ILE D 305 3.83 20.79 32.08
C ILE D 305 2.82 21.04 30.94
N GLY D 306 1.61 20.51 31.09
CA GLY D 306 0.49 20.76 30.17
C GLY D 306 0.14 22.21 29.87
N GLU D 307 0.39 23.10 30.83
CA GLU D 307 0.10 24.53 30.68
C GLU D 307 0.87 25.22 29.53
N HIS D 308 2.05 24.71 29.20
CA HIS D 308 2.79 25.13 27.99
C HIS D 308 2.00 24.97 26.68
N PHE D 309 1.15 23.96 26.63
CA PHE D 309 0.65 23.39 25.38
C PHE D 309 -0.85 23.58 25.11
N LYS D 310 -1.53 24.40 25.92
CA LYS D 310 -2.97 24.69 25.74
C LYS D 310 -3.37 25.18 24.33
N ASP D 311 -2.58 26.12 23.80
CA ASP D 311 -2.80 26.69 22.45
C ASP D 311 -1.88 26.09 21.38
N ALA D 312 -0.97 25.20 21.78
CA ALA D 312 0.13 24.75 20.92
C ALA D 312 -0.35 23.83 19.80
N VAL D 313 0.33 23.92 18.65
CA VAL D 313 0.06 23.04 17.51
C VAL D 313 1.37 22.49 16.93
N ASN D 314 1.35 21.22 16.55
CA ASN D 314 2.49 20.59 15.88
C ASN D 314 2.81 21.21 14.52
N ALA D 315 4.08 21.54 14.32
CA ALA D 315 4.58 22.03 13.03
C ALA D 315 5.35 20.97 12.23
N ARG D 316 5.49 19.77 12.81
CA ARG D 316 6.03 18.58 12.11
C ARG D 316 5.34 17.35 12.66
N GLU D 317 5.67 16.18 12.10
CA GLU D 317 5.29 14.90 12.73
C GLU D 317 6.17 14.63 13.94
N TRP D 318 5.64 13.88 14.90
CA TRP D 318 6.44 13.35 16.01
C TRP D 318 7.39 12.28 15.47
N ILE D 319 8.62 12.28 15.97
CA ILE D 319 9.58 11.20 15.72
C ILE D 319 9.69 10.37 17.00
N TYR D 320 9.51 9.05 16.89
CA TYR D 320 9.76 8.11 18.00
C TYR D 320 11.04 7.31 17.76
N ALA D 321 11.87 7.22 18.80
CA ALA D 321 13.09 6.42 18.81
C ALA D 321 13.06 5.55 20.07
N PRO D 322 12.83 4.22 19.94
CA PRO D 322 12.66 3.38 21.14
C PRO D 322 13.90 3.17 22.02
N ARG D 323 15.09 3.24 21.41
CA ARG D 323 16.37 3.11 22.13
C ARG D 323 17.39 4.05 21.51
N ILE D 324 17.56 5.22 22.12
CA ILE D 324 18.50 6.25 21.61
C ILE D 324 19.96 6.01 22.01
N ASN D 325 20.20 5.07 22.93
CA ASN D 325 21.53 4.88 23.54
C ASN D 325 22.28 3.78 22.83
N TYR D 326 23.55 4.05 22.50
CA TYR D 326 24.45 3.02 22.00
C TYR D 326 25.91 3.43 22.14
N ARG D 327 26.80 2.46 21.94
CA ARG D 327 28.23 2.71 21.89
C ARG D 327 28.89 1.76 20.89
N SER D 328 30.17 2.01 20.63
CA SER D 328 30.96 1.19 19.72
C SER D 328 32.26 0.76 20.39
N VAL D 329 32.68 -0.47 20.13
CA VAL D 329 33.84 -1.08 20.80
C VAL D 329 35.14 -0.49 20.25
N GLN D 330 35.10 -0.07 18.99
CA GLN D 330 36.23 0.55 18.29
C GLN D 330 35.63 1.66 17.41
N ASN D 331 36.42 2.72 17.18
CA ASN D 331 35.99 3.76 16.24
C ASN D 331 37.05 4.32 15.28
N VAL D 332 38.27 3.78 15.30
CA VAL D 332 39.28 4.09 14.30
C VAL D 332 39.89 2.81 13.75
N GLY D 333 40.33 2.91 12.49
CA GLY D 333 41.16 1.88 11.87
C GLY D 333 42.25 2.53 11.05
N ASP D 334 42.87 1.74 10.19
CA ASP D 334 43.88 2.22 9.25
C ASP D 334 43.28 3.26 8.30
N ARG D 335 42.07 2.97 7.84
CA ARG D 335 41.43 3.73 6.77
C ARG D 335 40.07 4.36 7.15
N PHE D 336 39.72 4.35 8.44
CA PHE D 336 38.47 4.98 8.88
C PHE D 336 38.53 5.62 10.27
N CYS D 337 37.59 6.53 10.49
CA CYS D 337 37.29 7.06 11.82
C CYS D 337 35.79 7.32 11.90
N LEU D 338 35.18 6.88 13.00
CA LEU D 338 33.80 7.22 13.31
C LEU D 338 33.84 8.42 14.24
N LEU D 339 33.19 9.51 13.83
CA LEU D 339 33.01 10.65 14.72
C LEU D 339 32.05 10.23 15.84
N PRO D 340 32.12 10.90 17.02
CA PRO D 340 31.37 10.47 18.20
C PRO D 340 29.89 10.23 17.97
N GLN D 341 29.24 11.12 17.22
CA GLN D 341 27.82 10.95 16.85
C GLN D 341 27.49 9.69 16.03
N ALA D 342 28.50 9.09 15.37
CA ALA D 342 28.37 7.76 14.74
C ALA D 342 29.04 6.61 15.52
N THR D 343 29.63 6.93 16.66
CA THR D 343 30.30 5.97 17.55
C THR D 343 29.36 5.56 18.66
N GLY D 344 28.85 6.57 19.37
CA GLY D 344 27.91 6.36 20.47
C GLY D 344 27.06 7.59 20.73
N PHE D 345 25.89 7.35 21.31
CA PHE D 345 25.03 8.41 21.80
C PHE D 345 24.38 7.95 23.08
N ILE D 346 24.23 8.85 24.03
CA ILE D 346 23.64 8.54 25.34
C ILE D 346 22.26 9.16 25.45
N ASP D 347 22.19 10.48 25.48
CA ASP D 347 20.93 11.19 25.75
C ASP D 347 21.10 12.66 25.41
N PRO D 348 20.00 13.36 25.06
CA PRO D 348 20.08 14.82 24.92
C PRO D 348 20.43 15.59 26.20
N LEU D 349 20.14 15.01 27.37
CA LEU D 349 20.38 15.67 28.67
C LEU D 349 21.82 16.19 28.79
N PHE D 350 21.94 17.49 29.06
CA PHE D 350 23.22 18.23 29.14
C PHE D 350 23.93 18.52 27.80
N SER D 351 23.34 18.04 26.70
CA SER D 351 23.82 18.30 25.33
C SER D 351 25.32 18.01 25.13
N ARG D 352 25.78 16.87 25.64
CA ARG D 352 27.19 16.46 25.54
C ARG D 352 27.58 15.96 24.14
N GLY D 353 26.59 15.57 23.33
CA GLY D 353 26.82 15.07 21.97
C GLY D 353 27.61 16.03 21.09
N LEU D 354 27.18 17.28 21.04
CA LEU D 354 27.87 18.33 20.27
C LEU D 354 29.28 18.59 20.77
N ILE D 355 29.45 18.61 22.09
CA ILE D 355 30.75 18.87 22.72
C ILE D 355 31.76 17.80 22.31
N THR D 356 31.38 16.54 22.51
CA THR D 356 32.21 15.40 22.15
C THR D 356 32.58 15.41 20.65
N THR D 357 31.60 15.72 19.80
CA THR D 357 31.80 15.79 18.35
C THR D 357 32.82 16.86 17.92
N PHE D 358 32.61 18.10 18.36
CA PHE D 358 33.50 19.20 17.97
C PHE D 358 34.93 18.99 18.48
N GLU D 359 35.08 18.48 19.70
CA GLU D 359 36.40 18.15 20.23
C GLU D 359 37.08 17.05 19.40
N SER D 360 36.31 16.03 19.00
CA SER D 360 36.84 14.92 18.21
C SER D 360 37.37 15.37 16.84
N ILE D 361 36.62 16.25 16.16
CA ILE D 361 37.07 16.85 14.89
C ILE D 361 38.40 17.60 15.08
N LEU D 362 38.46 18.37 16.16
CA LEU D 362 39.65 19.15 16.53
C LEU D 362 40.89 18.25 16.73
N ARG D 363 40.70 17.09 17.36
CA ARG D 363 41.78 16.11 17.56
C ARG D 363 42.13 15.33 16.29
N LEU D 364 41.09 14.95 15.53
CA LEU D 364 41.26 14.10 14.36
C LEU D 364 41.88 14.81 13.15
N ALA D 365 41.40 16.01 12.85
CA ALA D 365 41.76 16.70 11.60
C ALA D 365 43.27 16.86 11.37
N PRO D 366 44.04 17.32 12.40
CA PRO D 366 45.50 17.38 12.24
C PRO D 366 46.18 16.04 11.93
N LYS D 367 45.63 14.96 12.49
CA LYS D 367 46.17 13.61 12.26
C LYS D 367 45.84 13.11 10.85
N VAL D 368 44.65 13.45 10.34
CA VAL D 368 44.29 13.15 8.95
C VAL D 368 45.18 13.92 7.97
N LEU D 369 45.45 15.20 8.27
CA LEU D 369 46.35 16.02 7.46
C LEU D 369 47.76 15.43 7.39
N ASP D 370 48.31 15.11 8.56
CA ASP D 370 49.64 14.44 8.64
C ASP D 370 49.67 13.13 7.87
N ALA D 371 48.61 12.34 7.97
CA ALA D 371 48.49 11.05 7.28
C ALA D 371 48.47 11.20 5.76
N ALA D 372 47.68 12.16 5.27
CA ALA D 372 47.58 12.42 3.83
C ALA D 372 48.88 13.01 3.26
N ARG D 373 49.59 13.81 4.05
CA ARG D 373 50.85 14.41 3.64
C ARG D 373 52.02 13.42 3.65
N SER D 374 52.05 12.51 4.61
CA SER D 374 53.08 11.46 4.68
C SER D 374 52.67 10.17 3.95
N ASN D 375 51.41 10.06 3.57
CA ASN D 375 50.84 8.84 2.96
C ASN D 375 50.97 7.61 3.86
N ARG D 376 50.86 7.81 5.17
CA ARG D 376 50.91 6.74 6.15
C ARG D 376 49.52 6.60 6.77
N TRP D 377 48.92 5.42 6.60
CA TRP D 377 47.55 5.15 7.07
C TRP D 377 47.53 3.91 7.96
N GLN D 378 47.82 4.14 9.24
CA GLN D 378 47.86 3.08 10.25
C GLN D 378 47.00 3.48 11.44
N ARG D 379 46.23 2.53 11.97
CA ARG D 379 45.34 2.71 13.13
C ARG D 379 46.01 3.43 14.31
N GLU D 380 47.24 3.03 14.59
CA GLU D 380 48.08 3.59 15.68
C GLU D 380 48.20 5.13 15.66
N GLN D 381 48.18 5.72 14.46
CA GLN D 381 48.19 7.18 14.32
C GLN D 381 46.95 7.87 14.90
N PHE D 382 45.84 7.14 14.94
CA PHE D 382 44.53 7.67 15.34
C PHE D 382 44.03 7.18 16.71
N ILE D 383 44.93 6.59 17.50
CA ILE D 383 44.58 6.00 18.80
C ILE D 383 44.06 7.02 19.83
N GLU D 384 44.64 8.21 19.84
CA GLU D 384 44.23 9.25 20.80
C GLU D 384 42.84 9.84 20.52
N VAL D 385 42.40 9.75 19.26
CA VAL D 385 41.03 10.09 18.88
C VAL D 385 40.07 9.05 19.46
N GLU D 386 40.42 7.76 19.32
CA GLU D 386 39.63 6.67 19.89
C GLU D 386 39.53 6.75 21.41
N ARG D 387 40.67 6.99 22.07
CA ARG D 387 40.72 7.12 23.52
C ARG D 387 39.78 8.23 24.00
N HIS D 388 39.87 9.40 23.38
CA HIS D 388 38.97 10.51 23.71
C HIS D 388 37.49 10.14 23.52
N CYS D 389 37.17 9.64 22.34
CA CYS D 389 35.78 9.36 21.97
C CYS D 389 35.14 8.31 22.86
N LEU D 390 35.85 7.20 23.09
CA LEU D 390 35.32 6.11 23.91
C LEU D 390 35.20 6.47 25.40
N ASN D 391 36.15 7.24 25.93
CA ASN D 391 36.02 7.79 27.29
C ASN D 391 34.84 8.76 27.42
N ALA D 392 34.71 9.64 26.41
CA ALA D 392 33.66 10.65 26.39
C ALA D 392 32.27 10.04 26.45
N VAL D 393 32.04 9.01 25.63
CA VAL D 393 30.77 8.27 25.63
C VAL D 393 30.51 7.58 26.98
N ALA D 394 31.55 6.98 27.57
CA ALA D 394 31.44 6.33 28.88
C ALA D 394 31.17 7.31 30.02
N THR D 395 31.83 8.47 30.00
CA THR D 395 31.58 9.55 30.97
C THR D 395 30.17 10.11 30.81
N ASN D 396 29.77 10.34 29.55
CA ASN D 396 28.41 10.76 29.22
C ASN D 396 27.36 9.78 29.75
N ASP D 397 27.65 8.49 29.63
CA ASP D 397 26.76 7.43 30.15
C ASP D 397 26.60 7.47 31.67
N GLN D 398 27.72 7.67 32.38
CA GLN D 398 27.71 7.81 33.85
C GLN D 398 26.95 9.06 34.30
N LEU D 399 27.30 10.19 33.69
CA LEU D 399 26.63 11.48 33.97
C LEU D 399 25.12 11.40 33.86
N VAL D 400 24.65 10.87 32.72
CA VAL D 400 23.23 10.78 32.42
C VAL D 400 22.51 9.74 33.27
N SER D 401 23.05 8.52 33.36
CA SER D 401 22.42 7.46 34.16
C SER D 401 22.23 7.91 35.61
N CYS D 402 23.26 8.51 36.19
CA CYS D 402 23.19 9.07 37.55
C CYS D 402 22.19 10.23 37.65
N SER D 403 22.15 11.07 36.62
CA SER D 403 21.16 12.16 36.55
C SER D 403 19.72 11.65 36.54
N TYR D 404 19.46 10.61 35.76
CA TYR D 404 18.13 9.97 35.72
C TYR D 404 17.70 9.43 37.09
N GLU D 405 18.65 8.94 37.89
CA GLU D 405 18.38 8.54 39.28
C GLU D 405 18.06 9.75 40.17
N ALA D 406 18.83 10.83 39.99
CA ALA D 406 18.61 12.08 40.73
C ALA D 406 17.29 12.81 40.39
N PHE D 407 16.63 12.42 39.30
CA PHE D 407 15.26 12.89 38.98
C PHE D 407 14.19 12.49 40.01
N SER D 408 14.47 11.50 40.86
CA SER D 408 13.51 10.98 41.86
C SER D 408 13.02 11.99 42.91
N ASP D 409 13.82 13.02 43.19
CA ASP D 409 13.51 13.98 44.25
C ASP D 409 14.20 15.31 43.96
N PHE D 410 13.54 16.42 44.29
CA PHE D 410 14.10 17.74 43.97
C PHE D 410 15.38 18.05 44.74
N HIS D 411 15.35 17.91 46.07
CA HIS D 411 16.54 18.20 46.89
C HIS D 411 17.76 17.43 46.38
N LEU D 412 17.54 16.16 46.03
CA LEU D 412 18.58 15.32 45.45
C LEU D 412 19.07 15.85 44.11
N TRP D 413 18.14 16.28 43.24
CA TRP D 413 18.53 16.93 41.97
C TRP D 413 19.37 18.17 42.24
N ASN D 414 18.90 19.01 43.16
CA ASN D 414 19.55 20.27 43.51
C ASN D 414 21.01 20.06 43.91
N VAL D 415 21.29 19.08 44.77
CA VAL D 415 22.67 18.78 45.16
C VAL D 415 23.44 18.17 43.99
N TRP D 416 22.82 17.19 43.31
CA TRP D 416 23.48 16.49 42.20
C TRP D 416 23.88 17.41 41.04
N HIS D 417 23.02 18.36 40.67
CA HIS D 417 23.29 19.23 39.51
C HIS D 417 24.60 20.06 39.67
N ARG D 418 25.00 20.31 40.91
CA ARG D 418 26.28 20.94 41.22
C ARG D 418 27.52 20.11 40.82
N VAL D 419 27.37 18.79 40.77
CA VAL D 419 28.44 17.89 40.31
C VAL D 419 28.66 18.11 38.81
N TRP D 420 27.58 18.06 38.04
CA TRP D 420 27.64 18.40 36.62
C TRP D 420 28.19 19.80 36.41
N LEU D 421 27.61 20.78 37.10
CA LEU D 421 27.92 22.20 36.91
C LEU D 421 29.40 22.54 37.16
N SER D 422 29.93 22.10 38.28
CA SER D 422 31.34 22.34 38.63
C SER D 422 32.29 21.74 37.60
N GLY D 423 31.99 20.52 37.16
CA GLY D 423 32.76 19.87 36.10
C GLY D 423 32.71 20.59 34.77
N SER D 424 31.50 20.94 34.34
CA SER D 424 31.30 21.71 33.11
C SER D 424 32.02 23.06 33.14
N ASN D 425 31.95 23.74 34.28
CA ASN D 425 32.64 25.02 34.47
C ASN D 425 34.16 24.91 34.36
N LEU D 426 34.75 23.87 34.96
CA LEU D 426 36.19 23.61 34.84
C LEU D 426 36.59 23.29 33.39
N GLY D 427 35.80 22.46 32.74
CA GLY D 427 35.99 22.14 31.32
C GLY D 427 35.96 23.36 30.42
N SER D 428 34.99 24.23 30.65
CA SER D 428 34.84 25.49 29.92
C SER D 428 36.03 26.44 30.14
N ALA D 429 36.46 26.56 31.40
CA ALA D 429 37.63 27.35 31.76
C ALA D 429 38.88 26.82 31.06
N PHE D 430 39.02 25.50 31.03
CA PHE D 430 40.17 24.87 30.36
C PHE D 430 40.17 25.11 28.85
N LEU D 431 39.00 24.98 28.21
CA LEU D 431 38.88 25.26 26.78
C LEU D 431 39.13 26.73 26.44
N GLN D 432 38.63 27.63 27.29
CA GLN D 432 38.89 29.07 27.16
C GLN D 432 40.38 29.42 27.22
N LYS D 433 41.08 28.76 28.14
CA LYS D 433 42.53 28.92 28.33
C LYS D 433 43.30 28.49 27.07
N LEU D 434 42.94 27.33 26.51
CA LEU D 434 43.54 26.86 25.27
C LEU D 434 43.32 27.83 24.10
N LEU D 435 42.11 28.37 24.01
CA LEU D 435 41.77 29.39 23.00
C LEU D 435 42.59 30.68 23.20
N HIS D 436 42.69 31.14 24.44
N HIS D 436 42.67 31.14 24.45
CA HIS D 436 43.46 32.34 24.79
CA HIS D 436 43.46 32.33 24.81
C HIS D 436 44.94 32.19 24.44
C HIS D 436 44.93 32.19 24.43
N ASP D 437 45.52 31.03 24.78
CA ASP D 437 46.92 30.72 24.43
C ASP D 437 47.16 30.62 22.91
N LEU D 438 46.20 30.04 22.19
CA LEU D 438 46.28 29.91 20.73
C LEU D 438 46.19 31.28 20.02
N GLU D 439 45.36 32.17 20.55
CA GLU D 439 45.23 33.54 20.02
C GLU D 439 46.49 34.39 20.22
N HIS D 440 47.08 34.28 21.41
CA HIS D 440 48.31 35.02 21.75
C HIS D 440 49.52 34.49 20.96
N SER D 441 49.68 33.17 20.93
CA SER D 441 50.88 32.53 20.38
C SER D 441 50.80 32.28 18.86
N GLY D 442 49.62 31.93 18.37
CA GLY D 442 49.45 31.49 16.98
C GLY D 442 50.10 30.14 16.68
N ASP D 443 50.32 29.34 17.72
CA ASP D 443 51.05 28.07 17.61
C ASP D 443 50.03 26.91 17.59
N ALA D 444 49.78 26.42 16.38
CA ALA D 444 48.83 25.34 16.15
C ALA D 444 49.29 23.99 16.72
N ARG D 445 50.58 23.71 16.60
CA ARG D 445 51.19 22.48 17.15
C ARG D 445 51.09 22.38 18.67
N GLN D 446 51.40 23.49 19.35
CA GLN D 446 51.32 23.58 20.80
C GLN D 446 49.89 23.38 21.30
N PHE D 447 48.93 23.92 20.56
CA PHE D 447 47.52 23.68 20.86
C PHE D 447 47.17 22.18 20.74
N ASP D 448 47.50 21.59 19.61
CA ASP D 448 47.26 20.15 19.37
C ASP D 448 47.84 19.28 20.49
N ALA D 449 49.10 19.56 20.85
CA ALA D 449 49.81 18.83 21.90
C ALA D 449 49.19 19.02 23.28
N ALA D 450 48.83 20.27 23.60
CA ALA D 450 48.17 20.60 24.87
C ALA D 450 46.84 19.86 25.06
N LEU D 451 46.04 19.80 24.00
CA LEU D 451 44.75 19.10 24.05
C LEU D 451 44.93 17.59 24.20
N GLU D 452 45.92 17.03 23.52
CA GLU D 452 46.25 15.61 23.65
C GLU D 452 46.85 15.23 25.01
N ALA D 453 47.51 16.18 25.66
CA ALA D 453 48.15 15.95 26.96
C ALA D 453 47.24 16.16 28.19
N VAL D 454 45.94 16.39 27.98
CA VAL D 454 44.99 16.49 29.11
C VAL D 454 44.97 15.14 29.85
N ARG D 455 44.85 15.21 31.17
CA ARG D 455 44.97 14.01 32.01
C ARG D 455 43.81 13.02 31.82
N PHE D 456 42.60 13.54 31.69
CA PHE D 456 41.38 12.74 31.63
C PHE D 456 40.58 13.11 30.37
N PRO D 457 41.01 12.60 29.19
CA PRO D 457 40.27 12.92 27.98
C PRO D 457 38.85 12.35 28.01
N GLY D 458 37.86 13.18 27.68
CA GLY D 458 36.45 12.81 27.80
C GLY D 458 35.76 13.16 29.12
N OCS D 459 36.54 13.44 30.17
CA OCS D 459 35.99 13.87 31.47
CB OCS D 459 37.10 13.77 32.53
SG OCS D 459 36.75 14.24 34.10
C OCS D 459 35.50 15.28 31.33
O OCS D 459 36.05 16.06 30.54
OD1 OCS D 459 36.21 15.56 34.21
OD2 OCS D 459 35.85 13.30 34.71
OD3 OCS D 459 38.18 14.23 34.86
N LEU D 460 34.49 15.63 32.11
CA LEU D 460 33.90 16.98 32.08
C LEU D 460 34.91 18.10 32.33
N SER D 461 35.84 17.85 33.24
CA SER D 461 36.91 18.81 33.57
C SER D 461 38.07 18.82 32.58
N LEU D 462 38.28 17.70 31.89
CA LEU D 462 39.43 17.44 30.99
C LEU D 462 40.75 17.16 31.72
N ASP D 463 41.13 18.02 32.68
CA ASP D 463 42.47 18.03 33.26
C ASP D 463 42.57 18.11 34.80
N SER D 464 41.45 18.03 35.52
CA SER D 464 41.45 18.24 36.98
C SER D 464 41.36 16.92 37.75
N PRO D 465 42.43 16.54 38.49
CA PRO D 465 42.33 15.32 39.30
C PRO D 465 41.28 15.41 40.42
N ALA D 466 41.15 16.58 41.03
CA ALA D 466 40.16 16.79 42.10
C ALA D 466 38.72 16.60 41.62
N TYR D 467 38.37 17.17 40.47
CA TYR D 467 37.01 17.01 39.93
C TYR D 467 36.72 15.55 39.56
N GLU D 468 37.66 14.91 38.87
CA GLU D 468 37.45 13.53 38.41
C GLU D 468 37.20 12.60 39.61
N SER D 469 37.88 12.87 40.72
CA SER D 469 37.62 12.18 41.98
C SER D 469 36.20 12.45 42.50
N LEU D 470 35.80 13.73 42.49
CA LEU D 470 34.44 14.12 42.91
C LEU D 470 33.36 13.43 42.06
N PHE D 471 33.54 13.47 40.74
CA PHE D 471 32.59 12.85 39.79
C PHE D 471 32.52 11.33 39.95
N ARG D 472 33.69 10.69 40.03
CA ARG D 472 33.80 9.24 40.23
C ARG D 472 33.04 8.79 41.49
N GLN D 473 33.31 9.47 42.61
CA GLN D 473 32.68 9.13 43.90
C GLN D 473 31.20 9.51 43.97
N SER D 474 30.84 10.65 43.36
CA SER D 474 29.43 11.05 43.25
C SER D 474 28.62 10.02 42.47
N CYS D 475 29.18 9.52 41.37
CA CYS D 475 28.54 8.49 40.54
C CYS D 475 28.38 7.15 41.27
N GLN D 476 29.42 6.75 42.02
CA GLN D 476 29.32 5.58 42.92
C GLN D 476 28.18 5.72 43.91
N VAL D 477 28.10 6.89 44.56
CA VAL D 477 27.02 7.20 45.50
C VAL D 477 25.63 7.07 44.86
N MET D 478 25.48 7.60 43.65
CA MET D 478 24.21 7.51 42.91
C MET D 478 23.87 6.08 42.46
N GLN D 479 24.87 5.34 42.00
CA GLN D 479 24.66 3.96 41.56
C GLN D 479 24.35 3.05 42.75
N GLN D 480 25.09 3.23 43.85
CA GLN D 480 24.80 2.58 45.14
C GLN D 480 23.38 2.93 45.65
N ALA D 481 23.00 4.19 45.49
CA ALA D 481 21.66 4.66 45.91
C ALA D 481 20.52 4.00 45.12
N ARG D 482 20.72 3.82 43.81
CA ARG D 482 19.76 3.09 42.97
C ARG D 482 19.70 1.60 43.32
N GLU D 483 20.87 1.01 43.56
CA GLU D 483 20.96 -0.44 43.83
C GLU D 483 20.27 -0.84 45.14
N GLN D 484 20.54 -0.11 46.21
CA GLN D 484 20.00 -0.40 47.55
C GLN D 484 18.74 0.40 47.94
N ALA D 485 18.28 1.29 47.06
CA ALA D 485 17.11 2.15 47.33
C ALA D 485 17.20 2.93 48.65
N ARG D 486 18.29 3.67 48.80
CA ARG D 486 18.56 4.46 50.02
C ARG D 486 17.64 5.70 50.06
N PRO D 487 17.34 6.21 51.27
CA PRO D 487 16.54 7.45 51.33
C PRO D 487 17.22 8.62 50.62
N VAL D 488 16.44 9.39 49.87
CA VAL D 488 16.97 10.48 49.04
C VAL D 488 17.64 11.60 49.85
N ALA D 489 17.17 11.82 51.07
CA ALA D 489 17.78 12.78 52.00
C ALA D 489 19.24 12.45 52.35
N GLU D 490 19.54 11.15 52.42
CA GLU D 490 20.89 10.68 52.83
C GLU D 490 21.87 10.65 51.65
N THR D 491 21.39 10.19 50.49
CA THR D 491 22.08 10.32 49.21
C THR D 491 22.48 11.78 48.95
N ALA D 492 21.52 12.69 49.16
CA ALA D 492 21.73 14.14 49.02
C ALA D 492 22.84 14.67 49.92
N ASN D 493 22.82 14.25 51.19
CA ASN D 493 23.85 14.66 52.15
C ASN D 493 25.24 14.10 51.78
N ALA D 494 25.27 12.84 51.36
CA ALA D 494 26.50 12.20 50.89
C ALA D 494 27.16 12.96 49.74
N LEU D 495 26.35 13.41 48.78
CA LEU D 495 26.84 14.23 47.66
C LEU D 495 27.29 15.60 48.14
N HIS D 496 26.49 16.22 49.01
CA HIS D 496 26.83 17.52 49.61
C HIS D 496 28.18 17.47 50.36
N GLU D 497 28.39 16.40 51.11
CA GLU D 497 29.68 16.19 51.82
C GLU D 497 30.87 16.07 50.86
N LEU D 498 30.69 15.32 49.78
CA LEU D 498 31.71 15.18 48.74
C LEU D 498 32.03 16.51 48.05
N ILE D 499 31.00 17.32 47.80
CA ILE D 499 31.19 18.65 47.20
C ILE D 499 32.04 19.55 48.11
N LYS D 500 31.71 19.56 49.39
CA LYS D 500 32.43 20.39 50.38
C LYS D 500 33.88 19.95 50.54
N GLU D 501 34.09 18.65 50.64
CA GLU D 501 35.42 18.04 50.66
C GLU D 501 36.32 18.43 49.48
N HIS D 502 35.72 18.57 48.30
CA HIS D 502 36.43 18.91 47.06
C HIS D 502 36.35 20.40 46.66
N GLU D 503 35.65 21.22 47.45
CA GLU D 503 35.26 22.58 47.03
C GLU D 503 36.43 23.54 46.77
N ALA D 504 37.49 23.42 47.56
CA ALA D 504 38.68 24.28 47.35
C ALA D 504 39.36 24.09 45.98
N GLU D 505 39.15 22.94 45.34
CA GLU D 505 39.73 22.62 44.02
C GLU D 505 38.78 22.93 42.85
N LEU D 506 37.55 23.32 43.15
CA LEU D 506 36.59 23.79 42.15
C LEU D 506 36.69 25.31 42.05
N LEU D 507 36.03 25.89 41.06
CA LEU D 507 35.98 27.35 40.90
C LEU D 507 35.15 27.95 42.03
N PRO D 508 35.54 29.14 42.55
CA PRO D 508 34.90 29.65 43.77
C PRO D 508 33.50 30.27 43.53
N LEU D 509 32.53 29.39 43.25
CA LEU D 509 31.16 29.79 42.89
C LEU D 509 30.11 29.52 43.99
N GLY D 510 30.51 28.84 45.06
CA GLY D 510 29.60 28.49 46.15
C GLY D 510 28.72 27.29 45.86
N TYR D 511 29.32 26.24 45.30
CA TYR D 511 28.59 25.02 44.92
C TYR D 511 27.92 24.32 46.10
N SER D 512 28.58 24.34 47.26
CA SER D 512 28.04 23.70 48.48
C SER D 512 26.90 24.46 49.16
N ARG D 513 26.71 25.74 48.81
CA ARG D 513 25.59 26.52 49.35
C ARG D 513 24.27 26.08 48.69
N ILE D 514 23.64 25.06 49.28
CA ILE D 514 22.50 24.36 48.65
C ILE D 514 21.24 25.24 48.56
N SER D 515 21.07 26.16 49.51
CA SER D 515 19.94 27.09 49.47
C SER D 515 19.97 28.05 48.27
N ASN D 516 21.16 28.30 47.72
CA ASN D 516 21.31 29.07 46.48
C ASN D 516 21.07 28.18 45.27
N ARG D 517 19.91 28.34 44.64
CA ARG D 517 19.47 27.53 43.51
C ARG D 517 19.81 28.14 42.15
N PHE D 518 20.46 29.30 42.15
CA PHE D 518 20.86 30.00 40.93
C PHE D 518 22.34 30.42 41.03
N ILE D 519 23.22 29.47 40.75
CA ILE D 519 24.67 29.66 40.95
C ILE D 519 25.24 30.58 39.87
N LEU D 520 25.62 31.80 40.28
CA LEU D 520 26.16 32.83 39.37
C LEU D 520 27.66 32.68 39.13
N LYS D 521 28.18 33.47 38.18
CA LYS D 521 29.62 33.47 37.84
C LYS D 521 30.42 34.51 38.62
N1 FAD E . 4.77 21.36 -12.22
C2 FAD E . 3.55 21.49 -11.71
O2 FAD E . 2.83 20.53 -11.91
N3 FAD E . 3.11 22.60 -11.09
C4 FAD E . 3.91 23.64 -10.89
O4 FAD E . 3.48 24.63 -10.33
C4X FAD E . 5.30 23.56 -11.43
N5 FAD E . 6.22 24.55 -11.33
C5X FAD E . 7.43 24.39 -11.86
C6 FAD E . 8.34 25.40 -11.75
C7 FAD E . 9.61 25.26 -12.31
C7M FAD E . 10.62 26.36 -12.20
C8 FAD E . 10.00 24.01 -12.99
C8M FAD E . 11.39 23.94 -13.55
C9 FAD E . 9.10 22.97 -13.09
C9A FAD E . 7.83 23.13 -12.57
N10 FAD E . 6.93 22.09 -12.68
C10 FAD E . 5.67 22.30 -12.12
CA CA F . -17.23 21.78 9.78
N1 FAD G . 1.31 -28.68 6.96
C2 FAD G . 0.63 -29.18 8.03
O2 FAD G . 0.72 -28.57 9.11
N3 FAD G . -0.15 -30.28 7.96
C4 FAD G . -0.29 -30.99 6.81
O4 FAD G . -1.02 -32.01 6.75
C4X FAD G . 0.42 -30.50 5.60
N5 FAD G . 0.31 -31.16 4.43
C5X FAD G . 0.96 -30.70 3.33
C6 FAD G . 0.83 -31.42 2.14
C7 FAD G . 1.49 -30.99 1.00
C7M FAD G . 1.32 -31.79 -0.27
C8 FAD G . 2.35 -29.77 1.05
C8M FAD G . 3.08 -29.28 -0.16
C9 FAD G . 2.49 -29.05 2.26
C9A FAD G . 1.83 -29.49 3.40
N10 FAD G . 1.95 -28.79 4.63
C10 FAD G . 1.25 -29.28 5.75
CA CA H . -23.89 -32.75 25.04
N1 FAD I . -22.99 -5.61 -7.13
C2 FAD I . -22.32 -5.28 -8.26
O2 FAD I . -21.54 -4.30 -8.21
N3 FAD I . -22.41 -5.97 -9.42
C4 FAD I . -23.20 -7.05 -9.54
O4 FAD I . -23.26 -7.66 -10.63
C4X FAD I . -23.99 -7.48 -8.35
N5 FAD I . -24.82 -8.56 -8.37
C5X FAD I . -25.51 -8.92 -7.26
C6 FAD I . -26.36 -10.02 -7.30
C7 FAD I . -27.09 -10.39 -6.16
C7M FAD I . -28.00 -11.59 -6.24
C8 FAD I . -26.95 -9.61 -4.89
C8M FAD I . -27.71 -9.97 -3.65
C9 FAD I . -26.10 -8.50 -4.86
C9A FAD I . -25.38 -8.13 -5.99
N10 FAD I . -24.53 -7.01 -5.94
C10 FAD I . -23.81 -6.67 -7.11
CA CA J . -0.53 -6.61 -28.61
N1 FAD K . 21.85 9.13 17.24
C2 FAD K . 23.13 9.15 16.77
O2 FAD K . 23.57 8.12 16.22
N3 FAD K . 23.92 10.24 16.86
C4 FAD K . 23.52 11.39 17.43
O4 FAD K . 24.28 12.38 17.49
C4X FAD K . 22.13 11.45 17.98
N5 FAD K . 21.62 12.56 18.57
C5X FAD K . 20.36 12.58 19.06
C6 FAD K . 19.86 13.73 19.68
C7 FAD K . 18.56 13.75 20.19
C7M FAD K . 18.07 15.03 20.84
C8 FAD K . 17.70 12.53 20.08
C8M FAD K . 16.28 12.52 20.62
C9 FAD K . 18.19 11.37 19.47
C9A FAD K . 19.49 11.35 18.96
N10 FAD K . 19.99 10.18 18.35
C10 FAD K . 21.31 10.21 17.84
CA CA L . 44.84 14.83 -2.83
#